data_4BWH
#
_entry.id   4BWH
#
_cell.length_a   1.000
_cell.length_b   1.000
_cell.length_c   1.000
_cell.angle_alpha   90.00
_cell.angle_beta   90.00
_cell.angle_gamma   90.00
#
_symmetry.space_group_name_H-M   'P 1'
#
_entity_poly.entity_id   1
_entity_poly.type   'polypeptide(L)'
_entity_poly.pdbx_seq_one_letter_code
;SPAAMERQVPYTPCSGLYGTAQCCATDVLGVADLDCANPPATLANATHFESTCAAIGQRARCCKDDVTNTGNSFLIINAA
NCQTPAGL
;
_entity_poly.pdbx_strand_id   A
#
# COMPACT_ATOMS: atom_id res chain seq x y z
N SER A 1 -12.38 25.81 0.10
CA SER A 1 -13.45 25.09 0.82
C SER A 1 -13.84 23.81 0.09
N PRO A 2 -14.29 22.78 0.82
CA PRO A 2 -14.69 21.50 0.23
C PRO A 2 -16.09 21.56 -0.39
N ALA A 3 -16.21 22.30 -1.49
CA ALA A 3 -17.48 22.41 -2.19
C ALA A 3 -17.86 21.07 -2.78
N ALA A 4 -16.92 20.13 -2.69
CA ALA A 4 -17.12 18.77 -3.19
C ALA A 4 -17.43 17.83 -2.04
N MET A 5 -17.99 18.38 -0.96
CA MET A 5 -18.33 17.61 0.21
C MET A 5 -19.35 16.51 -0.13
N GLU A 6 -20.02 16.66 -1.26
CA GLU A 6 -21.02 15.68 -1.69
C GLU A 6 -20.46 14.73 -2.74
N ARG A 7 -19.30 15.08 -3.30
CA ARG A 7 -18.67 14.25 -4.33
C ARG A 7 -17.42 13.57 -3.79
N GLN A 8 -17.33 12.26 -3.99
CA GLN A 8 -16.18 11.48 -3.54
C GLN A 8 -15.54 10.73 -4.70
N VAL A 9 -14.35 11.15 -5.08
CA VAL A 9 -13.62 10.52 -6.18
C VAL A 9 -13.07 9.15 -5.76
N PRO A 10 -13.42 8.08 -6.50
CA PRO A 10 -12.94 6.72 -6.20
C PRO A 10 -11.50 6.51 -6.65
N TYR A 11 -10.68 5.96 -5.75
CA TYR A 11 -9.28 5.71 -6.06
C TYR A 11 -8.84 4.36 -5.51
N THR A 12 -8.52 3.43 -6.41
CA THR A 12 -8.07 2.10 -6.01
C THR A 12 -6.60 1.88 -6.38
N PRO A 13 -5.73 1.62 -5.38
CA PRO A 13 -4.33 1.38 -5.62
C PRO A 13 -4.02 -0.11 -5.69
N CYS A 14 -3.73 -0.57 -6.90
CA CYS A 14 -3.41 -1.98 -7.16
C CYS A 14 -4.63 -2.87 -7.00
N SER A 15 -4.76 -3.84 -7.90
CA SER A 15 -5.88 -4.77 -7.87
C SER A 15 -5.58 -5.99 -8.75
N GLY A 16 -5.99 -7.17 -8.28
CA GLY A 16 -5.75 -8.38 -9.03
C GLY A 16 -4.37 -8.95 -8.77
N LEU A 17 -3.34 -8.18 -9.08
CA LEU A 17 -1.96 -8.61 -8.86
C LEU A 17 -1.65 -8.67 -7.37
N TYR A 18 -1.96 -7.58 -6.66
CA TYR A 18 -1.70 -7.51 -5.23
C TYR A 18 -2.99 -7.21 -4.48
N GLY A 19 -3.77 -6.29 -5.05
CA GLY A 19 -5.06 -5.92 -4.48
C GLY A 19 -5.00 -5.39 -3.07
N THR A 20 -3.81 -5.29 -2.48
CA THR A 20 -3.69 -4.80 -1.11
C THR A 20 -2.63 -3.71 -0.97
N ALA A 21 -3.09 -2.49 -0.67
CA ALA A 21 -2.17 -1.37 -0.49
C ALA A 21 -1.64 -1.35 0.94
N GLN A 22 -0.39 -0.91 1.13
CA GLN A 22 0.21 -0.87 2.46
C GLN A 22 1.60 -0.25 2.43
N CYS A 23 2.18 -0.01 3.60
CA CYS A 23 3.50 0.59 3.72
C CYS A 23 4.55 -0.47 4.01
N CYS A 24 5.56 -0.56 3.14
CA CYS A 24 6.62 -1.55 3.32
C CYS A 24 7.87 -0.90 3.92
N ALA A 25 8.15 -1.22 5.18
CA ALA A 25 9.31 -0.68 5.87
C ALA A 25 10.57 -1.46 5.52
N THR A 26 11.42 -0.86 4.71
CA THR A 26 12.66 -1.51 4.29
C THR A 26 13.63 -1.64 5.46
N ASP A 27 14.60 -2.54 5.31
CA ASP A 27 15.60 -2.76 6.34
C ASP A 27 16.75 -1.76 6.20
N VAL A 28 17.73 -1.85 7.10
CA VAL A 28 18.87 -0.94 7.07
C VAL A 28 19.97 -1.48 6.15
N LEU A 29 20.73 -2.44 6.65
CA LEU A 29 21.82 -3.04 5.87
C LEU A 29 21.46 -4.44 5.42
N GLY A 30 20.75 -5.16 6.28
CA GLY A 30 20.33 -6.51 5.94
C GLY A 30 19.12 -6.51 5.04
N VAL A 31 19.07 -5.54 4.13
CA VAL A 31 17.95 -5.42 3.20
C VAL A 31 17.73 -6.71 2.44
N ALA A 32 16.45 -7.02 2.21
CA ALA A 32 16.03 -8.23 1.51
C ALA A 32 14.52 -8.34 1.53
N ASP A 33 13.95 -8.05 2.70
CA ASP A 33 12.51 -8.09 2.90
C ASP A 33 12.06 -6.81 3.60
N LEU A 34 10.85 -6.35 3.30
CA LEU A 34 10.33 -5.13 3.92
C LEU A 34 9.09 -5.43 4.75
N ASP A 35 9.09 -4.98 6.00
CA ASP A 35 7.96 -5.18 6.88
C ASP A 35 6.77 -4.35 6.41
N CYS A 36 5.87 -4.99 5.67
CA CYS A 36 4.69 -4.31 5.17
C CYS A 36 3.47 -4.64 6.01
N ALA A 37 2.84 -3.61 6.57
CA ALA A 37 1.67 -3.80 7.41
C ALA A 37 0.45 -3.09 6.83
N ASN A 38 -0.67 -3.79 6.78
CA ASN A 38 -1.91 -3.24 6.23
C ASN A 38 -2.41 -2.06 7.07
N PRO A 39 -2.53 -0.87 6.45
CA PRO A 39 -3.02 0.32 7.13
C PRO A 39 -4.55 0.47 7.04
N PRO A 40 -5.26 0.22 8.15
CA PRO A 40 -6.72 0.32 8.18
C PRO A 40 -7.18 1.79 8.14
N ALA A 41 -7.74 2.19 7.01
CA ALA A 41 -8.22 3.56 6.83
C ALA A 41 -8.75 3.76 5.42
N THR A 42 -9.41 4.90 5.19
CA THR A 42 -9.97 5.21 3.88
C THR A 42 -9.00 6.05 3.06
N LEU A 43 -8.17 5.40 2.27
CA LEU A 43 -7.19 6.08 1.43
C LEU A 43 -7.90 7.09 0.52
N ALA A 44 -7.92 8.35 0.95
CA ALA A 44 -8.57 9.42 0.19
C ALA A 44 -8.05 9.48 -1.25
N ASN A 45 -6.74 9.31 -1.40
CA ASN A 45 -6.12 9.35 -2.73
C ASN A 45 -4.69 8.80 -2.66
N ALA A 46 -3.91 9.06 -3.70
CA ALA A 46 -2.53 8.59 -3.75
C ALA A 46 -1.64 9.33 -2.77
N THR A 47 -1.60 10.64 -2.89
CA THR A 47 -0.79 11.49 -2.02
C THR A 47 -1.09 11.21 -0.55
N HIS A 48 -2.25 10.61 -0.28
CA HIS A 48 -2.66 10.32 1.08
C HIS A 48 -1.91 9.12 1.66
N PHE A 49 -1.97 7.98 0.98
CA PHE A 49 -1.28 6.80 1.47
C PHE A 49 0.19 6.85 1.09
N GLU A 50 0.51 7.71 0.11
CA GLU A 50 1.89 7.90 -0.31
C GLU A 50 2.66 8.59 0.81
N SER A 51 1.99 9.52 1.49
CA SER A 51 2.60 10.26 2.58
C SER A 51 2.47 9.50 3.90
N THR A 52 1.37 8.76 4.05
CA THR A 52 1.13 7.99 5.26
C THR A 52 2.29 7.03 5.52
N CYS A 53 2.90 6.56 4.44
CA CYS A 53 4.03 5.65 4.54
C CYS A 53 5.33 6.44 4.73
N ALA A 54 5.51 7.48 3.92
CA ALA A 54 6.69 8.32 3.99
C ALA A 54 6.82 9.00 5.35
N ALA A 55 5.74 8.99 6.13
CA ALA A 55 5.74 9.61 7.45
C ALA A 55 6.95 9.14 8.27
N ILE A 56 7.15 7.83 8.30
CA ILE A 56 8.27 7.25 9.03
C ILE A 56 9.48 7.05 8.11
N GLY A 57 9.26 7.31 6.82
CA GLY A 57 10.33 7.16 5.84
C GLY A 57 10.11 5.99 4.91
N GLN A 58 8.86 5.54 4.81
CA GLN A 58 8.53 4.41 3.95
C GLN A 58 7.87 4.89 2.65
N ARG A 59 7.22 3.97 1.95
CA ARG A 59 6.56 4.31 0.68
C ARG A 59 5.40 3.36 0.42
N ALA A 60 4.46 3.83 -0.39
CA ALA A 60 3.28 3.04 -0.74
C ALA A 60 3.66 1.88 -1.67
N ARG A 61 3.37 0.66 -1.25
CA ARG A 61 3.69 -0.53 -2.04
C ARG A 61 2.47 -1.42 -2.19
N CYS A 62 2.64 -2.54 -2.90
CA CYS A 62 1.56 -3.50 -3.12
C CYS A 62 2.13 -4.91 -3.20
N CYS A 63 1.73 -5.80 -2.29
CA CYS A 63 2.24 -7.17 -2.29
C CYS A 63 1.12 -8.19 -2.35
N LYS A 64 1.52 -9.45 -2.56
CA LYS A 64 0.56 -10.55 -2.66
C LYS A 64 0.51 -11.34 -1.34
N ASP A 65 -0.19 -12.47 -1.34
CA ASP A 65 -0.32 -13.33 -0.16
C ASP A 65 -1.28 -12.72 0.85
N ASP A 66 -1.65 -11.45 0.64
CA ASP A 66 -2.58 -10.77 1.52
C ASP A 66 -3.97 -10.68 0.91
N VAL A 67 -4.28 -11.64 0.04
CA VAL A 67 -5.57 -11.69 -0.63
C VAL A 67 -6.38 -12.91 -0.19
N THR A 68 -5.78 -14.09 -0.33
CA THR A 68 -6.43 -15.34 0.04
C THR A 68 -6.34 -15.58 1.54
N ASN A 69 -6.10 -14.51 2.30
CA ASN A 69 -5.99 -14.60 3.74
C ASN A 69 -6.75 -13.46 4.41
N THR A 70 -7.93 -13.77 4.93
CA THR A 70 -8.77 -12.78 5.61
C THR A 70 -7.98 -12.02 6.67
N GLY A 71 -6.99 -12.70 7.26
CA GLY A 71 -6.17 -12.06 8.29
C GLY A 71 -4.98 -11.35 7.70
N ASN A 72 -5.16 -10.76 6.53
CA ASN A 72 -4.09 -10.05 5.84
C ASN A 72 -3.72 -8.76 6.58
N SER A 73 -2.68 -8.83 7.41
CA SER A 73 -2.23 -7.68 8.17
C SER A 73 -0.72 -7.48 8.00
N PHE A 74 0.04 -8.23 8.77
CA PHE A 74 1.51 -8.16 8.72
C PHE A 74 2.08 -9.39 8.04
N LEU A 75 2.99 -9.18 7.08
CA LEU A 75 3.60 -10.30 6.37
C LEU A 75 5.10 -10.11 6.20
N ILE A 76 5.78 -11.23 5.97
CA ILE A 76 7.22 -11.24 5.74
C ILE A 76 7.46 -11.60 4.29
N ILE A 77 7.77 -10.62 3.46
CA ILE A 77 7.94 -10.89 2.04
C ILE A 77 9.11 -10.15 1.42
N ASN A 78 9.47 -10.59 0.21
CA ASN A 78 10.57 -10.02 -0.55
C ASN A 78 10.21 -8.63 -1.06
N ALA A 79 11.24 -7.81 -1.26
CA ALA A 79 11.02 -6.44 -1.75
C ALA A 79 10.45 -6.46 -3.16
N ALA A 80 10.86 -7.45 -3.95
CA ALA A 80 10.38 -7.57 -5.32
C ALA A 80 8.90 -7.97 -5.34
N ASN A 81 8.47 -8.71 -4.31
CA ASN A 81 7.10 -9.14 -4.22
C ASN A 81 6.17 -7.95 -4.07
N CYS A 82 6.73 -6.82 -3.66
CA CYS A 82 5.96 -5.60 -3.49
C CYS A 82 6.38 -4.57 -4.54
N GLN A 83 5.59 -4.45 -5.60
CA GLN A 83 5.90 -3.51 -6.67
C GLN A 83 5.10 -2.21 -6.55
N THR A 84 5.80 -1.09 -6.69
CA THR A 84 5.17 0.22 -6.59
C THR A 84 4.07 0.38 -7.64
N PRO A 85 2.90 0.92 -7.25
CA PRO A 85 1.78 1.10 -8.18
C PRO A 85 2.12 2.06 -9.32
N ALA A 86 1.62 1.75 -10.52
CA ALA A 86 1.88 2.57 -11.68
C ALA A 86 1.16 3.92 -11.58
N GLY A 87 1.91 5.00 -11.80
CA GLY A 87 1.32 6.33 -11.73
C GLY A 87 1.48 6.97 -10.36
N LEU A 88 1.84 6.15 -9.37
CA LEU A 88 2.03 6.64 -8.00
C LEU A 88 3.04 7.78 -7.97
N SER A 1 -24.26 12.01 -22.43
CA SER A 1 -25.19 12.10 -21.27
C SER A 1 -24.44 11.83 -19.96
N PRO A 2 -23.69 12.83 -19.46
CA PRO A 2 -22.92 12.69 -18.21
C PRO A 2 -23.81 12.76 -16.97
N ALA A 3 -24.60 11.71 -16.75
CA ALA A 3 -25.47 11.66 -15.59
C ALA A 3 -24.62 11.58 -14.33
N ALA A 4 -23.33 11.37 -14.54
CA ALA A 4 -22.37 11.28 -13.45
C ALA A 4 -21.63 12.59 -13.26
N MET A 5 -22.27 13.68 -13.68
CA MET A 5 -21.68 15.01 -13.58
C MET A 5 -21.38 15.37 -12.12
N GLU A 6 -22.23 14.88 -11.22
CA GLU A 6 -22.06 15.15 -9.79
C GLU A 6 -21.45 13.96 -9.07
N ARG A 7 -20.91 13.01 -9.84
CA ARG A 7 -20.31 11.82 -9.27
C ARG A 7 -18.79 11.81 -9.46
N GLN A 8 -18.11 11.00 -8.68
CA GLN A 8 -16.66 10.90 -8.75
C GLN A 8 -16.21 9.43 -8.82
N VAL A 9 -15.09 9.18 -9.49
CA VAL A 9 -14.58 7.82 -9.62
C VAL A 9 -13.64 7.48 -8.46
N PRO A 10 -13.83 6.31 -7.82
CA PRO A 10 -12.98 5.87 -6.71
C PRO A 10 -11.53 5.68 -7.11
N TYR A 11 -10.63 5.80 -6.12
CA TYR A 11 -9.20 5.63 -6.36
C TYR A 11 -8.72 4.29 -5.82
N THR A 12 -8.32 3.40 -6.72
CA THR A 12 -7.83 2.09 -6.33
C THR A 12 -6.35 1.94 -6.65
N PRO A 13 -5.50 1.67 -5.64
CA PRO A 13 -4.08 1.48 -5.83
C PRO A 13 -3.73 0.01 -5.93
N CYS A 14 -3.40 -0.43 -7.14
CA CYS A 14 -3.03 -1.81 -7.40
C CYS A 14 -4.26 -2.72 -7.41
N SER A 15 -4.28 -3.66 -8.35
CA SER A 15 -5.41 -4.59 -8.47
C SER A 15 -5.04 -5.74 -9.40
N GLY A 16 -5.50 -6.94 -9.03
CA GLY A 16 -5.21 -8.11 -9.84
C GLY A 16 -3.92 -8.80 -9.44
N LEU A 17 -2.85 -8.02 -9.32
CA LEU A 17 -1.55 -8.58 -8.94
C LEU A 17 -1.47 -8.77 -7.43
N TYR A 18 -1.77 -7.72 -6.67
CA TYR A 18 -1.72 -7.80 -5.21
C TYR A 18 -2.99 -7.24 -4.60
N GLY A 19 -3.46 -6.13 -5.16
CA GLY A 19 -4.68 -5.51 -4.70
C GLY A 19 -4.65 -5.09 -3.24
N THR A 20 -3.47 -5.01 -2.64
CA THR A 20 -3.35 -4.64 -1.23
C THR A 20 -2.32 -3.53 -1.02
N ALA A 21 -2.80 -2.32 -0.75
CA ALA A 21 -1.91 -1.18 -0.51
C ALA A 21 -1.42 -1.19 0.93
N GLN A 22 -0.14 -0.82 1.14
CA GLN A 22 0.43 -0.81 2.49
C GLN A 22 1.79 -0.14 2.51
N CYS A 23 2.33 0.05 3.71
CA CYS A 23 3.63 0.67 3.88
C CYS A 23 4.71 -0.38 4.14
N CYS A 24 5.75 -0.40 3.33
CA CYS A 24 6.83 -1.37 3.48
C CYS A 24 8.10 -0.72 3.99
N ALA A 25 8.53 -1.15 5.18
CA ALA A 25 9.73 -0.62 5.81
C ALA A 25 10.94 -1.48 5.45
N THR A 26 11.84 -0.94 4.64
CA THR A 26 13.03 -1.68 4.21
C THR A 26 14.00 -1.87 5.36
N ASP A 27 14.90 -2.83 5.20
CA ASP A 27 15.91 -3.12 6.22
C ASP A 27 17.08 -2.15 6.13
N VAL A 28 18.16 -2.43 6.86
CA VAL A 28 19.34 -1.57 6.86
C VAL A 28 20.43 -2.12 5.94
N LEU A 29 21.20 -3.07 6.45
CA LEU A 29 22.27 -3.68 5.68
C LEU A 29 21.87 -5.04 5.14
N GLY A 30 21.22 -5.84 6.00
CA GLY A 30 20.76 -7.15 5.58
C GLY A 30 19.48 -7.06 4.78
N VAL A 31 19.37 -6.01 3.98
CA VAL A 31 18.18 -5.78 3.17
C VAL A 31 17.86 -7.00 2.30
N ALA A 32 16.56 -7.24 2.15
CA ALA A 32 16.07 -8.36 1.36
C ALA A 32 14.54 -8.37 1.40
N ASP A 33 14.00 -8.12 2.58
CA ASP A 33 12.55 -8.08 2.78
C ASP A 33 12.15 -6.79 3.49
N LEU A 34 10.92 -6.33 3.27
CA LEU A 34 10.44 -5.11 3.91
C LEU A 34 9.18 -5.40 4.72
N ASP A 35 9.15 -4.91 5.96
CA ASP A 35 8.00 -5.12 6.83
C ASP A 35 6.80 -4.30 6.32
N CYS A 36 5.90 -4.97 5.61
CA CYS A 36 4.73 -4.30 5.05
C CYS A 36 3.50 -4.49 5.93
N ALA A 37 3.00 -3.38 6.51
CA ALA A 37 1.82 -3.43 7.36
C ALA A 37 0.60 -2.88 6.64
N ASN A 38 -0.48 -3.66 6.65
CA ASN A 38 -1.72 -3.25 5.99
C ASN A 38 -2.46 -2.18 6.79
N PRO A 39 -2.60 -0.96 6.24
CA PRO A 39 -3.30 0.14 6.90
C PRO A 39 -4.82 0.09 6.69
N PRO A 40 -5.60 -0.23 7.74
CA PRO A 40 -7.05 -0.29 7.63
C PRO A 40 -7.69 1.10 7.64
N ALA A 41 -8.19 1.51 6.48
CA ALA A 41 -8.82 2.82 6.33
C ALA A 41 -9.26 3.05 4.89
N THR A 42 -9.95 4.16 4.65
CA THR A 42 -10.41 4.51 3.31
C THR A 42 -9.46 5.49 2.63
N LEU A 43 -8.51 4.96 1.88
CA LEU A 43 -7.53 5.77 1.17
C LEU A 43 -8.24 6.78 0.27
N ALA A 44 -8.37 8.01 0.75
CA ALA A 44 -9.02 9.08 0.00
C ALA A 44 -8.41 9.24 -1.39
N ASN A 45 -7.09 9.19 -1.46
CA ASN A 45 -6.39 9.33 -2.73
C ASN A 45 -4.95 8.83 -2.61
N ALA A 46 -4.12 9.16 -3.60
CA ALA A 46 -2.73 8.73 -3.60
C ALA A 46 -1.92 9.48 -2.54
N THR A 47 -1.94 10.80 -2.61
CA THR A 47 -1.20 11.63 -1.67
C THR A 47 -1.54 11.28 -0.22
N HIS A 48 -2.67 10.61 -0.03
CA HIS A 48 -3.12 10.24 1.31
C HIS A 48 -2.35 9.06 1.86
N PHE A 49 -2.31 7.94 1.13
CA PHE A 49 -1.58 6.78 1.61
C PHE A 49 -0.10 6.92 1.31
N GLU A 50 0.22 7.84 0.40
CA GLU A 50 1.61 8.13 0.06
C GLU A 50 2.28 8.78 1.27
N SER A 51 1.53 9.67 1.93
CA SER A 51 2.02 10.38 3.11
C SER A 51 1.90 9.52 4.37
N THR A 52 0.86 8.70 4.43
CA THR A 52 0.65 7.83 5.59
C THR A 52 1.86 6.90 5.79
N CYS A 53 2.52 6.56 4.69
CA CYS A 53 3.69 5.70 4.74
C CYS A 53 4.96 6.52 4.95
N ALA A 54 5.10 7.58 4.16
CA ALA A 54 6.26 8.46 4.26
C ALA A 54 6.37 9.09 5.64
N ALA A 55 5.30 9.00 6.42
CA ALA A 55 5.28 9.56 7.78
C ALA A 55 6.49 9.09 8.58
N ILE A 56 6.72 7.78 8.57
CA ILE A 56 7.85 7.20 9.28
C ILE A 56 9.09 7.17 8.38
N GLY A 57 8.89 7.48 7.10
CA GLY A 57 9.99 7.49 6.16
C GLY A 57 9.93 6.35 5.16
N GLN A 58 8.72 5.85 4.90
CA GLN A 58 8.55 4.75 3.96
C GLN A 58 7.80 5.21 2.71
N ARG A 59 7.23 4.25 1.98
CA ARG A 59 6.50 4.56 0.76
C ARG A 59 5.35 3.58 0.53
N ALA A 60 4.38 4.03 -0.24
CA ALA A 60 3.21 3.20 -0.57
C ALA A 60 3.60 2.06 -1.50
N ARG A 61 3.30 0.83 -1.10
CA ARG A 61 3.62 -0.34 -1.90
C ARG A 61 2.40 -1.26 -2.03
N CYS A 62 2.60 -2.40 -2.68
CA CYS A 62 1.54 -3.38 -2.87
C CYS A 62 2.14 -4.78 -2.96
N CYS A 63 1.84 -5.65 -1.98
CA CYS A 63 2.39 -7.00 -1.96
C CYS A 63 1.29 -8.05 -1.88
N LYS A 64 1.65 -9.31 -2.17
CA LYS A 64 0.67 -10.40 -2.12
C LYS A 64 0.68 -11.10 -0.76
N ASP A 65 -0.19 -12.10 -0.61
CA ASP A 65 -0.31 -12.88 0.64
C ASP A 65 -1.09 -12.10 1.70
N ASP A 66 -1.67 -10.98 1.29
CA ASP A 66 -2.47 -10.16 2.20
C ASP A 66 -3.90 -10.07 1.70
N VAL A 67 -4.30 -11.05 0.91
CA VAL A 67 -5.66 -11.09 0.35
C VAL A 67 -6.37 -12.40 0.69
N THR A 68 -5.63 -13.51 0.62
CA THR A 68 -6.19 -14.83 0.90
C THR A 68 -6.87 -14.88 2.28
N ASN A 69 -6.62 -13.87 3.10
CA ASN A 69 -7.20 -13.80 4.43
C ASN A 69 -7.07 -12.41 5.03
N THR A 70 -8.22 -11.79 5.30
CA THR A 70 -8.25 -10.44 5.86
C THR A 70 -7.54 -10.40 7.21
N GLY A 71 -7.43 -11.56 7.86
CA GLY A 71 -6.78 -11.62 9.15
C GLY A 71 -5.27 -11.45 9.05
N ASN A 72 -4.76 -11.52 7.82
CA ASN A 72 -3.33 -11.37 7.58
C ASN A 72 -2.98 -9.90 7.32
N SER A 73 -2.55 -9.20 8.36
CA SER A 73 -2.19 -7.79 8.24
C SER A 73 -0.67 -7.63 8.05
N PHE A 74 0.09 -7.96 9.08
CA PHE A 74 1.56 -7.85 9.02
C PHE A 74 2.16 -9.09 8.38
N LEU A 75 3.00 -8.89 7.36
CA LEU A 75 3.64 -10.01 6.67
C LEU A 75 5.10 -9.71 6.39
N ILE A 76 5.88 -10.77 6.19
CA ILE A 76 7.29 -10.66 5.87
C ILE A 76 7.53 -11.22 4.48
N ILE A 77 7.63 -10.33 3.49
CA ILE A 77 7.79 -10.76 2.12
C ILE A 77 9.00 -10.13 1.44
N ASN A 78 9.39 -10.71 0.30
CA ASN A 78 10.53 -10.23 -0.47
C ASN A 78 10.19 -8.91 -1.15
N ALA A 79 11.23 -8.10 -1.42
CA ALA A 79 11.05 -6.81 -2.08
C ALA A 79 10.52 -6.99 -3.49
N ALA A 80 10.60 -8.22 -4.00
CA ALA A 80 10.11 -8.52 -5.34
C ALA A 80 8.60 -8.70 -5.36
N ASN A 81 8.01 -8.82 -4.17
CA ASN A 81 6.56 -8.99 -4.06
C ASN A 81 5.85 -7.65 -4.05
N CYS A 82 6.52 -6.63 -3.55
CA CYS A 82 5.91 -5.31 -3.47
C CYS A 82 6.36 -4.42 -4.61
N GLN A 83 5.54 -4.30 -5.64
CA GLN A 83 5.87 -3.46 -6.79
C GLN A 83 5.14 -2.11 -6.69
N THR A 84 5.92 -1.03 -6.73
CA THR A 84 5.37 0.32 -6.63
C THR A 84 4.19 0.50 -7.59
N PRO A 85 3.08 1.08 -7.12
CA PRO A 85 1.89 1.29 -7.97
C PRO A 85 2.15 2.28 -9.09
N ALA A 86 1.69 1.95 -10.29
CA ALA A 86 1.88 2.80 -11.46
C ALA A 86 1.12 4.12 -11.31
N GLY A 87 1.83 5.22 -11.49
CA GLY A 87 1.20 6.53 -11.38
C GLY A 87 1.44 7.18 -10.02
N LEU A 88 1.91 6.39 -9.06
CA LEU A 88 2.17 6.90 -7.72
C LEU A 88 3.19 8.03 -7.76
N SER A 1 -10.23 21.87 7.91
CA SER A 1 -11.36 22.11 6.97
C SER A 1 -11.76 20.82 6.26
N PRO A 2 -12.48 19.92 6.96
CA PRO A 2 -12.92 18.65 6.38
C PRO A 2 -14.18 18.80 5.53
N ALA A 3 -14.09 19.62 4.49
CA ALA A 3 -15.21 19.83 3.60
C ALA A 3 -15.52 18.54 2.86
N ALA A 4 -14.63 17.57 3.01
CA ALA A 4 -14.76 16.27 2.39
C ALA A 4 -15.22 15.23 3.41
N MET A 5 -15.93 15.70 4.44
CA MET A 5 -16.43 14.82 5.49
C MET A 5 -17.21 13.65 4.90
N GLU A 6 -18.26 13.95 4.17
CA GLU A 6 -19.09 12.91 3.55
C GLU A 6 -18.77 12.77 2.07
N ARG A 7 -17.68 13.40 1.64
CA ARG A 7 -17.26 13.34 0.24
C ARG A 7 -15.99 12.51 0.09
N GLN A 8 -16.09 11.42 -0.67
CA GLN A 8 -14.95 10.54 -0.90
C GLN A 8 -14.75 10.28 -2.40
N VAL A 9 -13.56 10.58 -2.89
CA VAL A 9 -13.24 10.38 -4.30
C VAL A 9 -12.77 8.94 -4.56
N PRO A 10 -13.33 8.27 -5.59
CA PRO A 10 -12.95 6.90 -5.93
C PRO A 10 -11.49 6.80 -6.35
N TYR A 11 -10.72 6.00 -5.61
CA TYR A 11 -9.30 5.83 -5.91
C TYR A 11 -8.80 4.46 -5.44
N THR A 12 -8.38 3.63 -6.38
CA THR A 12 -7.86 2.31 -6.05
C THR A 12 -6.38 2.21 -6.37
N PRO A 13 -5.54 1.91 -5.36
CA PRO A 13 -4.11 1.78 -5.55
C PRO A 13 -3.70 0.33 -5.77
N CYS A 14 -3.35 0.01 -7.00
CA CYS A 14 -2.92 -1.33 -7.39
C CYS A 14 -4.08 -2.31 -7.32
N SER A 15 -3.98 -3.38 -8.10
CA SER A 15 -5.03 -4.39 -8.15
C SER A 15 -4.60 -5.61 -8.94
N GLY A 16 -5.34 -6.70 -8.77
CA GLY A 16 -5.03 -7.93 -9.49
C GLY A 16 -3.77 -8.61 -8.97
N LEU A 17 -2.62 -8.06 -9.33
CA LEU A 17 -1.34 -8.60 -8.92
C LEU A 17 -1.23 -8.68 -7.39
N TYR A 18 -1.62 -7.60 -6.72
CA TYR A 18 -1.54 -7.56 -5.25
C TYR A 18 -2.86 -7.11 -4.65
N GLY A 19 -3.47 -6.10 -5.27
CA GLY A 19 -4.74 -5.59 -4.83
C GLY A 19 -4.76 -5.07 -3.39
N THR A 20 -3.60 -5.07 -2.72
CA THR A 20 -3.56 -4.59 -1.34
C THR A 20 -2.44 -3.58 -1.10
N ALA A 21 -2.79 -2.30 -1.11
CA ALA A 21 -1.83 -1.24 -0.86
C ALA A 21 -1.43 -1.23 0.62
N GLN A 22 -0.19 -0.81 0.92
CA GLN A 22 0.27 -0.78 2.30
C GLN A 22 1.67 -0.16 2.39
N CYS A 23 2.19 -0.03 3.61
CA CYS A 23 3.51 0.56 3.81
C CYS A 23 4.55 -0.51 4.06
N CYS A 24 5.58 -0.56 3.20
CA CYS A 24 6.65 -1.55 3.34
C CYS A 24 7.93 -0.88 3.86
N ALA A 25 8.28 -1.19 5.10
CA ALA A 25 9.47 -0.62 5.72
C ALA A 25 10.69 -1.48 5.43
N THR A 26 11.62 -0.93 4.66
CA THR A 26 12.84 -1.65 4.30
C THR A 26 13.78 -1.76 5.48
N ASP A 27 14.73 -2.68 5.38
CA ASP A 27 15.72 -2.90 6.43
C ASP A 27 16.90 -1.94 6.27
N VAL A 28 17.92 -2.09 7.11
CA VAL A 28 19.09 -1.23 7.04
C VAL A 28 20.27 -1.93 6.37
N LEU A 29 20.99 -2.74 7.13
CA LEU A 29 22.13 -3.48 6.60
C LEU A 29 21.71 -4.87 6.13
N GLY A 30 20.93 -5.55 6.96
CA GLY A 30 20.47 -6.88 6.59
C GLY A 30 19.29 -6.81 5.64
N VAL A 31 19.31 -5.82 4.76
CA VAL A 31 18.26 -5.62 3.78
C VAL A 31 17.98 -6.89 2.99
N ALA A 32 16.72 -7.10 2.67
CA ALA A 32 16.27 -8.27 1.92
C ALA A 32 14.75 -8.26 1.78
N ASP A 33 14.08 -8.01 2.91
CA ASP A 33 12.62 -7.95 2.93
C ASP A 33 12.16 -6.67 3.63
N LEU A 34 10.91 -6.27 3.37
CA LEU A 34 10.37 -5.06 3.98
C LEU A 34 9.10 -5.39 4.76
N ASP A 35 9.00 -4.89 5.98
CA ASP A 35 7.83 -5.12 6.81
C ASP A 35 6.63 -4.37 6.25
N CYS A 36 5.79 -5.09 5.52
CA CYS A 36 4.60 -4.50 4.92
C CYS A 36 3.38 -4.69 5.79
N ALA A 37 2.90 -3.59 6.37
CA ALA A 37 1.73 -3.63 7.24
C ALA A 37 0.54 -2.95 6.55
N ASN A 38 -0.60 -3.62 6.55
CA ASN A 38 -1.79 -3.07 5.92
C ASN A 38 -2.45 -2.02 6.82
N PRO A 39 -2.52 -0.77 6.35
CA PRO A 39 -3.14 0.32 7.10
C PRO A 39 -4.66 0.36 6.93
N PRO A 40 -5.44 -0.01 7.97
CA PRO A 40 -6.90 0.00 7.89
C PRO A 40 -7.47 1.41 7.92
N ALA A 41 -7.99 1.86 6.78
CA ALA A 41 -8.55 3.19 6.67
C ALA A 41 -9.02 3.46 5.24
N THR A 42 -9.75 4.55 5.05
CA THR A 42 -10.24 4.92 3.73
C THR A 42 -9.28 5.86 3.01
N LEU A 43 -8.34 5.27 2.26
CA LEU A 43 -7.35 6.04 1.53
C LEU A 43 -8.04 7.07 0.62
N ALA A 44 -8.07 8.32 1.08
CA ALA A 44 -8.71 9.40 0.33
C ALA A 44 -8.15 9.49 -1.08
N ASN A 45 -6.83 9.40 -1.21
CA ASN A 45 -6.17 9.47 -2.51
C ASN A 45 -4.76 8.93 -2.43
N ALA A 46 -3.96 9.20 -3.46
CA ALA A 46 -2.59 8.71 -3.50
C ALA A 46 -1.70 9.45 -2.51
N THR A 47 -1.64 10.76 -2.64
CA THR A 47 -0.81 11.58 -1.75
C THR A 47 -1.13 11.29 -0.27
N HIS A 48 -2.29 10.68 -0.03
CA HIS A 48 -2.70 10.37 1.33
C HIS A 48 -1.94 9.17 1.89
N PHE A 49 -2.02 8.03 1.22
CA PHE A 49 -1.33 6.85 1.71
C PHE A 49 0.14 6.90 1.32
N GLU A 50 0.46 7.76 0.35
CA GLU A 50 1.83 7.96 -0.06
C GLU A 50 2.60 8.64 1.07
N SER A 51 1.94 9.55 1.76
CA SER A 51 2.54 10.27 2.87
C SER A 51 2.44 9.47 4.17
N THR A 52 1.33 8.72 4.32
CA THR A 52 1.12 7.92 5.53
C THR A 52 2.28 6.95 5.75
N CYS A 53 2.89 6.51 4.65
CA CYS A 53 4.02 5.60 4.73
C CYS A 53 5.33 6.37 4.88
N ALA A 54 5.51 7.38 4.02
CA ALA A 54 6.70 8.21 4.04
C ALA A 54 6.85 8.95 5.37
N ALA A 55 5.79 8.97 6.17
CA ALA A 55 5.81 9.65 7.46
C ALA A 55 7.03 9.20 8.28
N ILE A 56 7.23 7.89 8.36
CA ILE A 56 8.36 7.34 9.09
C ILE A 56 9.56 7.13 8.16
N GLY A 57 9.34 7.36 6.87
CA GLY A 57 10.39 7.21 5.89
C GLY A 57 10.17 6.02 4.97
N GLN A 58 8.92 5.58 4.86
CA GLN A 58 8.59 4.44 4.01
C GLN A 58 7.93 4.90 2.71
N ARG A 59 7.23 3.99 2.04
CA ARG A 59 6.55 4.30 0.79
C ARG A 59 5.39 3.34 0.53
N ALA A 60 4.43 3.81 -0.26
CA ALA A 60 3.26 3.02 -0.60
C ALA A 60 3.63 1.89 -1.56
N ARG A 61 3.32 0.65 -1.17
CA ARG A 61 3.62 -0.51 -1.99
C ARG A 61 2.41 -1.44 -2.11
N CYS A 62 2.60 -2.55 -2.81
CA CYS A 62 1.54 -3.54 -3.00
C CYS A 62 2.16 -4.93 -3.16
N CYS A 63 1.84 -5.86 -2.25
CA CYS A 63 2.40 -7.21 -2.32
C CYS A 63 1.30 -8.25 -2.19
N LYS A 64 1.61 -9.49 -2.56
CA LYS A 64 0.61 -10.56 -2.47
C LYS A 64 0.57 -11.12 -1.05
N ASP A 65 -0.63 -11.46 -0.59
CA ASP A 65 -0.81 -12.00 0.76
C ASP A 65 -2.29 -12.25 1.05
N ASP A 66 -3.15 -11.35 0.59
CA ASP A 66 -4.59 -11.47 0.79
C ASP A 66 -5.23 -12.24 -0.36
N VAL A 67 -4.45 -13.11 -1.00
CA VAL A 67 -4.94 -13.90 -2.11
C VAL A 67 -5.25 -15.34 -1.69
N THR A 68 -5.02 -15.64 -0.42
CA THR A 68 -5.28 -16.99 0.09
C THR A 68 -6.00 -16.94 1.44
N ASN A 69 -6.25 -15.73 1.93
CA ASN A 69 -6.93 -15.54 3.20
C ASN A 69 -7.31 -14.08 3.40
N THR A 70 -8.60 -13.82 3.53
CA THR A 70 -9.10 -12.47 3.73
C THR A 70 -8.84 -11.95 5.14
N GLY A 71 -7.92 -12.61 5.85
CA GLY A 71 -7.58 -12.21 7.20
C GLY A 71 -6.13 -11.81 7.34
N ASN A 72 -5.44 -11.68 6.20
CA ASN A 72 -4.03 -11.30 6.20
C ASN A 72 -3.88 -9.79 6.14
N SER A 73 -2.96 -9.25 6.93
CA SER A 73 -2.71 -7.81 6.96
C SER A 73 -1.22 -7.50 6.86
N PHE A 74 -0.49 -7.72 7.95
CA PHE A 74 0.94 -7.46 7.99
C PHE A 74 1.72 -8.75 7.71
N LEU A 75 2.63 -8.70 6.73
CA LEU A 75 3.43 -9.86 6.38
C LEU A 75 4.88 -9.49 6.12
N ILE A 76 5.73 -10.50 6.11
CA ILE A 76 7.16 -10.31 5.85
C ILE A 76 7.51 -10.96 4.52
N ILE A 77 7.59 -10.15 3.49
CA ILE A 77 7.87 -10.65 2.15
C ILE A 77 9.03 -9.94 1.47
N ASN A 78 9.47 -10.53 0.36
CA ASN A 78 10.58 -9.99 -0.42
C ASN A 78 10.23 -8.65 -1.05
N ALA A 79 11.25 -7.85 -1.36
CA ALA A 79 11.05 -6.54 -1.97
C ALA A 79 10.50 -6.70 -3.38
N ALA A 80 10.93 -7.74 -4.06
CA ALA A 80 10.48 -8.02 -5.43
C ALA A 80 9.01 -8.43 -5.43
N ASN A 81 8.53 -8.89 -4.28
CA ASN A 81 7.14 -9.31 -4.16
C ASN A 81 6.22 -8.11 -4.04
N CYS A 82 6.82 -6.92 -4.03
CA CYS A 82 6.06 -5.68 -3.93
C CYS A 82 6.43 -4.72 -5.05
N GLN A 83 5.49 -4.46 -5.95
CA GLN A 83 5.74 -3.56 -7.08
C GLN A 83 4.94 -2.26 -6.92
N THR A 84 5.64 -1.15 -7.15
CA THR A 84 5.02 0.18 -7.03
C THR A 84 3.71 0.24 -7.83
N PRO A 85 2.63 0.76 -7.21
CA PRO A 85 1.32 0.87 -7.87
C PRO A 85 1.36 1.83 -9.05
N ALA A 86 0.46 1.61 -10.02
CA ALA A 86 0.38 2.44 -11.20
C ALA A 86 -0.33 3.76 -10.91
N GLY A 87 0.30 4.86 -11.29
CA GLY A 87 -0.30 6.17 -11.06
C GLY A 87 -0.03 6.71 -9.66
N LEU A 88 0.95 6.13 -8.97
CA LEU A 88 1.30 6.57 -7.63
C LEU A 88 1.99 7.93 -7.66
N SER A 1 -12.03 24.92 -10.02
CA SER A 1 -13.23 24.22 -10.55
C SER A 1 -13.52 22.96 -9.72
N PRO A 2 -14.10 23.12 -8.52
CA PRO A 2 -14.43 22.00 -7.64
C PRO A 2 -15.73 21.30 -8.04
N ALA A 3 -15.72 20.66 -9.22
CA ALA A 3 -16.89 19.95 -9.68
C ALA A 3 -17.17 18.76 -8.78
N ALA A 4 -16.22 18.50 -7.89
CA ALA A 4 -16.32 17.41 -6.93
C ALA A 4 -16.82 17.93 -5.59
N MET A 5 -17.51 19.07 -5.64
CA MET A 5 -18.06 19.69 -4.44
C MET A 5 -18.88 18.70 -3.62
N GLU A 6 -19.88 18.09 -4.25
CA GLU A 6 -20.74 17.13 -3.59
C GLU A 6 -20.48 15.71 -4.10
N ARG A 7 -19.54 15.59 -5.04
CA ARG A 7 -19.21 14.30 -5.61
C ARG A 7 -17.82 13.85 -5.17
N GLN A 8 -17.64 12.54 -5.02
CA GLN A 8 -16.35 11.98 -4.59
C GLN A 8 -15.73 11.13 -5.69
N VAL A 9 -14.42 11.27 -5.88
CA VAL A 9 -13.71 10.52 -6.90
C VAL A 9 -12.98 9.32 -6.28
N PRO A 10 -13.45 8.09 -6.58
CA PRO A 10 -12.83 6.86 -6.03
C PRO A 10 -11.37 6.70 -6.50
N TYR A 11 -10.55 6.13 -5.62
CA TYR A 11 -9.14 5.90 -5.93
C TYR A 11 -8.69 4.52 -5.47
N THR A 12 -8.31 3.67 -6.42
CA THR A 12 -7.85 2.33 -6.10
C THR A 12 -6.35 2.19 -6.38
N PRO A 13 -5.54 1.85 -5.36
CA PRO A 13 -4.13 1.67 -5.52
C PRO A 13 -3.75 0.20 -5.73
N CYS A 14 -3.39 -0.13 -6.96
CA CYS A 14 -2.99 -1.48 -7.32
C CYS A 14 -4.15 -2.45 -7.21
N SER A 15 -4.07 -3.52 -7.98
CA SER A 15 -5.11 -4.55 -7.99
C SER A 15 -4.68 -5.78 -8.80
N GLY A 16 -5.35 -6.90 -8.55
CA GLY A 16 -5.05 -8.12 -9.26
C GLY A 16 -3.73 -8.74 -8.84
N LEU A 17 -2.62 -8.16 -9.31
CA LEU A 17 -1.29 -8.65 -8.97
C LEU A 17 -1.09 -8.77 -7.46
N TYR A 18 -1.48 -7.73 -6.75
CA TYR A 18 -1.34 -7.71 -5.29
C TYR A 18 -2.66 -7.31 -4.63
N GLY A 19 -3.30 -6.32 -5.21
CA GLY A 19 -4.59 -5.85 -4.73
C GLY A 19 -4.59 -5.34 -3.30
N THR A 20 -3.43 -5.28 -2.65
CA THR A 20 -3.39 -4.80 -1.26
C THR A 20 -2.32 -3.73 -1.05
N ALA A 21 -2.75 -2.46 -1.05
CA ALA A 21 -1.84 -1.35 -0.81
C ALA A 21 -1.42 -1.30 0.66
N GLN A 22 -0.20 -0.87 0.93
CA GLN A 22 0.29 -0.80 2.32
C GLN A 22 1.69 -0.17 2.38
N CYS A 23 2.20 0.04 3.59
CA CYS A 23 3.51 0.65 3.76
C CYS A 23 4.56 -0.42 4.08
N CYS A 24 5.57 -0.52 3.22
CA CYS A 24 6.63 -1.52 3.40
C CYS A 24 7.87 -0.90 4.04
N ALA A 25 8.17 -1.30 5.27
CA ALA A 25 9.33 -0.80 5.98
C ALA A 25 10.59 -1.56 5.59
N THR A 26 11.40 -0.96 4.73
CA THR A 26 12.63 -1.59 4.26
C THR A 26 13.62 -1.78 5.41
N ASP A 27 14.59 -2.66 5.18
CA ASP A 27 15.61 -2.94 6.19
C ASP A 27 16.77 -1.94 6.09
N VAL A 28 17.74 -2.07 7.00
CA VAL A 28 18.88 -1.17 7.01
C VAL A 28 20.03 -1.72 6.16
N LEU A 29 20.79 -2.65 6.73
CA LEU A 29 21.90 -3.26 6.02
C LEU A 29 21.51 -4.62 5.47
N GLY A 30 20.64 -5.31 6.20
CA GLY A 30 20.17 -6.61 5.75
C GLY A 30 19.08 -6.48 4.71
N VAL A 31 19.21 -5.46 3.87
CA VAL A 31 18.24 -5.20 2.82
C VAL A 31 17.93 -6.46 2.02
N ALA A 32 16.64 -6.79 1.98
CA ALA A 32 16.17 -7.97 1.28
C ALA A 32 14.65 -8.07 1.35
N ASP A 33 14.12 -7.85 2.55
CA ASP A 33 12.68 -7.90 2.78
C ASP A 33 12.20 -6.62 3.47
N LEU A 34 10.91 -6.31 3.31
CA LEU A 34 10.34 -5.11 3.94
C LEU A 34 9.10 -5.46 4.74
N ASP A 35 9.09 -5.12 6.02
CA ASP A 35 7.95 -5.40 6.88
C ASP A 35 6.78 -4.51 6.46
N CYS A 36 5.86 -5.07 5.68
CA CYS A 36 4.72 -4.31 5.20
C CYS A 36 3.47 -4.58 6.05
N ALA A 37 2.82 -3.51 6.49
CA ALA A 37 1.62 -3.61 7.29
C ALA A 37 0.45 -2.93 6.60
N ASN A 38 -0.72 -3.57 6.64
CA ASN A 38 -1.91 -3.02 6.00
C ASN A 38 -2.55 -1.95 6.87
N PRO A 39 -2.61 -0.68 6.40
CA PRO A 39 -3.20 0.42 7.15
C PRO A 39 -4.72 0.50 6.96
N PRO A 40 -5.49 0.16 8.02
CA PRO A 40 -6.96 0.22 7.97
C PRO A 40 -7.47 1.65 8.00
N ALA A 41 -8.00 2.11 6.85
CA ALA A 41 -8.51 3.46 6.73
C ALA A 41 -9.02 3.73 5.32
N THR A 42 -9.57 4.92 5.11
CA THR A 42 -10.09 5.31 3.81
C THR A 42 -9.09 6.17 3.04
N LEU A 43 -8.26 5.51 2.23
CA LEU A 43 -7.25 6.22 1.44
C LEU A 43 -7.93 7.20 0.47
N ALA A 44 -7.96 8.47 0.86
CA ALA A 44 -8.60 9.51 0.05
C ALA A 44 -8.00 9.56 -1.36
N ASN A 45 -6.67 9.44 -1.44
CA ASN A 45 -5.97 9.47 -2.72
C ASN A 45 -4.57 8.90 -2.58
N ALA A 46 -3.72 9.13 -3.58
CA ALA A 46 -2.36 8.63 -3.56
C ALA A 46 -1.50 9.38 -2.54
N THR A 47 -1.43 10.70 -2.69
CA THR A 47 -0.64 11.53 -1.79
C THR A 47 -1.03 11.28 -0.33
N HIS A 48 -2.20 10.70 -0.12
CA HIS A 48 -2.69 10.44 1.22
C HIS A 48 -1.96 9.26 1.87
N PHE A 49 -1.99 8.10 1.22
CA PHE A 49 -1.32 6.93 1.79
C PHE A 49 0.16 6.99 1.46
N GLU A 50 0.51 7.81 0.47
CA GLU A 50 1.91 8.00 0.11
C GLU A 50 2.63 8.71 1.24
N SER A 51 1.91 9.63 1.90
CA SER A 51 2.47 10.38 3.02
C SER A 51 2.39 9.57 4.31
N THR A 52 1.33 8.78 4.45
CA THR A 52 1.14 7.96 5.65
C THR A 52 2.29 6.97 5.80
N CYS A 53 2.84 6.55 4.67
CA CYS A 53 3.96 5.61 4.68
C CYS A 53 5.27 6.37 4.86
N ALA A 54 5.43 7.44 4.09
CA ALA A 54 6.63 8.27 4.16
C ALA A 54 6.78 8.92 5.53
N ALA A 55 5.70 8.92 6.31
CA ALA A 55 5.72 9.52 7.65
C ALA A 55 6.91 9.00 8.45
N ILE A 56 7.08 7.68 8.46
CA ILE A 56 8.18 7.05 9.17
C ILE A 56 9.39 6.92 8.26
N GLY A 57 9.20 7.20 6.97
CA GLY A 57 10.29 7.12 6.02
C GLY A 57 10.14 5.95 5.04
N GLN A 58 8.89 5.56 4.79
CA GLN A 58 8.62 4.45 3.88
C GLN A 58 7.86 4.94 2.65
N ARG A 59 7.21 4.02 1.95
CA ARG A 59 6.46 4.37 0.74
C ARG A 59 5.32 3.40 0.50
N ALA A 60 4.36 3.83 -0.31
CA ALA A 60 3.19 3.02 -0.65
C ALA A 60 3.59 1.88 -1.60
N ARG A 61 3.27 0.65 -1.20
CA ARG A 61 3.60 -0.53 -2.00
C ARG A 61 2.40 -1.46 -2.10
N CYS A 62 2.56 -2.57 -2.82
CA CYS A 62 1.51 -3.57 -2.98
C CYS A 62 2.13 -4.96 -3.15
N CYS A 63 1.92 -5.84 -2.16
CA CYS A 63 2.48 -7.19 -2.23
C CYS A 63 1.37 -8.24 -2.20
N LYS A 64 1.75 -9.49 -2.47
CA LYS A 64 0.79 -10.59 -2.48
C LYS A 64 0.82 -11.37 -1.16
N ASP A 65 0.07 -12.48 -1.12
CA ASP A 65 -0.01 -13.35 0.06
C ASP A 65 -0.93 -12.75 1.12
N ASP A 66 -1.51 -11.60 0.81
CA ASP A 66 -2.41 -10.92 1.73
C ASP A 66 -3.82 -10.91 1.17
N VAL A 67 -4.10 -11.84 0.26
CA VAL A 67 -5.42 -11.96 -0.36
C VAL A 67 -6.11 -13.26 0.02
N THR A 68 -5.33 -14.29 0.32
CA THR A 68 -5.88 -15.59 0.69
C THR A 68 -6.33 -15.60 2.15
N ASN A 69 -6.35 -14.44 2.77
CA ASN A 69 -6.77 -14.31 4.17
C ASN A 69 -7.37 -12.94 4.44
N THR A 70 -8.68 -12.90 4.63
CA THR A 70 -9.39 -11.64 4.89
C THR A 70 -8.81 -10.93 6.11
N GLY A 71 -8.17 -11.69 6.99
CA GLY A 71 -7.58 -11.12 8.19
C GLY A 71 -6.12 -10.76 7.98
N ASN A 72 -5.76 -10.46 6.74
CA ASN A 72 -4.38 -10.10 6.41
C ASN A 72 -4.03 -8.73 6.99
N SER A 73 -2.82 -8.60 7.50
CA SER A 73 -2.36 -7.33 8.09
C SER A 73 -0.86 -7.14 7.88
N PHE A 74 -0.07 -7.83 8.71
CA PHE A 74 1.39 -7.73 8.61
C PHE A 74 2.00 -9.01 8.03
N LEU A 75 2.85 -8.87 7.01
CA LEU A 75 3.50 -10.02 6.40
C LEU A 75 4.98 -9.77 6.17
N ILE A 76 5.74 -10.85 6.12
CA ILE A 76 7.18 -10.78 5.89
C ILE A 76 7.49 -11.33 4.51
N ILE A 77 7.67 -10.45 3.54
CA ILE A 77 7.92 -10.86 2.18
C ILE A 77 9.09 -10.14 1.54
N ASN A 78 9.49 -10.64 0.37
CA ASN A 78 10.60 -10.07 -0.38
C ASN A 78 10.25 -8.69 -0.92
N ALA A 79 11.26 -7.96 -1.40
CA ALA A 79 11.04 -6.64 -1.97
C ALA A 79 10.37 -6.76 -3.33
N ALA A 80 10.80 -7.74 -4.11
CA ALA A 80 10.23 -7.97 -5.43
C ALA A 80 8.77 -8.37 -5.32
N ASN A 81 8.40 -8.85 -4.14
CA ASN A 81 7.03 -9.28 -3.89
C ASN A 81 6.11 -8.07 -3.79
N CYS A 82 6.69 -6.90 -3.58
CA CYS A 82 5.93 -5.67 -3.47
C CYS A 82 6.43 -4.64 -4.49
N GLN A 83 5.62 -4.40 -5.52
CA GLN A 83 5.98 -3.45 -6.57
C GLN A 83 5.13 -2.19 -6.50
N THR A 84 5.78 -1.03 -6.68
CA THR A 84 5.09 0.26 -6.64
C THR A 84 3.82 0.24 -7.51
N PRO A 85 2.70 0.78 -6.99
CA PRO A 85 1.43 0.81 -7.73
C PRO A 85 1.53 1.61 -9.02
N ALA A 86 0.84 1.14 -10.06
CA ALA A 86 0.85 1.80 -11.35
C ALA A 86 0.18 3.17 -11.27
N GLY A 87 0.84 4.19 -11.83
CA GLY A 87 0.30 5.54 -11.81
C GLY A 87 0.80 6.35 -10.63
N LEU A 88 1.31 5.66 -9.61
CA LEU A 88 1.83 6.33 -8.41
C LEU A 88 3.33 6.58 -8.55
N SER A 1 -15.22 26.60 -6.41
CA SER A 1 -16.18 25.68 -7.07
C SER A 1 -16.11 24.28 -6.47
N PRO A 2 -16.75 24.07 -5.30
CA PRO A 2 -16.76 22.77 -4.63
C PRO A 2 -17.76 21.81 -5.23
N ALA A 3 -17.58 21.50 -6.52
CA ALA A 3 -18.46 20.56 -7.20
C ALA A 3 -18.29 19.18 -6.61
N ALA A 4 -17.23 19.04 -5.81
CA ALA A 4 -16.93 17.79 -5.13
C ALA A 4 -17.49 17.80 -3.72
N MET A 5 -18.52 18.61 -3.52
CA MET A 5 -19.17 18.75 -2.23
C MET A 5 -19.54 17.38 -1.66
N GLU A 6 -20.52 16.74 -2.29
CA GLU A 6 -20.98 15.42 -1.86
C GLU A 6 -20.47 14.34 -2.79
N ARG A 7 -19.50 14.69 -3.63
CA ARG A 7 -18.92 13.75 -4.59
C ARG A 7 -17.51 13.34 -4.18
N GLN A 8 -17.20 12.05 -4.29
CA GLN A 8 -15.89 11.54 -3.93
C GLN A 8 -15.19 10.92 -5.14
N VAL A 9 -13.88 11.12 -5.22
CA VAL A 9 -13.10 10.60 -6.34
C VAL A 9 -12.53 9.21 -6.01
N PRO A 10 -13.04 8.14 -6.65
CA PRO A 10 -12.57 6.78 -6.42
C PRO A 10 -11.11 6.60 -6.82
N TYR A 11 -10.35 5.89 -5.98
CA TYR A 11 -8.94 5.65 -6.24
C TYR A 11 -8.53 4.27 -5.73
N THR A 12 -8.15 3.40 -6.66
CA THR A 12 -7.71 2.05 -6.32
C THR A 12 -6.23 1.86 -6.64
N PRO A 13 -5.41 1.54 -5.62
CA PRO A 13 -3.99 1.33 -5.82
C PRO A 13 -3.67 -0.15 -5.95
N CYS A 14 -3.35 -0.57 -7.19
CA CYS A 14 -2.99 -1.96 -7.48
C CYS A 14 -4.22 -2.86 -7.42
N SER A 15 -4.27 -3.82 -8.34
CA SER A 15 -5.40 -4.76 -8.39
C SER A 15 -5.06 -5.96 -9.26
N GLY A 16 -5.49 -7.14 -8.83
CA GLY A 16 -5.23 -8.35 -9.58
C GLY A 16 -3.89 -8.98 -9.23
N LEU A 17 -2.82 -8.22 -9.40
CA LEU A 17 -1.48 -8.72 -9.11
C LEU A 17 -1.27 -8.87 -7.61
N TYR A 18 -1.58 -7.83 -6.85
CA TYR A 18 -1.43 -7.87 -5.40
C TYR A 18 -2.70 -7.36 -4.72
N GLY A 19 -3.24 -6.28 -5.28
CA GLY A 19 -4.48 -5.70 -4.77
C GLY A 19 -4.42 -5.28 -3.31
N THR A 20 -3.22 -5.25 -2.72
CA THR A 20 -3.09 -4.87 -1.32
C THR A 20 -2.12 -3.71 -1.11
N ALA A 21 -2.67 -2.53 -0.85
CA ALA A 21 -1.86 -1.34 -0.62
C ALA A 21 -1.41 -1.29 0.85
N GLN A 22 -0.16 -0.90 1.09
CA GLN A 22 0.36 -0.84 2.46
C GLN A 22 1.73 -0.16 2.50
N CYS A 23 2.25 0.00 3.71
CA CYS A 23 3.56 0.64 3.89
C CYS A 23 4.64 -0.42 4.15
N CYS A 24 5.65 -0.46 3.29
CA CYS A 24 6.73 -1.43 3.43
C CYS A 24 8.00 -0.77 3.93
N ALA A 25 8.36 -1.08 5.18
CA ALA A 25 9.57 -0.52 5.78
C ALA A 25 10.79 -1.33 5.38
N THR A 26 11.53 -0.82 4.40
CA THR A 26 12.72 -1.49 3.90
C THR A 26 13.83 -1.52 4.95
N ASP A 27 14.76 -2.44 4.77
CA ASP A 27 15.90 -2.58 5.67
C ASP A 27 17.06 -1.69 5.24
N VAL A 28 18.10 -1.62 6.07
CA VAL A 28 19.26 -0.80 5.76
C VAL A 28 20.37 -1.63 5.12
N LEU A 29 21.14 -2.31 5.94
CA LEU A 29 22.24 -3.15 5.46
C LEU A 29 21.77 -4.58 5.24
N GLY A 30 20.95 -5.08 6.16
CA GLY A 30 20.43 -6.42 6.04
C GLY A 30 19.24 -6.48 5.09
N VAL A 31 19.30 -5.65 4.05
CA VAL A 31 18.23 -5.59 3.05
C VAL A 31 17.95 -6.97 2.47
N ALA A 32 16.66 -7.22 2.22
CA ALA A 32 16.20 -8.49 1.66
C ALA A 32 14.68 -8.52 1.59
N ASP A 33 14.06 -8.04 2.67
CA ASP A 33 12.60 -8.00 2.77
C ASP A 33 12.15 -6.69 3.42
N LEU A 34 10.89 -6.33 3.22
CA LEU A 34 10.36 -5.09 3.81
C LEU A 34 9.14 -5.39 4.65
N ASP A 35 9.11 -4.88 5.88
CA ASP A 35 7.98 -5.09 6.77
C ASP A 35 6.77 -4.32 6.26
N CYS A 36 5.87 -5.01 5.56
CA CYS A 36 4.69 -4.38 5.01
C CYS A 36 3.47 -4.56 5.92
N ALA A 37 3.03 -3.46 6.52
CA ALA A 37 1.88 -3.48 7.41
C ALA A 37 0.66 -2.91 6.69
N ASN A 38 -0.45 -3.65 6.73
CA ASN A 38 -1.67 -3.22 6.06
C ASN A 38 -2.41 -2.16 6.88
N PRO A 39 -2.57 -0.94 6.34
CA PRO A 39 -3.27 0.14 7.03
C PRO A 39 -4.78 0.13 6.76
N PRO A 40 -5.60 -0.26 7.75
CA PRO A 40 -7.05 -0.30 7.59
C PRO A 40 -7.65 1.09 7.58
N ALA A 41 -8.11 1.52 6.40
CA ALA A 41 -8.71 2.85 6.24
C ALA A 41 -9.10 3.09 4.79
N THR A 42 -9.80 4.19 4.55
CA THR A 42 -10.22 4.55 3.20
C THR A 42 -9.24 5.51 2.56
N LEU A 43 -8.28 4.96 1.81
CA LEU A 43 -7.27 5.76 1.13
C LEU A 43 -7.94 6.75 0.19
N ALA A 44 -8.06 8.00 0.64
CA ALA A 44 -8.69 9.06 -0.16
C ALA A 44 -8.05 9.18 -1.54
N ASN A 45 -6.73 9.07 -1.58
CA ASN A 45 -5.99 9.16 -2.84
C ASN A 45 -4.56 8.65 -2.67
N ALA A 46 -3.71 8.95 -3.65
CA ALA A 46 -2.32 8.50 -3.59
C ALA A 46 -1.52 9.28 -2.55
N THR A 47 -1.51 10.59 -2.68
CA THR A 47 -0.78 11.45 -1.75
C THR A 47 -1.20 11.17 -0.31
N HIS A 48 -2.36 10.53 -0.15
CA HIS A 48 -2.88 10.22 1.18
C HIS A 48 -2.14 9.06 1.82
N PHE A 49 -2.11 7.91 1.18
CA PHE A 49 -1.41 6.77 1.75
C PHE A 49 0.08 6.88 1.49
N GLU A 50 0.44 7.73 0.53
CA GLU A 50 1.84 7.97 0.23
C GLU A 50 2.50 8.69 1.40
N SER A 51 1.73 9.58 2.02
CA SER A 51 2.22 10.34 3.17
C SER A 51 2.09 9.54 4.47
N THR A 52 1.02 8.73 4.55
CA THR A 52 0.79 7.91 5.73
C THR A 52 1.95 6.96 5.95
N CYS A 53 2.59 6.56 4.86
CA CYS A 53 3.74 5.67 4.91
C CYS A 53 5.02 6.47 5.14
N ALA A 54 5.18 7.53 4.35
CA ALA A 54 6.35 8.41 4.45
C ALA A 54 6.47 9.02 5.84
N ALA A 55 5.40 8.93 6.63
CA ALA A 55 5.39 9.49 7.98
C ALA A 55 6.63 9.05 8.76
N ILE A 56 6.89 7.75 8.76
CA ILE A 56 8.05 7.19 9.46
C ILE A 56 9.23 7.02 8.52
N GLY A 57 9.02 7.39 7.26
CA GLY A 57 10.08 7.29 6.26
C GLY A 57 9.88 6.10 5.34
N GLN A 58 8.62 5.71 5.14
CA GLN A 58 8.30 4.58 4.28
C GLN A 58 7.66 5.04 2.96
N ARG A 59 7.14 4.10 2.20
CA ARG A 59 6.51 4.40 0.91
C ARG A 59 5.35 3.44 0.62
N ALA A 60 4.44 3.90 -0.23
CA ALA A 60 3.27 3.11 -0.61
C ALA A 60 3.68 1.96 -1.55
N ARG A 61 3.32 0.73 -1.18
CA ARG A 61 3.66 -0.44 -1.98
C ARG A 61 2.45 -1.39 -2.11
N CYS A 62 2.64 -2.48 -2.83
CA CYS A 62 1.58 -3.48 -3.03
C CYS A 62 2.17 -4.89 -3.16
N CYS A 63 1.97 -5.73 -2.13
CA CYS A 63 2.50 -7.10 -2.15
C CYS A 63 1.39 -8.13 -2.01
N LYS A 64 1.75 -9.40 -2.22
CA LYS A 64 0.76 -10.49 -2.12
C LYS A 64 0.81 -11.16 -0.74
N ASP A 65 -0.04 -12.17 -0.55
CA ASP A 65 -0.13 -12.93 0.71
C ASP A 65 -1.04 -12.23 1.71
N ASP A 66 -1.64 -11.12 1.29
CA ASP A 66 -2.55 -10.38 2.16
C ASP A 66 -3.96 -10.41 1.58
N VAL A 67 -4.20 -11.37 0.71
CA VAL A 67 -5.52 -11.53 0.08
C VAL A 67 -6.19 -12.83 0.51
N THR A 68 -5.38 -13.84 0.81
CA THR A 68 -5.90 -15.14 1.23
C THR A 68 -6.72 -15.01 2.53
N ASN A 69 -6.64 -13.85 3.16
CA ASN A 69 -7.36 -13.59 4.39
C ASN A 69 -7.46 -12.10 4.67
N THR A 70 -8.69 -11.59 4.68
CA THR A 70 -8.92 -10.18 4.92
C THR A 70 -8.44 -9.76 6.31
N GLY A 71 -8.09 -10.73 7.13
CA GLY A 71 -7.61 -10.45 8.46
C GLY A 71 -6.11 -10.16 8.50
N ASN A 72 -5.42 -10.57 7.45
CA ASN A 72 -3.97 -10.35 7.37
C ASN A 72 -3.65 -8.86 7.35
N SER A 73 -2.60 -8.47 8.07
CA SER A 73 -2.18 -7.08 8.13
C SER A 73 -0.69 -6.94 7.83
N PHE A 74 0.14 -7.30 8.81
CA PHE A 74 1.59 -7.21 8.64
C PHE A 74 2.17 -8.55 8.18
N LEU A 75 2.92 -8.52 7.08
CA LEU A 75 3.53 -9.73 6.54
C LEU A 75 5.01 -9.52 6.23
N ILE A 76 5.76 -10.62 6.19
CA ILE A 76 7.17 -10.58 5.89
C ILE A 76 7.41 -11.20 4.52
N ILE A 77 7.61 -10.34 3.52
CA ILE A 77 7.81 -10.82 2.15
C ILE A 77 8.98 -10.15 1.47
N ASN A 78 9.39 -10.74 0.35
CA ASN A 78 10.51 -10.23 -0.44
C ASN A 78 10.15 -8.92 -1.13
N ALA A 79 11.18 -8.16 -1.51
CA ALA A 79 10.98 -6.87 -2.18
C ALA A 79 10.43 -7.08 -3.58
N ALA A 80 10.58 -8.29 -4.10
CA ALA A 80 10.09 -8.61 -5.43
C ALA A 80 8.59 -8.86 -5.42
N ASN A 81 8.00 -8.84 -4.23
CA ASN A 81 6.57 -9.07 -4.09
C ASN A 81 5.81 -7.75 -4.04
N CYS A 82 6.45 -6.71 -3.51
CA CYS A 82 5.78 -5.42 -3.39
C CYS A 82 6.35 -4.42 -4.38
N GLN A 83 5.64 -4.23 -5.49
CA GLN A 83 6.06 -3.29 -6.53
C GLN A 83 5.27 -1.99 -6.45
N THR A 84 5.97 -0.86 -6.56
CA THR A 84 5.34 0.45 -6.51
C THR A 84 4.16 0.53 -7.48
N PRO A 85 3.01 1.07 -7.02
CA PRO A 85 1.80 1.20 -7.86
C PRO A 85 2.03 2.08 -9.09
N ALA A 86 1.32 1.78 -10.17
CA ALA A 86 1.44 2.54 -11.41
C ALA A 86 0.89 3.95 -11.23
N GLY A 87 1.71 4.94 -11.56
CA GLY A 87 1.29 6.33 -11.43
C GLY A 87 1.85 6.98 -10.19
N LEU A 88 2.33 6.17 -9.26
CA LEU A 88 2.91 6.66 -8.02
C LEU A 88 4.43 6.64 -8.06
N SER A 1 -13.74 26.53 -5.75
CA SER A 1 -15.11 26.00 -5.67
C SER A 1 -15.10 24.49 -5.40
N PRO A 2 -14.85 24.09 -4.15
CA PRO A 2 -14.80 22.67 -3.77
C PRO A 2 -16.18 22.03 -3.76
N ALA A 3 -16.72 21.76 -4.94
CA ALA A 3 -18.03 21.12 -5.06
C ALA A 3 -17.95 19.71 -4.52
N ALA A 4 -16.72 19.27 -4.24
CA ALA A 4 -16.47 17.95 -3.70
C ALA A 4 -16.34 17.99 -2.19
N MET A 5 -16.93 19.02 -1.59
CA MET A 5 -16.90 19.20 -0.14
C MET A 5 -17.38 17.95 0.58
N GLU A 6 -18.57 17.49 0.24
CA GLU A 6 -19.13 16.30 0.85
C GLU A 6 -19.06 15.10 -0.09
N ARG A 7 -18.28 15.26 -1.17
CA ARG A 7 -18.13 14.18 -2.14
C ARG A 7 -16.71 13.61 -2.11
N GLN A 8 -16.57 12.37 -2.55
CA GLN A 8 -15.27 11.70 -2.56
C GLN A 8 -14.96 11.14 -3.94
N VAL A 9 -13.69 11.21 -4.34
CA VAL A 9 -13.26 10.71 -5.64
C VAL A 9 -12.74 9.28 -5.52
N PRO A 10 -13.25 8.34 -6.36
CA PRO A 10 -12.82 6.95 -6.33
C PRO A 10 -11.36 6.78 -6.77
N TYR A 11 -10.63 5.94 -6.06
CA TYR A 11 -9.23 5.68 -6.36
C TYR A 11 -8.77 4.35 -5.78
N THR A 12 -8.35 3.45 -6.65
CA THR A 12 -7.88 2.13 -6.22
C THR A 12 -6.41 1.93 -6.57
N PRO A 13 -5.55 1.66 -5.56
CA PRO A 13 -4.15 1.43 -5.78
C PRO A 13 -3.81 -0.06 -5.87
N CYS A 14 -3.52 -0.51 -7.08
CA CYS A 14 -3.16 -1.91 -7.34
C CYS A 14 -4.39 -2.81 -7.26
N SER A 15 -4.46 -3.75 -8.19
CA SER A 15 -5.58 -4.69 -8.25
C SER A 15 -5.21 -5.90 -9.10
N GLY A 16 -5.66 -7.08 -8.67
CA GLY A 16 -5.36 -8.29 -9.40
C GLY A 16 -4.03 -8.90 -9.03
N LEU A 17 -2.95 -8.16 -9.26
CA LEU A 17 -1.61 -8.64 -8.95
C LEU A 17 -1.43 -8.77 -7.44
N TYR A 18 -1.75 -7.71 -6.70
CA TYR A 18 -1.63 -7.72 -5.24
C TYR A 18 -2.92 -7.23 -4.61
N GLY A 19 -3.48 -6.18 -5.19
CA GLY A 19 -4.74 -5.62 -4.72
C GLY A 19 -4.72 -5.16 -3.28
N THR A 20 -3.55 -5.09 -2.66
CA THR A 20 -3.47 -4.67 -1.26
C THR A 20 -2.44 -3.57 -1.04
N ALA A 21 -2.92 -2.35 -0.80
CA ALA A 21 -2.05 -1.21 -0.54
C ALA A 21 -1.51 -1.26 0.88
N GLN A 22 -0.27 -0.80 1.09
CA GLN A 22 0.33 -0.84 2.42
C GLN A 22 1.72 -0.22 2.43
N CYS A 23 2.27 -0.02 3.62
CA CYS A 23 3.60 0.57 3.76
C CYS A 23 4.62 -0.52 4.06
N CYS A 24 5.74 -0.50 3.34
CA CYS A 24 6.79 -1.49 3.54
C CYS A 24 8.08 -0.86 4.05
N ALA A 25 8.42 -1.19 5.30
CA ALA A 25 9.63 -0.65 5.92
C ALA A 25 10.85 -1.48 5.54
N THR A 26 11.69 -0.92 4.67
CA THR A 26 12.89 -1.61 4.22
C THR A 26 13.93 -1.70 5.32
N ASP A 27 14.86 -2.63 5.17
CA ASP A 27 15.92 -2.83 6.13
C ASP A 27 17.02 -1.78 5.96
N VAL A 28 18.15 -1.98 6.65
CA VAL A 28 19.26 -1.05 6.56
C VAL A 28 20.49 -1.71 5.94
N LEU A 29 20.93 -2.84 6.51
CA LEU A 29 22.10 -3.55 6.00
C LEU A 29 21.71 -4.96 5.57
N GLY A 30 20.99 -5.66 6.42
CA GLY A 30 20.56 -7.00 6.10
C GLY A 30 19.34 -6.99 5.18
N VAL A 31 19.33 -6.02 4.27
CA VAL A 31 18.23 -5.85 3.32
C VAL A 31 17.93 -7.16 2.58
N ALA A 32 16.65 -7.33 2.29
CA ALA A 32 16.15 -8.52 1.59
C ALA A 32 14.63 -8.46 1.52
N ASP A 33 14.02 -8.27 2.67
CA ASP A 33 12.57 -8.16 2.77
C ASP A 33 12.17 -6.87 3.49
N LEU A 34 10.95 -6.41 3.28
CA LEU A 34 10.48 -5.19 3.92
C LEU A 34 9.23 -5.48 4.75
N ASP A 35 9.19 -4.96 5.97
CA ASP A 35 8.06 -5.16 6.85
C ASP A 35 6.84 -4.42 6.32
N CYS A 36 5.95 -5.15 5.65
CA CYS A 36 4.75 -4.55 5.07
C CYS A 36 3.53 -4.76 5.97
N ALA A 37 2.94 -3.66 6.44
CA ALA A 37 1.76 -3.73 7.30
C ALA A 37 0.54 -3.14 6.59
N ASN A 38 -0.57 -3.85 6.63
CA ASN A 38 -1.80 -3.41 5.99
C ASN A 38 -2.47 -2.30 6.81
N PRO A 39 -2.54 -1.06 6.28
CA PRO A 39 -3.17 0.07 6.96
C PRO A 39 -4.69 0.12 6.75
N PRO A 40 -5.48 -0.22 7.78
CA PRO A 40 -6.95 -0.20 7.68
C PRO A 40 -7.49 1.22 7.74
N ALA A 41 -7.99 1.70 6.59
CA ALA A 41 -8.55 3.04 6.49
C ALA A 41 -9.04 3.32 5.08
N THR A 42 -9.68 4.47 4.89
CA THR A 42 -10.20 4.85 3.59
C THR A 42 -9.23 5.76 2.84
N LEU A 43 -8.35 5.15 2.06
CA LEU A 43 -7.36 5.90 1.29
C LEU A 43 -8.08 6.91 0.37
N ALA A 44 -8.15 8.16 0.82
CA ALA A 44 -8.81 9.22 0.07
C ALA A 44 -8.27 9.32 -1.36
N ASN A 45 -6.96 9.23 -1.50
CA ASN A 45 -6.32 9.31 -2.80
C ASN A 45 -4.88 8.80 -2.73
N ALA A 46 -4.09 9.11 -3.75
CA ALA A 46 -2.70 8.67 -3.79
C ALA A 46 -1.85 9.43 -2.78
N THR A 47 -1.83 10.75 -2.90
CA THR A 47 -1.05 11.58 -2.00
C THR A 47 -1.40 11.29 -0.54
N HIS A 48 -2.55 10.67 -0.32
CA HIS A 48 -3.00 10.35 1.04
C HIS A 48 -2.24 9.16 1.62
N PHE A 49 -2.27 8.02 0.94
CA PHE A 49 -1.57 6.85 1.45
C PHE A 49 -0.09 6.96 1.13
N GLU A 50 0.25 7.84 0.19
CA GLU A 50 1.64 8.08 -0.15
C GLU A 50 2.35 8.74 1.03
N SER A 51 1.61 9.64 1.70
CA SER A 51 2.15 10.35 2.85
C SER A 51 2.00 9.52 4.13
N THR A 52 0.93 8.74 4.21
CA THR A 52 0.69 7.90 5.38
C THR A 52 1.88 6.98 5.63
N CYS A 53 2.55 6.58 4.56
CA CYS A 53 3.71 5.71 4.65
C CYS A 53 4.98 6.55 4.83
N ALA A 54 5.14 7.56 3.98
CA ALA A 54 6.30 8.43 4.03
C ALA A 54 6.40 9.16 5.37
N ALA A 55 5.31 9.14 6.13
CA ALA A 55 5.29 9.79 7.44
C ALA A 55 6.47 9.34 8.29
N ILE A 56 6.66 8.02 8.35
CA ILE A 56 7.76 7.45 9.11
C ILE A 56 9.02 7.33 8.25
N GLY A 57 8.85 7.63 6.96
CA GLY A 57 9.96 7.55 6.03
C GLY A 57 9.87 6.34 5.12
N GLN A 58 8.64 5.98 4.74
CA GLN A 58 8.43 4.83 3.86
C GLN A 58 7.72 5.24 2.58
N ARG A 59 7.12 4.27 1.90
CA ARG A 59 6.42 4.53 0.64
C ARG A 59 5.26 3.57 0.45
N ALA A 60 4.31 3.99 -0.38
CA ALA A 60 3.15 3.18 -0.69
C ALA A 60 3.53 2.01 -1.58
N ARG A 61 3.22 0.79 -1.14
CA ARG A 61 3.55 -0.41 -1.90
C ARG A 61 2.33 -1.32 -2.04
N CYS A 62 2.53 -2.45 -2.71
CA CYS A 62 1.48 -3.43 -2.93
C CYS A 62 2.10 -4.83 -3.02
N CYS A 63 1.79 -5.71 -2.06
CA CYS A 63 2.36 -7.06 -2.06
C CYS A 63 1.27 -8.12 -2.01
N LYS A 64 1.66 -9.38 -2.29
CA LYS A 64 0.71 -10.49 -2.28
C LYS A 64 0.74 -11.23 -0.94
N ASP A 65 -0.14 -12.23 -0.80
CA ASP A 65 -0.25 -13.05 0.41
C ASP A 65 -1.08 -12.35 1.48
N ASP A 66 -1.45 -11.11 1.20
CA ASP A 66 -2.26 -10.34 2.14
C ASP A 66 -3.69 -10.21 1.63
N VAL A 67 -4.11 -11.20 0.82
CA VAL A 67 -5.45 -11.21 0.25
C VAL A 67 -6.21 -12.49 0.60
N THR A 68 -5.50 -13.62 0.56
CA THR A 68 -6.10 -14.92 0.86
C THR A 68 -6.81 -14.91 2.22
N ASN A 69 -6.51 -13.89 3.02
CA ASN A 69 -7.12 -13.75 4.34
C ASN A 69 -6.85 -12.36 4.91
N THR A 70 -7.92 -11.59 5.12
CA THR A 70 -7.81 -10.24 5.65
C THR A 70 -7.19 -10.25 7.05
N GLY A 71 -7.14 -11.44 7.66
CA GLY A 71 -6.57 -11.55 8.99
C GLY A 71 -5.06 -11.35 8.99
N ASN A 72 -4.45 -11.44 7.82
CA ASN A 72 -3.01 -11.27 7.69
C ASN A 72 -2.65 -9.81 7.45
N SER A 73 -2.55 -9.04 8.54
CA SER A 73 -2.20 -7.63 8.46
C SER A 73 -0.71 -7.45 8.21
N PHE A 74 0.10 -8.02 9.08
CA PHE A 74 1.56 -7.93 8.96
C PHE A 74 2.12 -9.15 8.25
N LEU A 75 2.97 -8.93 7.25
CA LEU A 75 3.58 -10.02 6.49
C LEU A 75 5.03 -9.74 6.17
N ILE A 76 5.81 -10.81 6.07
CA ILE A 76 7.22 -10.72 5.74
C ILE A 76 7.42 -11.26 4.33
N ILE A 77 7.66 -10.36 3.39
CA ILE A 77 7.81 -10.76 1.99
C ILE A 77 8.99 -10.09 1.31
N ASN A 78 9.41 -10.69 0.19
CA ASN A 78 10.53 -10.17 -0.58
C ASN A 78 10.17 -8.83 -1.23
N ALA A 79 11.19 -8.00 -1.46
CA ALA A 79 11.00 -6.69 -2.06
C ALA A 79 10.43 -6.82 -3.48
N ALA A 80 10.56 -8.01 -4.05
CA ALA A 80 10.07 -8.26 -5.40
C ALA A 80 8.55 -8.43 -5.40
N ASN A 81 7.99 -8.84 -4.27
CA ASN A 81 6.56 -9.03 -4.15
C ASN A 81 5.82 -7.69 -4.15
N CYS A 82 6.48 -6.66 -3.65
CA CYS A 82 5.86 -5.35 -3.57
C CYS A 82 6.33 -4.46 -4.71
N GLN A 83 5.52 -4.32 -5.74
CA GLN A 83 5.87 -3.48 -6.88
C GLN A 83 5.20 -2.12 -6.79
N THR A 84 6.00 -1.06 -6.91
CA THR A 84 5.49 0.31 -6.85
C THR A 84 4.37 0.52 -7.87
N PRO A 85 3.20 1.01 -7.41
CA PRO A 85 2.06 1.26 -8.30
C PRO A 85 2.37 2.33 -9.35
N ALA A 86 1.90 2.11 -10.58
CA ALA A 86 2.13 3.05 -11.67
C ALA A 86 1.40 4.36 -11.42
N GLY A 87 2.13 5.48 -11.48
CA GLY A 87 1.53 6.78 -11.27
C GLY A 87 1.76 7.30 -9.86
N LEU A 88 2.16 6.40 -8.95
CA LEU A 88 2.40 6.78 -7.56
C LEU A 88 3.49 7.85 -7.47
N SER A 1 -23.40 19.25 -19.45
CA SER A 1 -24.30 18.20 -18.90
C SER A 1 -23.52 17.25 -17.99
N PRO A 2 -23.17 17.70 -16.77
CA PRO A 2 -22.42 16.87 -15.82
C PRO A 2 -23.27 15.78 -15.20
N ALA A 3 -23.50 14.71 -15.97
CA ALA A 3 -24.29 13.59 -15.47
C ALA A 3 -23.53 12.89 -14.35
N ALA A 4 -22.29 13.33 -14.16
CA ALA A 4 -21.43 12.78 -13.11
C ALA A 4 -21.45 13.67 -11.87
N MET A 5 -22.54 14.45 -11.73
CA MET A 5 -22.69 15.35 -10.60
C MET A 5 -22.54 14.60 -9.28
N GLU A 6 -23.36 13.57 -9.09
CA GLU A 6 -23.32 12.77 -7.87
C GLU A 6 -22.40 11.56 -8.04
N ARG A 7 -21.64 11.56 -9.13
CA ARG A 7 -20.71 10.46 -9.41
C ARG A 7 -19.26 10.92 -9.25
N GLN A 8 -18.44 10.06 -8.68
CA GLN A 8 -17.03 10.38 -8.46
C GLN A 8 -16.15 9.20 -8.84
N VAL A 9 -14.92 9.50 -9.28
CA VAL A 9 -13.97 8.47 -9.67
C VAL A 9 -13.18 7.95 -8.46
N PRO A 10 -13.33 6.66 -8.11
CA PRO A 10 -12.62 6.06 -6.97
C PRO A 10 -11.16 5.75 -7.30
N TYR A 11 -10.30 5.96 -6.32
CA TYR A 11 -8.87 5.70 -6.50
C TYR A 11 -8.48 4.37 -5.86
N THR A 12 -8.10 3.41 -6.71
CA THR A 12 -7.69 2.10 -6.23
C THR A 12 -6.22 1.84 -6.53
N PRO A 13 -5.38 1.67 -5.50
CA PRO A 13 -3.96 1.40 -5.68
C PRO A 13 -3.69 -0.09 -5.85
N CYS A 14 -3.39 -0.47 -7.08
CA CYS A 14 -3.07 -1.86 -7.41
C CYS A 14 -4.28 -2.78 -7.28
N SER A 15 -4.35 -3.78 -8.16
CA SER A 15 -5.45 -4.74 -8.16
C SER A 15 -5.08 -5.99 -8.94
N GLY A 16 -5.52 -7.14 -8.43
CA GLY A 16 -5.23 -8.40 -9.10
C GLY A 16 -3.98 -9.09 -8.57
N LEU A 17 -2.81 -8.56 -8.92
CA LEU A 17 -1.55 -9.14 -8.48
C LEU A 17 -1.46 -9.17 -6.96
N TYR A 18 -1.71 -8.04 -6.32
CA TYR A 18 -1.67 -7.95 -4.87
C TYR A 18 -2.93 -7.27 -4.34
N GLY A 19 -3.33 -6.21 -5.03
CA GLY A 19 -4.54 -5.49 -4.67
C GLY A 19 -4.55 -4.95 -3.26
N THR A 20 -3.39 -4.87 -2.61
CA THR A 20 -3.32 -4.38 -1.24
C THR A 20 -2.27 -3.29 -1.05
N ALA A 21 -2.74 -2.04 -0.88
CA ALA A 21 -1.84 -0.92 -0.65
C ALA A 21 -1.38 -0.90 0.81
N GLN A 22 -0.10 -0.59 1.06
CA GLN A 22 0.41 -0.56 2.43
C GLN A 22 1.79 0.09 2.50
N CYS A 23 2.31 0.20 3.71
CA CYS A 23 3.63 0.80 3.93
C CYS A 23 4.68 -0.26 4.18
N CYS A 24 5.70 -0.31 3.32
CA CYS A 24 6.77 -1.30 3.45
C CYS A 24 8.03 -0.66 4.01
N ALA A 25 8.37 -1.01 5.25
CA ALA A 25 9.55 -0.48 5.90
C ALA A 25 10.78 -1.33 5.54
N THR A 26 11.59 -0.83 4.62
CA THR A 26 12.78 -1.55 4.19
C THR A 26 13.78 -1.68 5.32
N ASP A 27 14.69 -2.64 5.18
CA ASP A 27 15.72 -2.88 6.18
C ASP A 27 16.80 -1.80 6.12
N VAL A 28 17.78 -1.88 7.01
CA VAL A 28 18.87 -0.90 7.05
C VAL A 28 19.92 -1.22 6.00
N LEU A 29 20.73 -2.24 6.27
CA LEU A 29 21.79 -2.65 5.35
C LEU A 29 21.53 -4.06 4.84
N GLY A 30 20.98 -4.91 5.70
CA GLY A 30 20.66 -6.26 5.31
C GLY A 30 19.38 -6.33 4.53
N VAL A 31 19.16 -5.32 3.68
CA VAL A 31 17.95 -5.24 2.87
C VAL A 31 17.71 -6.52 2.10
N ALA A 32 16.44 -6.86 1.95
CA ALA A 32 16.01 -8.06 1.24
C ALA A 32 14.50 -8.20 1.33
N ASP A 33 13.98 -7.92 2.52
CA ASP A 33 12.54 -8.00 2.78
C ASP A 33 12.08 -6.71 3.48
N LEU A 34 10.83 -6.30 3.26
CA LEU A 34 10.31 -5.10 3.89
C LEU A 34 9.01 -5.40 4.63
N ASP A 35 8.92 -4.94 5.88
CA ASP A 35 7.73 -5.15 6.70
C ASP A 35 6.57 -4.32 6.16
N CYS A 36 5.65 -4.99 5.45
CA CYS A 36 4.50 -4.31 4.88
C CYS A 36 3.24 -4.59 5.69
N ALA A 37 2.73 -3.57 6.38
CA ALA A 37 1.53 -3.71 7.18
C ALA A 37 0.34 -3.03 6.51
N ASN A 38 -0.77 -3.76 6.40
CA ASN A 38 -1.97 -3.23 5.77
C ASN A 38 -2.60 -2.14 6.63
N PRO A 39 -2.62 -0.88 6.14
CA PRO A 39 -3.20 0.25 6.87
C PRO A 39 -4.72 0.31 6.73
N PRO A 40 -5.47 -0.03 7.79
CA PRO A 40 -6.93 0.01 7.76
C PRO A 40 -7.46 1.44 7.73
N ALA A 41 -7.98 1.85 6.58
CA ALA A 41 -8.53 3.19 6.41
C ALA A 41 -8.95 3.41 4.96
N THR A 42 -9.57 4.56 4.71
CA THR A 42 -10.03 4.90 3.37
C THR A 42 -9.05 5.83 2.67
N LEU A 43 -8.17 5.25 1.85
CA LEU A 43 -7.18 6.03 1.11
C LEU A 43 -7.87 7.05 0.20
N ALA A 44 -8.03 8.26 0.70
CA ALA A 44 -8.68 9.33 -0.06
C ALA A 44 -8.09 9.46 -1.46
N ASN A 45 -6.77 9.39 -1.55
CA ASN A 45 -6.09 9.49 -2.83
C ASN A 45 -4.66 8.95 -2.71
N ALA A 46 -3.83 9.24 -3.71
CA ALA A 46 -2.45 8.77 -3.70
C ALA A 46 -1.59 9.54 -2.70
N THR A 47 -1.61 10.86 -2.79
CA THR A 47 -0.84 11.71 -1.89
C THR A 47 -1.19 11.42 -0.43
N HIS A 48 -2.34 10.78 -0.20
CA HIS A 48 -2.79 10.47 1.14
C HIS A 48 -2.03 9.29 1.73
N PHE A 49 -2.05 8.14 1.06
CA PHE A 49 -1.35 6.97 1.59
C PHE A 49 0.14 7.08 1.30
N GLU A 50 0.49 7.95 0.35
CA GLU A 50 1.89 8.19 0.03
C GLU A 50 2.57 8.89 1.20
N SER A 51 1.84 9.82 1.83
CA SER A 51 2.36 10.56 2.97
C SER A 51 2.17 9.78 4.27
N THR A 52 1.08 9.02 4.36
CA THR A 52 0.79 8.23 5.54
C THR A 52 1.93 7.26 5.84
N CYS A 53 2.58 6.79 4.78
CA CYS A 53 3.70 5.87 4.91
C CYS A 53 5.00 6.64 5.09
N ALA A 54 5.21 7.64 4.24
CA ALA A 54 6.41 8.46 4.30
C ALA A 54 6.53 9.19 5.64
N ALA A 55 5.43 9.22 6.39
CA ALA A 55 5.41 9.87 7.69
C ALA A 55 6.52 9.34 8.58
N ILE A 56 6.64 8.02 8.64
CA ILE A 56 7.67 7.38 9.44
C ILE A 56 8.93 7.13 8.61
N GLY A 57 8.87 7.53 7.34
CA GLY A 57 10.01 7.35 6.45
C GLY A 57 9.84 6.16 5.53
N GLN A 58 8.59 5.83 5.20
CA GLN A 58 8.30 4.69 4.34
C GLN A 58 7.74 5.15 2.99
N ARG A 59 7.22 4.19 2.22
CA ARG A 59 6.64 4.50 0.91
C ARG A 59 5.45 3.59 0.62
N ALA A 60 4.54 4.09 -0.20
CA ALA A 60 3.35 3.33 -0.58
C ALA A 60 3.72 2.18 -1.53
N ARG A 61 3.34 0.96 -1.14
CA ARG A 61 3.64 -0.21 -1.95
C ARG A 61 2.42 -1.11 -2.09
N CYS A 62 2.62 -2.25 -2.76
CA CYS A 62 1.56 -3.23 -2.96
C CYS A 62 2.16 -4.64 -3.01
N CYS A 63 1.91 -5.44 -1.98
CA CYS A 63 2.45 -6.79 -1.92
C CYS A 63 1.36 -7.81 -1.63
N LYS A 64 1.69 -9.08 -1.80
CA LYS A 64 0.71 -10.14 -1.54
C LYS A 64 0.75 -10.57 -0.07
N ASP A 65 -0.38 -11.05 0.42
CA ASP A 65 -0.47 -11.50 1.81
C ASP A 65 -1.86 -12.05 2.13
N ASP A 66 -2.89 -11.33 1.69
CA ASP A 66 -4.27 -11.75 1.94
C ASP A 66 -4.84 -12.48 0.73
N VAL A 67 -3.96 -13.10 -0.04
CA VAL A 67 -4.37 -13.84 -1.23
C VAL A 67 -4.93 -15.22 -0.87
N THR A 68 -4.70 -15.63 0.37
CA THR A 68 -5.18 -16.92 0.84
C THR A 68 -5.94 -16.80 2.16
N ASN A 69 -5.86 -15.62 2.77
CA ASN A 69 -6.54 -15.37 4.04
C ASN A 69 -6.56 -13.88 4.36
N THR A 70 -7.76 -13.31 4.40
CA THR A 70 -7.94 -11.90 4.69
C THR A 70 -7.46 -11.55 6.09
N GLY A 71 -7.35 -12.56 6.96
CA GLY A 71 -6.90 -12.33 8.31
C GLY A 71 -5.41 -12.03 8.40
N ASN A 72 -4.69 -12.33 7.33
CA ASN A 72 -3.25 -12.08 7.29
C ASN A 72 -2.95 -10.58 7.36
N SER A 73 -2.18 -10.17 8.36
CA SER A 73 -1.82 -8.77 8.52
C SER A 73 -0.32 -8.57 8.31
N PHE A 74 0.48 -9.00 9.29
CA PHE A 74 1.94 -8.86 9.21
C PHE A 74 2.53 -10.06 8.45
N LEU A 75 3.46 -9.78 7.53
CA LEU A 75 4.09 -10.84 6.76
C LEU A 75 5.54 -10.50 6.42
N ILE A 76 6.31 -11.55 6.14
CA ILE A 76 7.70 -11.42 5.78
C ILE A 76 7.85 -11.74 4.30
N ILE A 77 7.94 -10.71 3.47
CA ILE A 77 8.01 -10.93 2.03
C ILE A 77 9.21 -10.23 1.39
N ASN A 78 9.55 -10.71 0.20
CA ASN A 78 10.65 -10.18 -0.57
C ASN A 78 10.29 -8.84 -1.20
N ALA A 79 11.31 -8.01 -1.45
CA ALA A 79 11.10 -6.70 -2.05
C ALA A 79 10.50 -6.83 -3.45
N ALA A 80 10.52 -8.04 -3.99
CA ALA A 80 9.97 -8.29 -5.32
C ALA A 80 8.45 -8.41 -5.26
N ASN A 81 7.93 -8.80 -4.10
CA ASN A 81 6.51 -8.95 -3.93
C ASN A 81 5.81 -7.60 -3.96
N CYS A 82 6.54 -6.56 -3.58
CA CYS A 82 5.96 -5.24 -3.55
C CYS A 82 6.38 -4.41 -4.76
N GLN A 83 5.50 -4.33 -5.75
CA GLN A 83 5.77 -3.55 -6.96
C GLN A 83 5.08 -2.19 -6.86
N THR A 84 5.82 -1.13 -7.18
CA THR A 84 5.31 0.23 -7.13
C THR A 84 3.94 0.35 -7.78
N PRO A 85 2.96 0.99 -7.09
CA PRO A 85 1.60 1.16 -7.63
C PRO A 85 1.57 2.00 -8.90
N ALA A 86 0.51 1.81 -9.69
CA ALA A 86 0.34 2.56 -10.94
C ALA A 86 0.07 4.03 -10.66
N GLY A 87 0.78 4.90 -11.35
CA GLY A 87 0.61 6.33 -11.16
C GLY A 87 1.35 6.87 -9.95
N LEU A 88 2.30 6.09 -9.44
CA LEU A 88 3.09 6.50 -8.29
C LEU A 88 4.58 6.29 -8.54
N SER A 1 -22.00 21.52 -14.88
CA SER A 1 -20.58 21.17 -15.20
C SER A 1 -20.03 20.08 -14.28
N PRO A 2 -20.13 20.26 -12.94
CA PRO A 2 -19.63 19.26 -11.98
C PRO A 2 -20.58 18.09 -11.82
N ALA A 3 -20.61 17.21 -12.80
CA ALA A 3 -21.47 16.04 -12.74
C ALA A 3 -21.00 15.12 -11.62
N ALA A 4 -19.86 15.48 -11.04
CA ALA A 4 -19.27 14.73 -9.95
C ALA A 4 -19.54 15.42 -8.61
N MET A 5 -20.49 16.34 -8.62
CA MET A 5 -20.86 17.07 -7.42
C MET A 5 -21.41 16.14 -6.36
N GLU A 6 -22.18 15.14 -6.79
CA GLU A 6 -22.77 14.17 -5.88
C GLU A 6 -22.13 12.80 -6.04
N ARG A 7 -21.51 12.58 -7.20
CA ARG A 7 -20.85 11.30 -7.48
C ARG A 7 -19.33 11.46 -7.44
N GLN A 8 -18.68 10.63 -6.64
CA GLN A 8 -17.23 10.66 -6.52
C GLN A 8 -16.63 9.27 -6.71
N VAL A 9 -15.85 9.11 -7.77
CA VAL A 9 -15.23 7.83 -8.08
C VAL A 9 -14.13 7.51 -7.05
N PRO A 10 -14.12 6.28 -6.50
CA PRO A 10 -13.13 5.86 -5.51
C PRO A 10 -11.74 5.72 -6.12
N TYR A 11 -10.71 5.92 -5.29
CA TYR A 11 -9.33 5.81 -5.72
C TYR A 11 -8.73 4.47 -5.28
N THR A 12 -8.42 3.62 -6.25
CA THR A 12 -7.83 2.32 -5.96
C THR A 12 -6.35 2.27 -6.32
N PRO A 13 -5.47 2.00 -5.35
CA PRO A 13 -4.06 1.91 -5.59
C PRO A 13 -3.60 0.47 -5.81
N CYS A 14 -3.28 0.17 -7.07
CA CYS A 14 -2.82 -1.16 -7.45
C CYS A 14 -3.97 -2.17 -7.39
N SER A 15 -3.91 -3.16 -8.27
CA SER A 15 -4.95 -4.19 -8.33
C SER A 15 -4.54 -5.33 -9.24
N GLY A 16 -5.03 -6.52 -8.94
CA GLY A 16 -4.70 -7.69 -9.74
C GLY A 16 -3.64 -8.57 -9.12
N LEU A 17 -2.38 -8.17 -9.29
CA LEU A 17 -1.26 -8.94 -8.75
C LEU A 17 -1.30 -9.00 -7.23
N TYR A 18 -1.46 -7.85 -6.58
CA TYR A 18 -1.51 -7.79 -5.13
C TYR A 18 -2.81 -7.14 -4.66
N GLY A 19 -3.18 -6.08 -5.36
CA GLY A 19 -4.42 -5.37 -5.07
C GLY A 19 -4.53 -4.82 -3.66
N THR A 20 -3.45 -4.85 -2.88
CA THR A 20 -3.52 -4.35 -1.51
C THR A 20 -2.39 -3.38 -1.19
N ALA A 21 -2.69 -2.09 -1.26
CA ALA A 21 -1.71 -1.05 -0.93
C ALA A 21 -1.34 -1.12 0.56
N GLN A 22 -0.11 -0.72 0.90
CA GLN A 22 0.33 -0.75 2.29
C GLN A 22 1.72 -0.13 2.43
N CYS A 23 2.19 0.00 3.66
CA CYS A 23 3.50 0.59 3.92
C CYS A 23 4.54 -0.48 4.18
N CYS A 24 5.63 -0.47 3.41
CA CYS A 24 6.69 -1.45 3.56
C CYS A 24 7.96 -0.81 4.14
N ALA A 25 8.28 -1.16 5.38
CA ALA A 25 9.45 -0.61 6.04
C ALA A 25 10.70 -1.39 5.64
N THR A 26 11.46 -0.84 4.71
CA THR A 26 12.67 -1.48 4.22
C THR A 26 13.75 -1.53 5.29
N ASP A 27 14.70 -2.44 5.11
CA ASP A 27 15.80 -2.60 6.04
C ASP A 27 16.94 -1.64 5.71
N VAL A 28 17.98 -1.63 6.55
CA VAL A 28 19.11 -0.74 6.33
C VAL A 28 20.20 -1.43 5.50
N LEU A 29 20.98 -2.29 6.15
CA LEU A 29 22.05 -3.01 5.47
C LEU A 29 21.59 -4.41 5.09
N GLY A 30 20.78 -5.01 5.95
CA GLY A 30 20.28 -6.34 5.69
C GLY A 30 19.10 -6.33 4.74
N VAL A 31 19.15 -5.42 3.77
CA VAL A 31 18.08 -5.28 2.80
C VAL A 31 17.80 -6.61 2.08
N ALA A 32 16.52 -6.87 1.86
CA ALA A 32 16.06 -8.10 1.20
C ALA A 32 14.54 -8.20 1.31
N ASP A 33 14.03 -7.95 2.51
CA ASP A 33 12.60 -7.99 2.76
C ASP A 33 12.15 -6.71 3.47
N LEU A 34 10.89 -6.31 3.28
CA LEU A 34 10.37 -5.11 3.92
C LEU A 34 9.12 -5.44 4.73
N ASP A 35 9.07 -4.94 5.96
CA ASP A 35 7.91 -5.17 6.82
C ASP A 35 6.70 -4.41 6.29
N CYS A 36 5.83 -5.12 5.57
CA CYS A 36 4.64 -4.49 5.00
C CYS A 36 3.40 -4.72 5.87
N ALA A 37 2.83 -3.64 6.38
CA ALA A 37 1.64 -3.71 7.21
C ALA A 37 0.44 -3.08 6.51
N ASN A 38 -0.67 -3.79 6.47
CA ASN A 38 -1.89 -3.32 5.81
C ASN A 38 -2.58 -2.24 6.66
N PRO A 39 -2.64 -0.98 6.15
CA PRO A 39 -3.28 0.12 6.85
C PRO A 39 -4.79 0.18 6.58
N PRO A 40 -5.62 -0.22 7.57
CA PRO A 40 -7.07 -0.19 7.42
C PRO A 40 -7.64 1.22 7.52
N ALA A 41 -8.10 1.75 6.39
CA ALA A 41 -8.66 3.10 6.35
C ALA A 41 -9.15 3.43 4.94
N THR A 42 -9.71 4.63 4.79
CA THR A 42 -10.21 5.08 3.50
C THR A 42 -9.21 6.00 2.81
N LEU A 43 -8.34 5.41 1.99
CA LEU A 43 -7.33 6.17 1.27
C LEU A 43 -7.98 7.21 0.37
N ALA A 44 -8.04 8.46 0.85
CA ALA A 44 -8.65 9.55 0.09
C ALA A 44 -8.06 9.65 -1.31
N ASN A 45 -6.75 9.51 -1.41
CA ASN A 45 -6.07 9.59 -2.70
C ASN A 45 -4.64 9.05 -2.58
N ALA A 46 -3.82 9.33 -3.59
CA ALA A 46 -2.44 8.86 -3.60
C ALA A 46 -1.59 9.58 -2.56
N THR A 47 -1.52 10.90 -2.65
CA THR A 47 -0.75 11.70 -1.72
C THR A 47 -1.14 11.41 -0.27
N HIS A 48 -2.31 10.81 -0.10
CA HIS A 48 -2.81 10.48 1.23
C HIS A 48 -2.08 9.29 1.84
N PHE A 49 -2.11 8.15 1.16
CA PHE A 49 -1.43 6.98 1.69
C PHE A 49 0.07 7.06 1.40
N GLU A 50 0.43 7.92 0.46
CA GLU A 50 1.83 8.15 0.14
C GLU A 50 2.52 8.80 1.34
N SER A 51 1.76 9.67 2.02
CA SER A 51 2.28 10.36 3.19
C SER A 51 2.14 9.50 4.44
N THR A 52 1.08 8.70 4.51
CA THR A 52 0.86 7.83 5.67
C THR A 52 2.03 6.87 5.86
N CYS A 53 2.64 6.48 4.74
CA CYS A 53 3.78 5.57 4.78
C CYS A 53 5.09 6.36 4.90
N ALA A 54 5.24 7.38 4.06
CA ALA A 54 6.44 8.21 4.08
C ALA A 54 6.61 8.93 5.42
N ALA A 55 5.55 8.96 6.22
CA ALA A 55 5.59 9.61 7.53
C ALA A 55 6.79 9.14 8.33
N ILE A 56 6.95 7.82 8.40
CA ILE A 56 8.07 7.23 9.13
C ILE A 56 9.31 7.13 8.24
N GLY A 57 9.11 7.40 6.95
CA GLY A 57 10.22 7.34 6.00
C GLY A 57 10.10 6.17 5.05
N GLN A 58 8.88 5.72 4.78
CA GLN A 58 8.64 4.60 3.88
C GLN A 58 7.90 5.05 2.63
N ARG A 59 7.28 4.10 1.94
CA ARG A 59 6.54 4.40 0.71
C ARG A 59 5.39 3.42 0.50
N ALA A 60 4.40 3.86 -0.25
CA ALA A 60 3.24 3.04 -0.55
C ALA A 60 3.61 1.91 -1.51
N ARG A 61 3.28 0.68 -1.13
CA ARG A 61 3.59 -0.49 -1.96
C ARG A 61 2.39 -1.43 -2.05
N CYS A 62 2.59 -2.57 -2.71
CA CYS A 62 1.54 -3.56 -2.87
C CYS A 62 2.17 -4.97 -2.95
N CYS A 63 1.86 -5.83 -1.98
CA CYS A 63 2.43 -7.17 -1.95
C CYS A 63 1.35 -8.25 -1.89
N LYS A 64 1.74 -9.49 -2.16
CA LYS A 64 0.80 -10.60 -2.13
C LYS A 64 0.87 -11.36 -0.80
N ASP A 65 0.01 -12.37 -0.64
CA ASP A 65 -0.04 -13.19 0.57
C ASP A 65 -0.84 -12.50 1.68
N ASP A 66 -1.36 -11.32 1.38
CA ASP A 66 -2.15 -10.56 2.35
C ASP A 66 -3.56 -10.34 1.82
N VAL A 67 -3.99 -11.22 0.92
CA VAL A 67 -5.32 -11.14 0.33
C VAL A 67 -6.04 -12.48 0.39
N THR A 68 -5.46 -13.43 1.12
CA THR A 68 -6.06 -14.75 1.25
C THR A 68 -6.26 -15.13 2.71
N ASN A 69 -6.59 -14.14 3.54
CA ASN A 69 -6.80 -14.37 4.97
C ASN A 69 -7.48 -13.16 5.61
N THR A 70 -8.70 -13.37 6.10
CA THR A 70 -9.47 -12.32 6.74
C THR A 70 -8.69 -11.68 7.89
N GLY A 71 -7.70 -12.40 8.41
CA GLY A 71 -6.90 -11.90 9.50
C GLY A 71 -5.51 -11.47 9.05
N ASN A 72 -5.44 -10.82 7.89
CA ASN A 72 -4.17 -10.37 7.35
C ASN A 72 -3.80 -9.00 7.92
N SER A 73 -2.51 -8.81 8.22
CA SER A 73 -2.04 -7.54 8.78
C SER A 73 -0.56 -7.33 8.50
N PHE A 74 0.29 -8.03 9.24
CA PHE A 74 1.74 -7.91 9.07
C PHE A 74 2.34 -9.15 8.41
N LEU A 75 3.13 -8.94 7.36
CA LEU A 75 3.76 -10.05 6.66
C LEU A 75 5.22 -9.74 6.31
N ILE A 76 6.02 -10.79 6.21
CA ILE A 76 7.43 -10.64 5.86
C ILE A 76 7.67 -11.23 4.48
N ILE A 77 7.73 -10.37 3.48
CA ILE A 77 7.92 -10.82 2.10
C ILE A 77 9.11 -10.17 1.43
N ASN A 78 9.48 -10.70 0.26
CA ASN A 78 10.60 -10.20 -0.52
C ASN A 78 10.27 -8.86 -1.17
N ALA A 79 11.30 -8.05 -1.41
CA ALA A 79 11.13 -6.74 -2.03
C ALA A 79 10.58 -6.87 -3.44
N ALA A 80 10.63 -8.09 -3.98
CA ALA A 80 10.13 -8.35 -5.32
C ALA A 80 8.62 -8.50 -5.33
N ASN A 81 8.06 -8.88 -4.18
CA ASN A 81 6.62 -9.06 -4.06
C ASN A 81 5.90 -7.72 -4.02
N CYS A 82 6.56 -6.70 -3.49
CA CYS A 82 5.93 -5.40 -3.39
C CYS A 82 6.38 -4.48 -4.52
N GLN A 83 5.54 -4.36 -5.55
CA GLN A 83 5.85 -3.51 -6.69
C GLN A 83 5.10 -2.18 -6.60
N THR A 84 5.83 -1.08 -6.82
CA THR A 84 5.25 0.26 -6.77
C THR A 84 4.00 0.35 -7.64
N PRO A 85 2.90 0.91 -7.10
CA PRO A 85 1.65 1.05 -7.85
C PRO A 85 1.77 2.04 -9.01
N ALA A 86 1.21 1.69 -10.16
CA ALA A 86 1.25 2.55 -11.33
C ALA A 86 0.42 3.82 -11.13
N GLY A 87 1.04 4.98 -11.34
CA GLY A 87 0.34 6.24 -11.17
C GLY A 87 0.68 6.93 -9.87
N LEU A 88 1.32 6.19 -8.95
CA LEU A 88 1.71 6.73 -7.66
C LEU A 88 2.60 7.97 -7.83
N SER A 1 -18.60 19.14 -20.27
CA SER A 1 -19.73 19.29 -19.32
C SER A 1 -19.49 18.50 -18.04
N PRO A 2 -19.97 19.01 -16.89
CA PRO A 2 -19.80 18.34 -15.60
C PRO A 2 -20.78 17.18 -15.39
N ALA A 3 -20.62 16.14 -16.19
CA ALA A 3 -21.47 14.97 -16.07
C ALA A 3 -21.25 14.29 -14.73
N ALA A 4 -20.18 14.71 -14.06
CA ALA A 4 -19.81 14.18 -12.76
C ALA A 4 -20.41 15.05 -11.66
N MET A 5 -21.52 15.70 -11.98
CA MET A 5 -22.21 16.57 -11.03
C MET A 5 -22.38 15.90 -9.68
N GLU A 6 -23.02 14.73 -9.68
CA GLU A 6 -23.26 13.99 -8.45
C GLU A 6 -22.39 12.73 -8.40
N ARG A 7 -21.55 12.55 -9.41
CA ARG A 7 -20.67 11.39 -9.46
C ARG A 7 -19.21 11.78 -9.26
N GLN A 8 -18.41 10.82 -8.81
CA GLN A 8 -16.98 11.07 -8.56
C GLN A 8 -16.17 9.82 -8.88
N VAL A 9 -14.95 10.02 -9.36
CA VAL A 9 -14.06 8.91 -9.70
C VAL A 9 -13.25 8.48 -8.48
N PRO A 10 -13.40 7.21 -8.04
CA PRO A 10 -12.67 6.67 -6.89
C PRO A 10 -11.19 6.45 -7.20
N TYR A 11 -10.45 5.96 -6.21
CA TYR A 11 -9.03 5.71 -6.38
C TYR A 11 -8.63 4.36 -5.79
N THR A 12 -8.31 3.42 -6.66
CA THR A 12 -7.90 2.08 -6.24
C THR A 12 -6.41 1.87 -6.52
N PRO A 13 -5.60 1.59 -5.49
CA PRO A 13 -4.18 1.37 -5.65
C PRO A 13 -3.86 -0.11 -5.76
N CYS A 14 -3.52 -0.53 -6.97
CA CYS A 14 -3.16 -1.93 -7.26
C CYS A 14 -4.40 -2.83 -7.22
N SER A 15 -4.46 -3.76 -8.17
CA SER A 15 -5.56 -4.69 -8.26
C SER A 15 -5.21 -5.90 -9.12
N GLY A 16 -5.65 -7.07 -8.70
CA GLY A 16 -5.36 -8.28 -9.45
C GLY A 16 -4.00 -8.86 -9.12
N LEU A 17 -2.96 -8.04 -9.24
CA LEU A 17 -1.60 -8.48 -8.94
C LEU A 17 -1.38 -8.56 -7.42
N TYR A 18 -1.74 -7.49 -6.71
CA TYR A 18 -1.57 -7.47 -5.26
C TYR A 18 -2.88 -7.07 -4.58
N GLY A 19 -3.54 -6.09 -5.17
CA GLY A 19 -4.82 -5.61 -4.66
C GLY A 19 -4.77 -5.13 -3.22
N THR A 20 -3.58 -5.08 -2.63
CA THR A 20 -3.44 -4.64 -1.24
C THR A 20 -2.39 -3.55 -1.08
N ALA A 21 -2.84 -2.34 -0.78
CA ALA A 21 -1.91 -1.21 -0.57
C ALA A 21 -1.46 -1.16 0.89
N GLN A 22 -0.18 -0.84 1.12
CA GLN A 22 0.34 -0.77 2.48
C GLN A 22 1.72 -0.12 2.51
N CYS A 23 2.28 -0.01 3.71
CA CYS A 23 3.61 0.59 3.87
C CYS A 23 4.65 -0.48 4.13
N CYS A 24 5.71 -0.49 3.31
CA CYS A 24 6.77 -1.48 3.45
C CYS A 24 8.05 -0.85 4.00
N ALA A 25 8.37 -1.19 5.24
CA ALA A 25 9.56 -0.66 5.90
C ALA A 25 10.78 -1.51 5.58
N THR A 26 11.72 -0.94 4.82
CA THR A 26 12.92 -1.65 4.44
C THR A 26 13.83 -1.88 5.64
N ASP A 27 14.74 -2.83 5.51
CA ASP A 27 15.68 -3.16 6.58
C ASP A 27 16.80 -2.12 6.66
N VAL A 28 17.68 -2.27 7.65
CA VAL A 28 18.79 -1.34 7.84
C VAL A 28 20.07 -1.84 7.18
N LEU A 29 20.43 -3.09 7.48
CA LEU A 29 21.64 -3.70 6.91
C LEU A 29 21.31 -5.01 6.21
N GLY A 30 20.46 -5.81 6.84
CA GLY A 30 20.05 -7.07 6.26
C GLY A 30 18.98 -6.86 5.19
N VAL A 31 19.11 -5.76 4.47
CA VAL A 31 18.17 -5.40 3.42
C VAL A 31 17.87 -6.58 2.50
N ALA A 32 16.59 -6.91 2.40
CA ALA A 32 16.13 -8.00 1.56
C ALA A 32 14.61 -8.03 1.55
N ASP A 33 14.02 -8.04 2.74
CA ASP A 33 12.57 -8.03 2.89
C ASP A 33 12.14 -6.75 3.58
N LEU A 34 10.89 -6.32 3.34
CA LEU A 34 10.39 -5.09 3.97
C LEU A 34 9.14 -5.41 4.78
N ASP A 35 9.11 -4.93 6.01
CA ASP A 35 7.94 -5.15 6.87
C ASP A 35 6.75 -4.36 6.35
N CYS A 36 5.88 -5.04 5.62
CA CYS A 36 4.70 -4.40 5.04
C CYS A 36 3.48 -4.57 5.93
N ALA A 37 3.04 -3.48 6.56
CA ALA A 37 1.88 -3.50 7.44
C ALA A 37 0.68 -2.90 6.72
N ASN A 38 -0.43 -3.64 6.71
CA ASN A 38 -1.65 -3.19 6.05
C ASN A 38 -2.39 -2.13 6.86
N PRO A 39 -2.49 -0.88 6.35
CA PRO A 39 -3.18 0.21 7.03
C PRO A 39 -4.69 0.19 6.77
N PRO A 40 -5.50 -0.14 7.79
CA PRO A 40 -6.96 -0.17 7.64
C PRO A 40 -7.57 1.23 7.68
N ALA A 41 -8.03 1.68 6.51
CA ALA A 41 -8.64 3.02 6.39
C ALA A 41 -9.08 3.27 4.95
N THR A 42 -9.80 4.37 4.75
CA THR A 42 -10.28 4.75 3.43
C THR A 42 -9.31 5.71 2.74
N LEU A 43 -8.37 5.14 1.98
CA LEU A 43 -7.38 5.94 1.26
C LEU A 43 -8.07 6.93 0.32
N ALA A 44 -8.12 8.20 0.73
CA ALA A 44 -8.76 9.24 -0.07
C ALA A 44 -8.14 9.33 -1.46
N ASN A 45 -6.82 9.29 -1.52
CA ASN A 45 -6.11 9.36 -2.80
C ASN A 45 -4.69 8.80 -2.66
N ALA A 46 -3.85 9.07 -3.65
CA ALA A 46 -2.48 8.57 -3.64
C ALA A 46 -1.61 9.33 -2.63
N THR A 47 -1.56 10.64 -2.77
CA THR A 47 -0.76 11.46 -1.86
C THR A 47 -1.13 11.21 -0.41
N HIS A 48 -2.32 10.64 -0.19
CA HIS A 48 -2.80 10.37 1.16
C HIS A 48 -2.07 9.19 1.78
N PHE A 49 -2.11 8.03 1.13
CA PHE A 49 -1.43 6.85 1.68
C PHE A 49 0.05 6.92 1.37
N GLU A 50 0.41 7.77 0.41
CA GLU A 50 1.81 7.97 0.07
C GLU A 50 2.53 8.64 1.22
N SER A 51 1.82 9.55 1.90
CA SER A 51 2.38 10.27 3.04
C SER A 51 2.28 9.44 4.32
N THR A 52 1.20 8.66 4.44
CA THR A 52 1.00 7.82 5.62
C THR A 52 2.17 6.86 5.81
N CYS A 53 2.79 6.48 4.69
CA CYS A 53 3.93 5.58 4.71
C CYS A 53 5.22 6.36 4.88
N ALA A 54 5.37 7.43 4.09
CA ALA A 54 6.56 8.27 4.15
C ALA A 54 6.75 8.87 5.54
N ALA A 55 5.71 8.80 6.37
CA ALA A 55 5.76 9.33 7.72
C ALA A 55 7.00 8.83 8.46
N ILE A 56 7.24 7.52 8.39
CA ILE A 56 8.40 6.92 9.03
C ILE A 56 9.57 6.84 8.07
N GLY A 57 9.35 7.30 6.84
CA GLY A 57 10.40 7.29 5.83
C GLY A 57 10.25 6.14 4.86
N GLN A 58 9.01 5.67 4.68
CA GLN A 58 8.75 4.56 3.78
C GLN A 58 7.96 5.03 2.55
N ARG A 59 7.32 4.09 1.87
CA ARG A 59 6.56 4.41 0.67
C ARG A 59 5.40 3.44 0.48
N ALA A 60 4.42 3.87 -0.29
CA ALA A 60 3.24 3.06 -0.58
C ALA A 60 3.59 1.91 -1.52
N ARG A 61 3.33 0.68 -1.09
CA ARG A 61 3.63 -0.50 -1.89
C ARG A 61 2.41 -1.41 -2.01
N CYS A 62 2.58 -2.53 -2.69
CA CYS A 62 1.51 -3.51 -2.88
C CYS A 62 2.09 -4.92 -3.00
N CYS A 63 1.75 -5.81 -2.07
CA CYS A 63 2.27 -7.17 -2.10
C CYS A 63 1.15 -8.20 -2.19
N LYS A 64 1.52 -9.45 -2.48
CA LYS A 64 0.55 -10.52 -2.61
C LYS A 64 0.47 -11.35 -1.31
N ASP A 65 -0.32 -12.42 -1.34
CA ASP A 65 -0.51 -13.30 -0.19
C ASP A 65 -1.37 -12.64 0.89
N ASP A 66 -1.74 -11.39 0.66
CA ASP A 66 -2.57 -10.66 1.61
C ASP A 66 -4.00 -10.59 1.10
N VAL A 67 -4.32 -11.48 0.18
CA VAL A 67 -5.66 -11.53 -0.41
C VAL A 67 -6.38 -12.84 -0.06
N THR A 68 -5.61 -13.92 0.05
CA THR A 68 -6.16 -15.23 0.37
C THR A 68 -6.86 -15.22 1.74
N ASN A 69 -6.62 -14.15 2.51
CA ASN A 69 -7.21 -14.02 3.83
C ASN A 69 -7.26 -12.56 4.26
N THR A 70 -8.47 -12.02 4.38
CA THR A 70 -8.66 -10.63 4.79
C THR A 70 -8.05 -10.38 6.17
N GLY A 71 -7.84 -11.46 6.93
CA GLY A 71 -7.28 -11.34 8.25
C GLY A 71 -5.80 -11.03 8.23
N ASN A 72 -5.20 -11.05 7.05
CA ASN A 72 -3.77 -10.77 6.91
C ASN A 72 -3.50 -9.26 6.93
N SER A 73 -2.56 -8.84 7.77
CA SER A 73 -2.21 -7.42 7.88
C SER A 73 -0.74 -7.20 7.60
N PHE A 74 0.10 -7.52 8.60
CA PHE A 74 1.54 -7.35 8.46
C PHE A 74 2.21 -8.69 8.15
N LEU A 75 2.93 -8.75 7.03
CA LEU A 75 3.61 -9.96 6.61
C LEU A 75 5.09 -9.68 6.32
N ILE A 76 5.87 -10.76 6.20
CA ILE A 76 7.28 -10.64 5.88
C ILE A 76 7.54 -11.22 4.51
N ILE A 77 7.71 -10.35 3.52
CA ILE A 77 7.90 -10.79 2.15
C ILE A 77 9.05 -10.05 1.46
N ASN A 78 9.48 -10.61 0.34
CA ASN A 78 10.57 -10.03 -0.45
C ASN A 78 10.24 -8.64 -0.93
N ALA A 79 11.26 -7.89 -1.32
CA ALA A 79 11.08 -6.53 -1.82
C ALA A 79 10.41 -6.54 -3.19
N ALA A 80 10.72 -7.58 -3.98
CA ALA A 80 10.15 -7.72 -5.30
C ALA A 80 8.68 -8.11 -5.23
N ASN A 81 8.32 -8.77 -4.13
CA ASN A 81 6.94 -9.21 -3.93
C ASN A 81 6.01 -8.00 -3.75
N CYS A 82 6.62 -6.82 -3.63
CA CYS A 82 5.87 -5.59 -3.45
C CYS A 82 6.25 -4.55 -4.49
N GLN A 83 5.43 -4.41 -5.53
CA GLN A 83 5.71 -3.44 -6.60
C GLN A 83 4.88 -2.17 -6.42
N THR A 84 5.55 -1.02 -6.56
CA THR A 84 4.90 0.27 -6.44
C THR A 84 3.74 0.40 -7.43
N PRO A 85 2.59 0.97 -6.99
CA PRO A 85 1.42 1.13 -7.86
C PRO A 85 1.73 1.96 -9.10
N ALA A 86 1.11 1.59 -10.23
CA ALA A 86 1.31 2.30 -11.49
C ALA A 86 0.86 3.75 -11.38
N GLY A 87 1.69 4.66 -11.86
CA GLY A 87 1.36 6.08 -11.83
C GLY A 87 1.80 6.75 -10.53
N LEU A 88 2.06 5.94 -9.51
CA LEU A 88 2.49 6.46 -8.21
C LEU A 88 4.01 6.47 -8.11
N SER A 1 -20.90 25.82 -4.47
CA SER A 1 -21.89 24.85 -3.93
C SER A 1 -21.31 23.43 -3.93
N PRO A 2 -21.74 22.59 -2.97
CA PRO A 2 -21.25 21.21 -2.87
C PRO A 2 -21.95 20.28 -3.85
N ALA A 3 -21.67 20.48 -5.14
CA ALA A 3 -22.25 19.63 -6.17
C ALA A 3 -21.74 18.21 -6.04
N ALA A 4 -20.71 18.07 -5.20
CA ALA A 4 -20.08 16.78 -4.94
C ALA A 4 -20.67 16.15 -3.67
N MET A 5 -21.87 16.59 -3.31
CA MET A 5 -22.56 16.09 -2.12
C MET A 5 -22.63 14.56 -2.12
N GLU A 6 -23.27 14.01 -3.15
CA GLU A 6 -23.40 12.55 -3.28
C GLU A 6 -22.49 12.02 -4.37
N ARG A 7 -21.72 12.90 -4.99
CA ARG A 7 -20.79 12.51 -6.06
C ARG A 7 -19.34 12.63 -5.59
N GLN A 8 -18.64 11.50 -5.57
CA GLN A 8 -17.24 11.47 -5.15
C GLN A 8 -16.39 10.68 -6.14
N VAL A 9 -15.10 11.01 -6.19
CA VAL A 9 -14.18 10.33 -7.10
C VAL A 9 -13.43 9.21 -6.38
N PRO A 10 -13.63 7.94 -6.78
CA PRO A 10 -12.97 6.79 -6.17
C PRO A 10 -11.50 6.68 -6.59
N TYR A 11 -10.70 6.07 -5.73
CA TYR A 11 -9.28 5.89 -6.02
C TYR A 11 -8.79 4.51 -5.56
N THR A 12 -8.30 3.72 -6.51
CA THR A 12 -7.80 2.38 -6.20
C THR A 12 -6.31 2.29 -6.50
N PRO A 13 -5.47 1.96 -5.49
CA PRO A 13 -4.04 1.83 -5.68
C PRO A 13 -3.64 0.38 -5.88
N CYS A 14 -3.27 0.06 -7.11
CA CYS A 14 -2.85 -1.29 -7.49
C CYS A 14 -4.00 -2.27 -7.43
N SER A 15 -3.94 -3.28 -8.30
CA SER A 15 -4.99 -4.29 -8.38
C SER A 15 -4.57 -5.45 -9.27
N GLY A 16 -5.24 -6.59 -9.10
CA GLY A 16 -4.94 -7.76 -9.90
C GLY A 16 -3.72 -8.52 -9.39
N LEU A 17 -2.56 -7.87 -9.46
CA LEU A 17 -1.32 -8.48 -9.01
C LEU A 17 -1.26 -8.58 -7.49
N TYR A 18 -1.56 -7.48 -6.82
CA TYR A 18 -1.52 -7.45 -5.36
C TYR A 18 -2.85 -6.97 -4.79
N GLY A 19 -3.40 -5.96 -5.44
CA GLY A 19 -4.68 -5.41 -5.04
C GLY A 19 -4.76 -4.89 -3.62
N THR A 20 -3.66 -4.94 -2.87
CA THR A 20 -3.68 -4.46 -1.49
C THR A 20 -2.53 -3.50 -1.18
N ALA A 21 -2.83 -2.21 -1.23
CA ALA A 21 -1.83 -1.17 -0.91
C ALA A 21 -1.43 -1.25 0.57
N GLN A 22 -0.18 -0.89 0.89
CA GLN A 22 0.30 -0.92 2.26
C GLN A 22 1.68 -0.28 2.37
N CYS A 23 2.18 -0.11 3.59
CA CYS A 23 3.48 0.51 3.80
C CYS A 23 4.56 -0.56 4.08
N CYS A 24 5.59 -0.58 3.24
CA CYS A 24 6.67 -1.55 3.40
C CYS A 24 7.94 -0.87 3.91
N ALA A 25 8.31 -1.15 5.16
CA ALA A 25 9.49 -0.57 5.75
C ALA A 25 10.73 -1.40 5.41
N THR A 26 11.62 -0.82 4.62
CA THR A 26 12.84 -1.49 4.21
C THR A 26 13.83 -1.59 5.36
N ASP A 27 14.78 -2.50 5.26
CA ASP A 27 15.79 -2.69 6.28
C ASP A 27 16.84 -1.58 6.21
N VAL A 28 17.87 -1.68 7.04
CA VAL A 28 18.94 -0.67 7.05
C VAL A 28 20.21 -1.19 6.40
N LEU A 29 20.68 -2.37 6.84
CA LEU A 29 21.89 -2.96 6.30
C LEU A 29 21.63 -4.41 5.89
N GLY A 30 20.87 -5.12 6.72
CA GLY A 30 20.55 -6.50 6.42
C GLY A 30 19.38 -6.59 5.46
N VAL A 31 19.34 -5.66 4.52
CA VAL A 31 18.27 -5.60 3.53
C VAL A 31 18.05 -6.95 2.85
N ALA A 32 16.79 -7.21 2.52
CA ALA A 32 16.38 -8.45 1.88
C ALA A 32 14.86 -8.48 1.76
N ASP A 33 14.19 -8.05 2.82
CA ASP A 33 12.73 -8.01 2.86
C ASP A 33 12.27 -6.74 3.57
N LEU A 34 11.01 -6.34 3.35
CA LEU A 34 10.48 -5.13 3.99
C LEU A 34 9.24 -5.47 4.79
N ASP A 35 9.17 -4.98 6.03
CA ASP A 35 8.02 -5.22 6.89
C ASP A 35 6.81 -4.46 6.36
N CYS A 36 5.94 -5.17 5.65
CA CYS A 36 4.75 -4.56 5.06
C CYS A 36 3.54 -4.73 5.97
N ALA A 37 3.00 -3.60 6.44
CA ALA A 37 1.83 -3.62 7.32
C ALA A 37 0.62 -3.02 6.61
N ASN A 38 -0.50 -3.73 6.68
CA ASN A 38 -1.73 -3.26 6.04
C ASN A 38 -2.38 -2.14 6.84
N PRO A 39 -2.43 -0.91 6.28
CA PRO A 39 -3.03 0.23 6.97
C PRO A 39 -4.56 0.26 6.83
N PRO A 40 -5.30 -0.02 7.93
CA PRO A 40 -6.76 -0.02 7.90
C PRO A 40 -7.33 1.40 7.88
N ALA A 41 -7.88 1.78 6.72
CA ALA A 41 -8.46 3.11 6.55
C ALA A 41 -8.93 3.30 5.11
N THR A 42 -9.53 4.45 4.83
CA THR A 42 -10.02 4.76 3.49
C THR A 42 -9.06 5.72 2.78
N LEU A 43 -8.19 5.17 1.95
CA LEU A 43 -7.22 5.96 1.20
C LEU A 43 -7.94 6.96 0.30
N ALA A 44 -8.05 8.20 0.78
CA ALA A 44 -8.72 9.26 0.02
C ALA A 44 -8.14 9.39 -1.38
N ASN A 45 -6.81 9.34 -1.47
CA ASN A 45 -6.13 9.43 -2.75
C ASN A 45 -4.71 8.90 -2.64
N ALA A 46 -3.87 9.20 -3.63
CA ALA A 46 -2.49 8.72 -3.64
C ALA A 46 -1.63 9.47 -2.63
N THR A 47 -1.63 10.79 -2.72
CA THR A 47 -0.83 11.61 -1.80
C THR A 47 -1.18 11.31 -0.35
N HIS A 48 -2.34 10.70 -0.12
CA HIS A 48 -2.79 10.39 1.22
C HIS A 48 -2.04 9.21 1.81
N PHE A 49 -2.05 8.07 1.12
CA PHE A 49 -1.35 6.90 1.65
C PHE A 49 0.14 7.00 1.34
N GLU A 50 0.48 7.86 0.38
CA GLU A 50 1.87 8.09 0.03
C GLU A 50 2.56 8.76 1.22
N SER A 51 1.82 9.64 1.89
CA SER A 51 2.34 10.35 3.06
C SER A 51 2.24 9.50 4.32
N THR A 52 1.18 8.69 4.41
CA THR A 52 0.99 7.84 5.59
C THR A 52 2.16 6.88 5.78
N CYS A 53 2.76 6.46 4.66
CA CYS A 53 3.90 5.55 4.71
C CYS A 53 5.19 6.35 4.89
N ALA A 54 5.34 7.39 4.08
CA ALA A 54 6.52 8.25 4.12
C ALA A 54 6.66 8.94 5.49
N ALA A 55 5.58 8.92 6.27
CA ALA A 55 5.59 9.54 7.59
C ALA A 55 6.80 9.10 8.39
N ILE A 56 7.02 7.79 8.44
CA ILE A 56 8.16 7.23 9.17
C ILE A 56 9.37 7.09 8.25
N GLY A 57 9.15 7.36 6.96
CA GLY A 57 10.22 7.27 5.99
C GLY A 57 10.04 6.09 5.04
N GLN A 58 8.81 5.60 4.94
CA GLN A 58 8.51 4.48 4.05
C GLN A 58 7.84 4.94 2.76
N ARG A 59 7.16 4.02 2.08
CA ARG A 59 6.49 4.33 0.83
C ARG A 59 5.35 3.36 0.56
N ALA A 60 4.40 3.81 -0.25
CA ALA A 60 3.23 3.01 -0.61
C ALA A 60 3.64 1.87 -1.55
N ARG A 61 3.28 0.64 -1.16
CA ARG A 61 3.60 -0.54 -1.96
C ARG A 61 2.38 -1.45 -2.07
N CYS A 62 2.56 -2.59 -2.76
CA CYS A 62 1.48 -3.56 -2.94
C CYS A 62 2.07 -4.96 -3.06
N CYS A 63 1.70 -5.86 -2.14
CA CYS A 63 2.23 -7.22 -2.15
C CYS A 63 1.11 -8.26 -2.22
N LYS A 64 1.49 -9.51 -2.46
CA LYS A 64 0.52 -10.59 -2.55
C LYS A 64 0.36 -11.30 -1.20
N ASP A 65 -0.49 -12.33 -1.16
CA ASP A 65 -0.75 -13.11 0.04
C ASP A 65 -1.60 -12.32 1.04
N ASP A 66 -1.95 -11.10 0.68
CA ASP A 66 -2.77 -10.25 1.52
C ASP A 66 -4.17 -10.08 0.93
N VAL A 67 -4.57 -11.05 0.12
CA VAL A 67 -5.87 -11.01 -0.53
C VAL A 67 -6.71 -12.24 -0.16
N THR A 68 -6.07 -13.40 -0.14
CA THR A 68 -6.76 -14.65 0.19
C THR A 68 -6.89 -14.81 1.70
N ASN A 69 -6.50 -13.77 2.44
CA ASN A 69 -6.57 -13.79 3.89
C ASN A 69 -7.29 -12.55 4.41
N THR A 70 -8.57 -12.70 4.72
CA THR A 70 -9.37 -11.60 5.23
C THR A 70 -8.74 -10.97 6.46
N GLY A 71 -8.00 -11.78 7.22
CA GLY A 71 -7.35 -11.28 8.42
C GLY A 71 -5.87 -11.04 8.23
N ASN A 72 -5.50 -10.54 7.05
CA ASN A 72 -4.10 -10.24 6.75
C ASN A 72 -3.75 -8.82 7.15
N SER A 73 -2.60 -8.65 7.83
CA SER A 73 -2.17 -7.33 8.25
C SER A 73 -0.67 -7.14 7.98
N PHE A 74 0.15 -7.65 8.89
CA PHE A 74 1.61 -7.55 8.75
C PHE A 74 2.20 -8.85 8.23
N LEU A 75 3.03 -8.75 7.19
CA LEU A 75 3.65 -9.94 6.62
C LEU A 75 5.13 -9.70 6.32
N ILE A 76 5.88 -10.79 6.22
CA ILE A 76 7.31 -10.72 5.92
C ILE A 76 7.55 -11.27 4.53
N ILE A 77 7.72 -10.37 3.56
CA ILE A 77 7.91 -10.79 2.18
C ILE A 77 9.06 -10.05 1.50
N ASN A 78 9.48 -10.59 0.36
CA ASN A 78 10.56 -10.03 -0.43
C ASN A 78 10.19 -8.66 -0.98
N ALA A 79 11.21 -7.90 -1.39
CA ALA A 79 10.99 -6.56 -1.94
C ALA A 79 10.33 -6.66 -3.30
N ALA A 80 10.70 -7.69 -4.06
CA ALA A 80 10.14 -7.91 -5.39
C ALA A 80 8.67 -8.29 -5.29
N ASN A 81 8.30 -8.94 -4.19
CA ASN A 81 6.93 -9.35 -3.97
C ASN A 81 6.02 -8.14 -3.80
N CYS A 82 6.63 -6.96 -3.76
CA CYS A 82 5.88 -5.72 -3.62
C CYS A 82 6.32 -4.71 -4.68
N GLN A 83 5.52 -4.58 -5.73
CA GLN A 83 5.84 -3.65 -6.81
C GLN A 83 5.05 -2.35 -6.70
N THR A 84 5.76 -1.24 -6.84
CA THR A 84 5.14 0.09 -6.76
C THR A 84 3.89 0.18 -7.64
N PRO A 85 2.78 0.73 -7.11
CA PRO A 85 1.53 0.87 -7.86
C PRO A 85 1.67 1.82 -9.05
N ALA A 86 0.83 1.63 -10.05
CA ALA A 86 0.86 2.46 -11.25
C ALA A 86 0.17 3.80 -11.00
N GLY A 87 0.85 4.89 -11.34
CA GLY A 87 0.29 6.21 -11.16
C GLY A 87 0.52 6.77 -9.76
N LEU A 88 1.44 6.16 -9.01
CA LEU A 88 1.75 6.63 -7.66
C LEU A 88 2.62 7.87 -7.71
N SER A 1 -13.36 24.79 -1.71
CA SER A 1 -14.05 24.53 -3.01
C SER A 1 -14.41 23.05 -3.15
N PRO A 2 -15.46 22.60 -2.43
CA PRO A 2 -15.91 21.21 -2.48
C PRO A 2 -16.77 20.92 -3.69
N ALA A 3 -16.19 21.02 -4.88
CA ALA A 3 -16.92 20.75 -6.11
C ALA A 3 -17.29 19.27 -6.17
N ALA A 4 -16.74 18.51 -5.24
CA ALA A 4 -16.99 17.09 -5.13
C ALA A 4 -18.09 16.81 -4.11
N MET A 5 -18.96 17.79 -3.94
CA MET A 5 -20.07 17.69 -2.99
C MET A 5 -20.74 16.32 -3.07
N GLU A 6 -21.42 16.06 -4.19
CA GLU A 6 -22.10 14.79 -4.38
C GLU A 6 -21.33 13.88 -5.33
N ARG A 7 -20.14 14.34 -5.75
CA ARG A 7 -19.30 13.57 -6.66
C ARG A 7 -18.05 13.06 -5.95
N GLN A 8 -17.67 11.81 -6.24
CA GLN A 8 -16.50 11.21 -5.62
C GLN A 8 -15.67 10.45 -6.65
N VAL A 9 -14.40 10.78 -6.75
CA VAL A 9 -13.50 10.12 -7.68
C VAL A 9 -12.84 8.91 -7.03
N PRO A 10 -13.21 7.68 -7.47
CA PRO A 10 -12.64 6.45 -6.91
C PRO A 10 -11.16 6.28 -7.25
N TYR A 11 -10.38 5.90 -6.24
CA TYR A 11 -8.95 5.69 -6.43
C TYR A 11 -8.53 4.33 -5.87
N THR A 12 -8.17 3.42 -6.77
CA THR A 12 -7.74 2.09 -6.38
C THR A 12 -6.25 1.89 -6.64
N PRO A 13 -5.46 1.59 -5.60
CA PRO A 13 -4.05 1.36 -5.74
C PRO A 13 -3.73 -0.12 -5.85
N CYS A 14 -3.36 -0.55 -7.05
CA CYS A 14 -3.01 -1.94 -7.33
C CYS A 14 -4.25 -2.84 -7.30
N SER A 15 -4.28 -3.80 -8.23
CA SER A 15 -5.40 -4.72 -8.32
C SER A 15 -5.05 -5.88 -9.25
N GLY A 16 -5.47 -7.09 -8.88
CA GLY A 16 -5.20 -8.26 -9.69
C GLY A 16 -3.90 -8.94 -9.31
N LEU A 17 -2.80 -8.19 -9.30
CA LEU A 17 -1.50 -8.74 -8.95
C LEU A 17 -1.38 -8.93 -7.44
N TYR A 18 -1.70 -7.88 -6.68
CA TYR A 18 -1.62 -7.95 -5.22
C TYR A 18 -2.92 -7.43 -4.60
N GLY A 19 -3.42 -6.34 -5.17
CA GLY A 19 -4.67 -5.75 -4.71
C GLY A 19 -4.65 -5.33 -3.26
N THR A 20 -3.46 -5.21 -2.67
CA THR A 20 -3.37 -4.81 -1.27
C THR A 20 -2.37 -3.68 -1.06
N ALA A 21 -2.88 -2.49 -0.78
CA ALA A 21 -2.04 -1.31 -0.54
C ALA A 21 -1.55 -1.29 0.90
N GLN A 22 -0.31 -0.81 1.12
CA GLN A 22 0.26 -0.76 2.47
C GLN A 22 1.65 -0.13 2.44
N CYS A 23 2.21 0.11 3.63
CA CYS A 23 3.53 0.71 3.74
C CYS A 23 4.59 -0.35 4.05
N CYS A 24 5.60 -0.46 3.18
CA CYS A 24 6.66 -1.45 3.37
C CYS A 24 7.90 -0.82 3.99
N ALA A 25 8.21 -1.23 5.20
CA ALA A 25 9.37 -0.72 5.91
C ALA A 25 10.62 -1.52 5.55
N THR A 26 11.44 -0.97 4.67
CA THR A 26 12.67 -1.63 4.23
C THR A 26 13.67 -1.74 5.37
N ASP A 27 14.64 -2.63 5.20
CA ASP A 27 15.67 -2.85 6.20
C ASP A 27 16.82 -1.86 6.00
N VAL A 28 17.64 -1.71 7.03
CA VAL A 28 18.78 -0.79 6.98
C VAL A 28 20.07 -1.54 6.62
N LEU A 29 20.22 -2.74 7.15
CA LEU A 29 21.40 -3.55 6.89
C LEU A 29 21.00 -4.93 6.39
N GLY A 30 19.97 -5.50 7.02
CA GLY A 30 19.48 -6.81 6.60
C GLY A 30 18.59 -6.70 5.39
N VAL A 31 18.92 -5.75 4.51
CA VAL A 31 18.15 -5.50 3.31
C VAL A 31 17.89 -6.80 2.54
N ALA A 32 16.61 -7.08 2.34
CA ALA A 32 16.16 -8.28 1.64
C ALA A 32 14.64 -8.33 1.60
N ASP A 33 14.02 -8.03 2.74
CA ASP A 33 12.57 -8.02 2.84
C ASP A 33 12.09 -6.74 3.51
N LEU A 34 10.85 -6.32 3.24
CA LEU A 34 10.33 -5.11 3.84
C LEU A 34 9.09 -5.40 4.66
N ASP A 35 9.12 -5.01 5.93
CA ASP A 35 7.98 -5.23 6.82
C ASP A 35 6.82 -4.37 6.40
N CYS A 36 5.88 -4.95 5.67
CA CYS A 36 4.72 -4.22 5.18
C CYS A 36 3.48 -4.52 6.02
N ALA A 37 2.86 -3.47 6.53
CA ALA A 37 1.65 -3.61 7.35
C ALA A 37 0.46 -2.95 6.65
N ASN A 38 -0.66 -3.66 6.59
CA ASN A 38 -1.86 -3.15 5.94
C ASN A 38 -2.56 -2.10 6.82
N PRO A 39 -2.66 -0.85 6.33
CA PRO A 39 -3.32 0.22 7.05
C PRO A 39 -4.83 0.28 6.79
N PRO A 40 -5.66 -0.12 7.76
CA PRO A 40 -7.12 -0.10 7.60
C PRO A 40 -7.69 1.31 7.63
N ALA A 41 -8.14 1.79 6.47
CA ALA A 41 -8.70 3.12 6.35
C ALA A 41 -9.11 3.40 4.90
N THR A 42 -9.83 4.50 4.69
CA THR A 42 -10.26 4.88 3.35
C THR A 42 -9.28 5.83 2.69
N LEU A 43 -8.32 5.27 1.97
CA LEU A 43 -7.31 6.06 1.28
C LEU A 43 -7.96 7.05 0.33
N ALA A 44 -8.04 8.32 0.75
CA ALA A 44 -8.65 9.37 -0.04
C ALA A 44 -8.05 9.43 -1.45
N ASN A 45 -6.73 9.36 -1.53
CA ASN A 45 -6.03 9.40 -2.81
C ASN A 45 -4.61 8.86 -2.66
N ALA A 46 -3.78 9.10 -3.68
CA ALA A 46 -2.41 8.62 -3.66
C ALA A 46 -1.55 9.38 -2.66
N THR A 47 -1.52 10.70 -2.79
CA THR A 47 -0.74 11.55 -1.89
C THR A 47 -1.11 11.30 -0.44
N HIS A 48 -2.27 10.71 -0.20
CA HIS A 48 -2.74 10.44 1.15
C HIS A 48 -2.00 9.26 1.77
N PHE A 49 -2.03 8.11 1.11
CA PHE A 49 -1.35 6.94 1.65
C PHE A 49 0.14 7.00 1.33
N GLU A 50 0.48 7.85 0.35
CA GLU A 50 1.87 8.05 -0.01
C GLU A 50 2.60 8.74 1.13
N SER A 51 1.89 9.66 1.80
CA SER A 51 2.45 10.40 2.92
C SER A 51 2.35 9.60 4.21
N THR A 52 1.27 8.82 4.35
CA THR A 52 1.07 8.01 5.54
C THR A 52 2.23 7.03 5.74
N CYS A 53 2.83 6.62 4.62
CA CYS A 53 3.97 5.72 4.66
C CYS A 53 5.26 6.49 4.85
N ALA A 54 5.42 7.55 4.05
CA ALA A 54 6.61 8.39 4.12
C ALA A 54 6.76 9.04 5.51
N ALA A 55 5.69 9.01 6.29
CA ALA A 55 5.70 9.59 7.64
C ALA A 55 6.91 9.11 8.42
N ILE A 56 7.11 7.79 8.42
CA ILE A 56 8.24 7.20 9.13
C ILE A 56 9.44 7.06 8.21
N GLY A 57 9.23 7.32 6.93
CA GLY A 57 10.30 7.23 5.96
C GLY A 57 10.13 6.07 4.99
N GLN A 58 8.88 5.64 4.79
CA GLN A 58 8.59 4.53 3.88
C GLN A 58 7.85 5.03 2.65
N ARG A 59 7.20 4.10 1.94
CA ARG A 59 6.47 4.45 0.73
C ARG A 59 5.31 3.50 0.49
N ALA A 60 4.38 3.94 -0.33
CA ALA A 60 3.20 3.15 -0.67
C ALA A 60 3.58 1.98 -1.59
N ARG A 61 3.27 0.77 -1.15
CA ARG A 61 3.59 -0.44 -1.92
C ARG A 61 2.38 -1.37 -2.00
N CYS A 62 2.58 -2.50 -2.65
CA CYS A 62 1.52 -3.51 -2.79
C CYS A 62 2.15 -4.91 -2.89
N CYS A 63 1.84 -5.80 -1.95
CA CYS A 63 2.41 -7.14 -1.94
C CYS A 63 1.34 -8.22 -1.88
N LYS A 64 1.74 -9.47 -2.15
CA LYS A 64 0.81 -10.60 -2.12
C LYS A 64 0.87 -11.34 -0.79
N ASP A 65 0.02 -12.37 -0.64
CA ASP A 65 -0.04 -13.20 0.56
C ASP A 65 -0.83 -12.50 1.66
N ASP A 66 -1.41 -11.36 1.34
CA ASP A 66 -2.21 -10.61 2.29
C ASP A 66 -3.64 -10.44 1.80
N VAL A 67 -4.06 -11.35 0.91
CA VAL A 67 -5.40 -11.31 0.35
C VAL A 67 -6.20 -12.56 0.71
N THR A 68 -5.51 -13.71 0.76
CA THR A 68 -6.16 -14.98 1.08
C THR A 68 -6.83 -14.93 2.46
N ASN A 69 -6.50 -13.91 3.24
CA ASN A 69 -7.08 -13.76 4.57
C ASN A 69 -6.87 -12.34 5.09
N THR A 70 -7.97 -11.62 5.29
CA THR A 70 -7.93 -10.25 5.77
C THR A 70 -7.21 -10.16 7.12
N GLY A 71 -7.19 -11.29 7.84
CA GLY A 71 -6.52 -11.32 9.14
C GLY A 71 -5.02 -11.12 9.02
N ASN A 72 -4.46 -11.46 7.86
CA ASN A 72 -3.04 -11.31 7.62
C ASN A 72 -2.65 -9.84 7.51
N SER A 73 -2.40 -9.21 8.65
CA SER A 73 -2.02 -7.80 8.68
C SER A 73 -0.54 -7.61 8.37
N PHE A 74 0.32 -8.29 9.13
CA PHE A 74 1.77 -8.19 8.93
C PHE A 74 2.34 -9.45 8.29
N LEU A 75 3.04 -9.30 7.16
CA LEU A 75 3.62 -10.44 6.46
C LEU A 75 5.11 -10.23 6.21
N ILE A 76 5.81 -11.34 5.97
CA ILE A 76 7.23 -11.33 5.67
C ILE A 76 7.41 -11.64 4.19
N ILE A 77 7.73 -10.64 3.38
CA ILE A 77 7.86 -10.86 1.95
C ILE A 77 9.07 -10.17 1.34
N ASN A 78 9.46 -10.66 0.17
CA ASN A 78 10.59 -10.11 -0.56
C ASN A 78 10.25 -8.77 -1.19
N ALA A 79 11.28 -7.95 -1.41
CA ALA A 79 11.08 -6.63 -2.00
C ALA A 79 10.53 -6.74 -3.42
N ALA A 80 10.59 -7.95 -3.98
CA ALA A 80 10.10 -8.18 -5.33
C ALA A 80 8.59 -8.36 -5.33
N ASN A 81 8.04 -8.78 -4.19
CA ASN A 81 6.60 -8.98 -4.07
C ASN A 81 5.88 -7.65 -4.01
N CYS A 82 6.53 -6.64 -3.47
CA CYS A 82 5.91 -5.34 -3.35
C CYS A 82 6.37 -4.41 -4.47
N GLN A 83 5.55 -4.27 -5.50
CA GLN A 83 5.88 -3.41 -6.63
C GLN A 83 5.10 -2.09 -6.56
N THR A 84 5.82 -0.99 -6.76
CA THR A 84 5.21 0.34 -6.72
C THR A 84 4.01 0.42 -7.66
N PRO A 85 2.86 0.96 -7.18
CA PRO A 85 1.65 1.08 -7.99
C PRO A 85 1.85 1.93 -9.24
N ALA A 86 1.11 1.60 -10.30
CA ALA A 86 1.20 2.33 -11.56
C ALA A 86 0.55 3.70 -11.44
N GLY A 87 1.27 4.73 -11.87
CA GLY A 87 0.74 6.08 -11.82
C GLY A 87 1.18 6.82 -10.55
N LEU A 88 1.63 6.06 -9.56
CA LEU A 88 2.07 6.64 -8.30
C LEU A 88 3.56 6.95 -8.35
N SER A 1 -22.79 13.09 -5.35
CA SER A 1 -21.33 13.41 -5.37
C SER A 1 -20.76 13.18 -6.76
N PRO A 2 -21.09 14.07 -7.72
CA PRO A 2 -20.60 13.97 -9.10
C PRO A 2 -19.23 14.60 -9.28
N ALA A 3 -18.19 13.78 -9.13
CA ALA A 3 -16.83 14.27 -9.31
C ALA A 3 -16.65 14.68 -10.75
N ALA A 4 -17.52 14.14 -11.61
CA ALA A 4 -17.49 14.46 -13.02
C ALA A 4 -18.88 14.82 -13.53
N MET A 5 -19.78 13.84 -13.54
CA MET A 5 -21.15 14.07 -14.01
C MET A 5 -22.18 13.83 -12.92
N GLU A 6 -22.40 12.57 -12.58
CA GLU A 6 -23.38 12.19 -11.57
C GLU A 6 -22.71 11.59 -10.34
N ARG A 7 -21.95 10.52 -10.57
CA ARG A 7 -21.26 9.83 -9.47
C ARG A 7 -19.75 10.04 -9.57
N GLN A 8 -19.06 9.77 -8.46
CA GLN A 8 -17.61 9.92 -8.40
C GLN A 8 -16.92 8.55 -8.44
N VAL A 9 -15.72 8.51 -9.01
CA VAL A 9 -14.96 7.28 -9.12
C VAL A 9 -13.95 7.16 -7.97
N PRO A 10 -14.13 6.18 -7.06
CA PRO A 10 -13.23 5.98 -5.93
C PRO A 10 -11.78 5.79 -6.36
N TYR A 11 -10.87 5.87 -5.40
CA TYR A 11 -9.44 5.72 -5.68
C TYR A 11 -8.94 4.35 -5.23
N THR A 12 -8.56 3.52 -6.19
CA THR A 12 -8.04 2.18 -5.90
C THR A 12 -6.56 2.08 -6.28
N PRO A 13 -5.68 1.79 -5.30
CA PRO A 13 -4.27 1.65 -5.54
C PRO A 13 -3.86 0.19 -5.72
N CYS A 14 -3.56 -0.17 -6.96
CA CYS A 14 -3.12 -1.52 -7.31
C CYS A 14 -4.21 -2.55 -7.07
N SER A 15 -4.12 -3.65 -7.81
CA SER A 15 -5.09 -4.74 -7.71
C SER A 15 -4.62 -5.96 -8.51
N GLY A 16 -5.05 -7.14 -8.08
CA GLY A 16 -4.68 -8.36 -8.79
C GLY A 16 -3.69 -9.21 -8.03
N LEU A 17 -2.45 -9.25 -8.53
CA LEU A 17 -1.39 -10.04 -7.90
C LEU A 17 -1.14 -9.63 -6.46
N TYR A 18 -1.19 -8.33 -6.19
CA TYR A 18 -0.95 -7.83 -4.83
C TYR A 18 -2.28 -7.56 -4.13
N GLY A 19 -3.18 -6.93 -4.88
CA GLY A 19 -4.52 -6.62 -4.40
C GLY A 19 -4.59 -5.72 -3.17
N THR A 20 -3.50 -5.55 -2.42
CA THR A 20 -3.57 -4.72 -1.21
C THR A 20 -2.44 -3.69 -1.09
N ALA A 21 -2.81 -2.40 -1.14
CA ALA A 21 -1.85 -1.31 -0.97
C ALA A 21 -1.36 -1.28 0.49
N GLN A 22 -0.15 -0.79 0.75
CA GLN A 22 0.37 -0.73 2.12
C GLN A 22 1.66 0.07 2.19
N CYS A 23 2.35 -0.01 3.33
CA CYS A 23 3.61 0.72 3.52
C CYS A 23 4.70 -0.30 3.84
N CYS A 24 5.69 -0.41 2.97
CA CYS A 24 6.76 -1.39 3.17
C CYS A 24 7.96 -0.77 3.84
N ALA A 25 8.17 -1.15 5.09
CA ALA A 25 9.29 -0.65 5.86
C ALA A 25 10.53 -1.46 5.53
N THR A 26 11.34 -0.91 4.64
CA THR A 26 12.57 -1.54 4.18
C THR A 26 13.46 -1.99 5.33
N ASP A 27 14.52 -2.69 4.96
CA ASP A 27 15.48 -3.22 5.93
C ASP A 27 15.79 -2.19 7.02
N VAL A 28 15.91 -2.68 8.26
CA VAL A 28 16.18 -1.84 9.42
C VAL A 28 16.43 -2.70 10.67
N LEU A 29 15.62 -3.75 10.83
CA LEU A 29 15.74 -4.68 11.94
C LEU A 29 16.81 -5.71 11.62
N GLY A 30 17.68 -5.36 10.69
CA GLY A 30 18.69 -6.29 10.26
C GLY A 30 18.01 -7.26 9.33
N VAL A 31 16.75 -6.96 9.14
CA VAL A 31 15.84 -7.71 8.31
C VAL A 31 16.00 -7.31 6.84
N ALA A 32 15.98 -8.29 5.94
CA ALA A 32 16.15 -8.03 4.52
C ALA A 32 14.85 -7.63 3.85
N ASP A 33 13.78 -8.34 4.21
CA ASP A 33 12.46 -8.09 3.64
C ASP A 33 11.91 -6.74 4.13
N LEU A 34 10.88 -6.22 3.44
CA LEU A 34 10.27 -4.95 3.86
C LEU A 34 8.91 -5.26 4.47
N ASP A 35 8.74 -4.99 5.76
CA ASP A 35 7.49 -5.27 6.43
C ASP A 35 6.37 -4.33 5.98
N CYS A 36 5.51 -4.80 5.07
CA CYS A 36 4.40 -3.97 4.60
C CYS A 36 3.15 -4.22 5.44
N ALA A 37 2.81 -3.25 6.29
CA ALA A 37 1.63 -3.35 7.13
C ALA A 37 0.42 -2.69 6.47
N ASN A 38 -0.72 -3.37 6.53
CA ASN A 38 -1.95 -2.84 5.94
C ASN A 38 -2.57 -1.76 6.83
N PRO A 39 -2.59 -0.50 6.37
CA PRO A 39 -3.16 0.61 7.14
C PRO A 39 -4.67 0.71 6.96
N PRO A 40 -5.46 0.35 7.99
CA PRO A 40 -6.92 0.41 7.93
C PRO A 40 -7.43 1.85 7.93
N ALA A 41 -7.93 2.30 6.79
CA ALA A 41 -8.43 3.66 6.64
C ALA A 41 -8.92 3.91 5.22
N THR A 42 -9.62 5.01 5.02
CA THR A 42 -10.12 5.37 3.70
C THR A 42 -9.12 6.24 2.95
N LEU A 43 -8.23 5.60 2.20
CA LEU A 43 -7.22 6.31 1.43
C LEU A 43 -7.88 7.29 0.46
N ALA A 44 -7.95 8.55 0.88
CA ALA A 44 -8.57 9.59 0.06
C ALA A 44 -7.95 9.63 -1.33
N ASN A 45 -6.64 9.52 -1.41
CA ASN A 45 -5.93 9.53 -2.68
C ASN A 45 -4.51 9.00 -2.53
N ALA A 46 -3.70 9.17 -3.57
CA ALA A 46 -2.33 8.69 -3.55
C ALA A 46 -1.47 9.46 -2.55
N THR A 47 -1.43 10.78 -2.72
CA THR A 47 -0.65 11.64 -1.83
C THR A 47 -1.02 11.41 -0.37
N HIS A 48 -2.18 10.80 -0.14
CA HIS A 48 -2.65 10.55 1.21
C HIS A 48 -1.92 9.38 1.86
N PHE A 49 -1.94 8.20 1.22
CA PHE A 49 -1.27 7.05 1.80
C PHE A 49 0.22 7.10 1.50
N GLU A 50 0.59 7.92 0.51
CA GLU A 50 1.99 8.11 0.17
C GLU A 50 2.68 8.87 1.29
N SER A 51 1.97 9.83 1.88
CA SER A 51 2.51 10.63 2.97
C SER A 51 2.39 9.90 4.31
N THR A 52 1.32 9.11 4.46
CA THR A 52 1.10 8.36 5.70
C THR A 52 2.21 7.35 5.93
N CYS A 53 2.84 6.91 4.85
CA CYS A 53 3.94 5.93 4.95
C CYS A 53 5.28 6.66 5.08
N ALA A 54 5.53 7.59 4.17
CA ALA A 54 6.77 8.36 4.16
C ALA A 54 6.99 9.07 5.49
N ALA A 55 5.95 9.13 6.31
CA ALA A 55 6.03 9.77 7.62
C ALA A 55 7.24 9.27 8.39
N ILE A 56 7.43 7.96 8.39
CA ILE A 56 8.56 7.34 9.09
C ILE A 56 9.75 7.17 8.15
N GLY A 57 9.55 7.48 6.87
CA GLY A 57 10.62 7.36 5.89
C GLY A 57 10.47 6.14 4.99
N GLN A 58 9.23 5.76 4.71
CA GLN A 58 8.96 4.61 3.86
C GLN A 58 8.11 5.02 2.66
N ARG A 59 7.43 4.07 2.02
CA ARG A 59 6.60 4.37 0.84
C ARG A 59 5.47 3.39 0.63
N ALA A 60 4.49 3.85 -0.15
CA ALA A 60 3.31 3.04 -0.48
C ALA A 60 3.69 1.97 -1.50
N ARG A 61 3.35 0.72 -1.21
CA ARG A 61 3.65 -0.41 -2.09
C ARG A 61 2.45 -1.34 -2.20
N CYS A 62 2.63 -2.45 -2.89
CA CYS A 62 1.57 -3.45 -3.03
C CYS A 62 2.20 -4.85 -3.13
N CYS A 63 1.96 -5.69 -2.11
CA CYS A 63 2.50 -7.03 -2.07
C CYS A 63 1.40 -8.06 -2.23
N LYS A 64 1.77 -9.32 -2.45
CA LYS A 64 0.74 -10.33 -2.63
C LYS A 64 0.38 -10.98 -1.29
N ASP A 65 -0.16 -12.20 -1.34
CA ASP A 65 -0.53 -12.96 -0.14
C ASP A 65 -1.87 -12.50 0.44
N ASP A 66 -2.00 -11.20 0.69
CA ASP A 66 -3.24 -10.64 1.25
C ASP A 66 -4.33 -10.50 0.18
N VAL A 67 -4.27 -11.35 -0.84
CA VAL A 67 -5.24 -11.30 -1.93
C VAL A 67 -6.43 -12.23 -1.66
N THR A 68 -6.20 -13.26 -0.83
CA THR A 68 -7.24 -14.21 -0.50
C THR A 68 -7.62 -14.15 0.97
N ASN A 69 -7.13 -13.11 1.64
CA ASN A 69 -7.41 -12.93 3.06
C ASN A 69 -7.00 -11.52 3.52
N THR A 70 -8.00 -10.68 3.77
CA THR A 70 -7.76 -9.32 4.21
C THR A 70 -7.06 -9.28 5.56
N GLY A 71 -7.20 -10.37 6.32
CA GLY A 71 -6.58 -10.45 7.63
C GLY A 71 -5.06 -10.49 7.56
N ASN A 72 -4.53 -10.67 6.35
CA ASN A 72 -3.08 -10.72 6.16
C ASN A 72 -2.48 -9.32 6.19
N SER A 73 -2.19 -8.84 7.40
CA SER A 73 -1.60 -7.51 7.58
C SER A 73 -0.08 -7.60 7.57
N PHE A 74 0.48 -8.18 8.63
CA PHE A 74 1.94 -8.32 8.74
C PHE A 74 2.42 -9.57 8.01
N LEU A 75 3.40 -9.40 7.12
CA LEU A 75 3.94 -10.52 6.38
C LEU A 75 5.43 -10.32 6.10
N ILE A 76 6.14 -11.43 5.92
CA ILE A 76 7.56 -11.41 5.61
C ILE A 76 7.73 -11.75 4.14
N ILE A 77 8.18 -10.80 3.34
CA ILE A 77 8.28 -11.04 1.90
C ILE A 77 9.43 -10.31 1.23
N ASN A 78 9.82 -10.86 0.08
CA ASN A 78 10.90 -10.31 -0.72
C ASN A 78 10.55 -8.90 -1.19
N ALA A 79 11.58 -8.11 -1.47
CA ALA A 79 11.39 -6.74 -1.93
C ALA A 79 10.77 -6.74 -3.32
N ALA A 80 10.75 -7.92 -3.95
CA ALA A 80 10.17 -8.06 -5.28
C ALA A 80 8.70 -8.43 -5.19
N ASN A 81 8.24 -8.73 -3.98
CA ASN A 81 6.84 -9.08 -3.77
C ASN A 81 5.98 -7.83 -3.73
N CYS A 82 6.59 -6.71 -3.35
CA CYS A 82 5.90 -5.43 -3.27
C CYS A 82 6.36 -4.50 -4.41
N GLN A 83 5.44 -4.12 -5.28
CA GLN A 83 5.77 -3.23 -6.40
C GLN A 83 4.97 -1.93 -6.32
N THR A 84 5.64 -0.82 -6.58
CA THR A 84 5.00 0.49 -6.55
C THR A 84 3.74 0.51 -7.41
N PRO A 85 2.62 1.03 -6.88
CA PRO A 85 1.35 1.08 -7.62
C PRO A 85 1.45 1.95 -8.88
N ALA A 86 0.78 1.52 -9.95
CA ALA A 86 0.80 2.26 -11.20
C ALA A 86 0.02 3.56 -11.08
N GLY A 87 0.67 4.67 -11.43
CA GLY A 87 0.01 5.97 -11.35
C GLY A 87 0.37 6.74 -10.09
N LEU A 88 1.00 6.06 -9.14
CA LEU A 88 1.40 6.67 -7.88
C LEU A 88 2.28 7.90 -8.13
N SER A 1 -16.15 26.28 -9.00
CA SER A 1 -17.01 25.32 -9.74
C SER A 1 -16.96 23.94 -9.10
N PRO A 2 -17.67 23.74 -7.97
CA PRO A 2 -17.70 22.46 -7.27
C PRO A 2 -18.66 21.47 -7.90
N ALA A 3 -18.39 21.08 -9.13
CA ALA A 3 -19.23 20.11 -9.83
C ALA A 3 -19.13 18.76 -9.14
N ALA A 4 -18.21 18.69 -8.18
CA ALA A 4 -17.98 17.47 -7.41
C ALA A 4 -18.60 17.59 -6.03
N MET A 5 -19.59 18.47 -5.90
CA MET A 5 -20.27 18.69 -4.63
C MET A 5 -20.79 17.38 -4.06
N GLU A 6 -21.58 16.66 -4.86
CA GLU A 6 -22.15 15.38 -4.43
C GLU A 6 -21.49 14.22 -5.17
N ARG A 7 -20.50 14.53 -5.99
CA ARG A 7 -19.79 13.50 -6.76
C ARG A 7 -18.37 13.31 -6.25
N GLN A 8 -17.82 12.12 -6.45
CA GLN A 8 -16.47 11.81 -6.01
C GLN A 8 -15.77 10.88 -7.00
N VAL A 9 -14.47 11.07 -7.18
CA VAL A 9 -13.68 10.24 -8.10
C VAL A 9 -13.02 9.09 -7.35
N PRO A 10 -13.20 7.84 -7.82
CA PRO A 10 -12.61 6.67 -7.19
C PRO A 10 -11.10 6.60 -7.38
N TYR A 11 -10.43 5.79 -6.54
CA TYR A 11 -8.99 5.62 -6.62
C TYR A 11 -8.56 4.26 -6.08
N THR A 12 -8.12 3.39 -6.98
CA THR A 12 -7.68 2.06 -6.59
C THR A 12 -6.19 1.87 -6.89
N PRO A 13 -5.37 1.59 -5.85
CA PRO A 13 -3.96 1.37 -6.01
C PRO A 13 -3.62 -0.11 -6.11
N CYS A 14 -3.26 -0.54 -7.31
CA CYS A 14 -2.89 -1.93 -7.57
C CYS A 14 -4.12 -2.84 -7.57
N SER A 15 -4.16 -3.79 -8.50
CA SER A 15 -5.27 -4.71 -8.61
C SER A 15 -4.91 -5.90 -9.50
N GLY A 16 -5.34 -7.09 -9.11
CA GLY A 16 -5.07 -8.28 -9.90
C GLY A 16 -3.78 -8.97 -9.48
N LEU A 17 -2.69 -8.21 -9.43
CA LEU A 17 -1.39 -8.77 -9.04
C LEU A 17 -1.29 -8.91 -7.52
N TYR A 18 -1.59 -7.83 -6.80
CA TYR A 18 -1.54 -7.86 -5.34
C TYR A 18 -2.82 -7.29 -4.74
N GLY A 19 -3.30 -6.21 -5.34
CA GLY A 19 -4.53 -5.58 -4.91
C GLY A 19 -4.54 -5.14 -3.45
N THR A 20 -3.37 -5.06 -2.83
CA THR A 20 -3.30 -4.65 -1.43
C THR A 20 -2.29 -3.54 -1.20
N ALA A 21 -2.80 -2.34 -0.92
CA ALA A 21 -1.92 -1.18 -0.66
C ALA A 21 -1.49 -1.16 0.81
N GLN A 22 -0.25 -0.73 1.07
CA GLN A 22 0.27 -0.67 2.43
C GLN A 22 1.67 -0.09 2.47
N CYS A 23 2.21 0.07 3.67
CA CYS A 23 3.55 0.64 3.83
C CYS A 23 4.58 -0.46 4.10
N CYS A 24 5.66 -0.45 3.33
CA CYS A 24 6.71 -1.46 3.50
C CYS A 24 8.00 -0.84 4.04
N ALA A 25 8.34 -1.17 5.27
CA ALA A 25 9.54 -0.64 5.91
C ALA A 25 10.76 -1.46 5.49
N THR A 26 11.58 -0.88 4.61
CA THR A 26 12.78 -1.56 4.12
C THR A 26 13.85 -1.64 5.20
N ASP A 27 14.79 -2.55 5.01
CA ASP A 27 15.88 -2.74 5.95
C ASP A 27 17.07 -1.85 5.60
N VAL A 28 18.00 -1.70 6.54
CA VAL A 28 19.17 -0.86 6.32
C VAL A 28 20.39 -1.71 5.98
N LEU A 29 20.64 -2.75 6.75
CA LEU A 29 21.77 -3.65 6.52
C LEU A 29 21.28 -5.04 6.17
N GLY A 30 20.23 -5.48 6.86
CA GLY A 30 19.67 -6.79 6.59
C GLY A 30 18.76 -6.77 5.38
N VAL A 31 19.10 -5.90 4.42
CA VAL A 31 18.31 -5.75 3.20
C VAL A 31 18.02 -7.09 2.54
N ALA A 32 16.73 -7.35 2.35
CA ALA A 32 16.26 -8.59 1.74
C ALA A 32 14.74 -8.59 1.64
N ASP A 33 14.09 -8.14 2.71
CA ASP A 33 12.64 -8.07 2.77
C ASP A 33 12.20 -6.79 3.48
N LEU A 34 10.95 -6.38 3.27
CA LEU A 34 10.44 -5.17 3.91
C LEU A 34 9.20 -5.49 4.73
N ASP A 35 9.17 -4.99 5.97
CA ASP A 35 8.04 -5.21 6.85
C ASP A 35 6.82 -4.45 6.34
N CYS A 36 5.93 -5.15 5.64
CA CYS A 36 4.73 -4.52 5.08
C CYS A 36 3.52 -4.71 5.97
N ALA A 37 2.96 -3.59 6.45
CA ALA A 37 1.78 -3.63 7.31
C ALA A 37 0.61 -2.95 6.63
N ASN A 38 -0.53 -3.63 6.58
CA ASN A 38 -1.72 -3.09 5.94
C ASN A 38 -2.41 -2.06 6.82
N PRO A 39 -2.57 -0.82 6.32
CA PRO A 39 -3.24 0.26 7.05
C PRO A 39 -4.75 0.22 6.90
N PRO A 40 -5.49 -0.17 7.96
CA PRO A 40 -6.95 -0.24 7.90
C PRO A 40 -7.59 1.15 7.86
N ALA A 41 -8.13 1.50 6.68
CA ALA A 41 -8.77 2.80 6.47
C ALA A 41 -9.13 2.98 5.01
N THR A 42 -9.85 4.07 4.72
CA THR A 42 -10.26 4.36 3.35
C THR A 42 -9.31 5.38 2.70
N LEU A 43 -8.37 4.88 1.92
CA LEU A 43 -7.41 5.74 1.23
C LEU A 43 -8.12 6.73 0.32
N ALA A 44 -8.37 7.93 0.85
CA ALA A 44 -9.06 8.98 0.11
C ALA A 44 -8.45 9.17 -1.28
N ASN A 45 -7.12 9.20 -1.34
CA ASN A 45 -6.41 9.36 -2.60
C ASN A 45 -4.97 8.89 -2.47
N ALA A 46 -4.14 9.23 -3.45
CA ALA A 46 -2.74 8.83 -3.44
C ALA A 46 -1.96 9.58 -2.37
N THR A 47 -1.93 10.91 -2.48
CA THR A 47 -1.20 11.74 -1.53
C THR A 47 -1.53 11.37 -0.07
N HIS A 48 -2.65 10.67 0.12
CA HIS A 48 -3.07 10.28 1.46
C HIS A 48 -2.30 9.09 1.99
N PHE A 49 -2.27 7.99 1.24
CA PHE A 49 -1.56 6.81 1.71
C PHE A 49 -0.07 6.92 1.37
N GLU A 50 0.25 7.81 0.44
CA GLU A 50 1.64 8.05 0.08
C GLU A 50 2.32 8.78 1.23
N SER A 51 1.58 9.68 1.88
CA SER A 51 2.10 10.44 3.00
C SER A 51 2.03 9.62 4.29
N THR A 52 1.00 8.79 4.41
CA THR A 52 0.82 7.96 5.60
C THR A 52 2.00 7.01 5.78
N CYS A 53 2.61 6.62 4.67
CA CYS A 53 3.76 5.73 4.69
C CYS A 53 5.06 6.53 4.85
N ALA A 54 5.19 7.58 4.05
CA ALA A 54 6.37 8.43 4.10
C ALA A 54 6.54 9.09 5.47
N ALA A 55 5.48 9.04 6.29
CA ALA A 55 5.52 9.62 7.62
C ALA A 55 6.74 9.15 8.39
N ILE A 56 6.94 7.84 8.41
CA ILE A 56 8.08 7.25 9.11
C ILE A 56 9.29 7.16 8.19
N GLY A 57 9.08 7.45 6.91
CA GLY A 57 10.17 7.40 5.94
C GLY A 57 10.03 6.25 4.97
N GLN A 58 8.80 5.75 4.80
CA GLN A 58 8.56 4.63 3.89
C GLN A 58 7.81 5.11 2.65
N ARG A 59 7.21 4.16 1.93
CA ARG A 59 6.46 4.48 0.72
C ARG A 59 5.32 3.50 0.51
N ALA A 60 4.34 3.93 -0.27
CA ALA A 60 3.18 3.11 -0.58
C ALA A 60 3.56 1.96 -1.52
N ARG A 61 3.24 0.73 -1.12
CA ARG A 61 3.58 -0.44 -1.91
C ARG A 61 2.36 -1.36 -2.06
N CYS A 62 2.57 -2.49 -2.73
CA CYS A 62 1.51 -3.48 -2.94
C CYS A 62 2.10 -4.89 -3.00
N CYS A 63 1.82 -5.72 -1.99
CA CYS A 63 2.36 -7.08 -1.95
C CYS A 63 1.25 -8.12 -1.90
N LYS A 64 1.62 -9.38 -2.14
CA LYS A 64 0.63 -10.46 -2.11
C LYS A 64 0.56 -11.13 -0.74
N ASP A 65 -0.40 -12.06 -0.59
CA ASP A 65 -0.61 -12.80 0.66
C ASP A 65 -1.37 -11.96 1.68
N ASP A 66 -1.79 -10.78 1.27
CA ASP A 66 -2.54 -9.88 2.15
C ASP A 66 -3.92 -9.57 1.56
N VAL A 67 -4.43 -10.51 0.77
CA VAL A 67 -5.73 -10.33 0.12
C VAL A 67 -6.84 -11.10 0.85
N THR A 68 -6.51 -12.30 1.30
CA THR A 68 -7.47 -13.13 2.03
C THR A 68 -7.59 -12.68 3.48
N ASN A 69 -7.76 -11.37 3.66
CA ASN A 69 -7.86 -10.77 4.98
C ASN A 69 -8.71 -11.61 5.91
N THR A 70 -8.02 -12.44 6.67
CA THR A 70 -8.63 -13.30 7.67
C THR A 70 -7.85 -13.18 8.97
N GLY A 71 -6.83 -12.33 8.93
CA GLY A 71 -5.97 -12.11 10.06
C GLY A 71 -4.54 -11.86 9.64
N ASN A 72 -4.34 -11.67 8.33
CA ASN A 72 -3.02 -11.42 7.78
C ASN A 72 -2.76 -9.92 7.63
N SER A 73 -2.34 -9.29 8.72
CA SER A 73 -2.06 -7.86 8.72
C SER A 73 -0.61 -7.58 8.34
N PHE A 74 0.31 -8.01 9.21
CA PHE A 74 1.74 -7.82 8.96
C PHE A 74 2.37 -9.07 8.35
N LEU A 75 3.07 -8.91 7.24
CA LEU A 75 3.71 -10.04 6.58
C LEU A 75 5.17 -9.73 6.24
N ILE A 76 5.98 -10.78 6.16
CA ILE A 76 7.38 -10.65 5.81
C ILE A 76 7.61 -11.22 4.42
N ILE A 77 7.68 -10.34 3.43
CA ILE A 77 7.85 -10.78 2.05
C ILE A 77 9.01 -10.09 1.35
N ASN A 78 9.44 -10.69 0.25
CA ASN A 78 10.55 -10.17 -0.55
C ASN A 78 10.17 -8.85 -1.20
N ALA A 79 11.17 -8.02 -1.45
CA ALA A 79 10.96 -6.71 -2.08
C ALA A 79 10.38 -6.87 -3.48
N ALA A 80 10.51 -8.08 -4.04
CA ALA A 80 10.00 -8.35 -5.36
C ALA A 80 8.48 -8.50 -5.35
N ASN A 81 7.94 -8.92 -4.20
CA ASN A 81 6.50 -9.09 -4.08
C ASN A 81 5.78 -7.75 -4.04
N CYS A 82 6.48 -6.72 -3.54
CA CYS A 82 5.88 -5.42 -3.45
C CYS A 82 6.39 -4.51 -4.57
N GLN A 83 5.59 -4.38 -5.63
CA GLN A 83 5.97 -3.54 -6.76
C GLN A 83 5.28 -2.18 -6.68
N THR A 84 6.07 -1.13 -6.74
CA THR A 84 5.55 0.24 -6.67
C THR A 84 4.45 0.46 -7.70
N PRO A 85 3.29 1.02 -7.28
CA PRO A 85 2.17 1.28 -8.18
C PRO A 85 2.49 2.36 -9.21
N ALA A 86 1.96 2.21 -10.42
CA ALA A 86 2.18 3.19 -11.48
C ALA A 86 1.39 4.46 -11.25
N GLY A 87 2.08 5.60 -11.25
CA GLY A 87 1.42 6.87 -11.03
C GLY A 87 1.62 7.40 -9.63
N LEU A 88 2.09 6.54 -8.72
CA LEU A 88 2.33 6.93 -7.33
C LEU A 88 3.34 8.08 -7.25
N SER A 1 -22.10 -11.35 -12.54
CA SER A 1 -22.80 -10.75 -11.38
C SER A 1 -22.29 -9.34 -11.10
N PRO A 2 -22.74 -8.35 -11.91
CA PRO A 2 -22.32 -6.95 -11.74
C PRO A 2 -23.07 -6.25 -10.63
N ALA A 3 -22.83 -6.67 -9.39
CA ALA A 3 -23.47 -6.05 -8.24
C ALA A 3 -22.98 -4.62 -8.09
N ALA A 4 -21.93 -4.31 -8.85
CA ALA A 4 -21.34 -2.99 -8.84
C ALA A 4 -21.90 -2.14 -9.99
N MET A 5 -23.12 -2.47 -10.40
CA MET A 5 -23.79 -1.76 -11.49
C MET A 5 -23.76 -0.25 -11.26
N GLU A 6 -24.42 0.20 -10.20
CA GLU A 6 -24.47 1.62 -9.87
C GLU A 6 -23.53 1.94 -8.71
N ARG A 7 -22.70 0.97 -8.33
CA ARG A 7 -21.76 1.14 -7.24
C ARG A 7 -20.33 1.21 -7.76
N GLN A 8 -19.55 2.15 -7.24
CA GLN A 8 -18.16 2.32 -7.66
C GLN A 8 -17.26 2.62 -6.47
N VAL A 9 -16.04 2.11 -6.52
CA VAL A 9 -15.07 2.33 -5.45
C VAL A 9 -14.10 3.47 -5.81
N PRO A 10 -13.87 4.42 -4.88
CA PRO A 10 -12.96 5.54 -5.12
C PRO A 10 -11.49 5.11 -5.14
N TYR A 11 -10.66 5.96 -5.76
CA TYR A 11 -9.21 5.72 -5.89
C TYR A 11 -8.76 4.37 -5.34
N THR A 12 -8.46 3.44 -6.23
CA THR A 12 -8.00 2.12 -5.85
C THR A 12 -6.54 1.91 -6.23
N PRO A 13 -5.66 1.66 -5.23
CA PRO A 13 -4.27 1.42 -5.49
C PRO A 13 -3.95 -0.06 -5.59
N CYS A 14 -3.68 -0.51 -6.81
CA CYS A 14 -3.34 -1.91 -7.08
C CYS A 14 -4.57 -2.80 -6.97
N SER A 15 -4.69 -3.73 -7.91
CA SER A 15 -5.81 -4.65 -7.95
C SER A 15 -5.48 -5.85 -8.83
N GLY A 16 -5.90 -7.04 -8.39
CA GLY A 16 -5.63 -8.24 -9.15
C GLY A 16 -4.23 -8.77 -8.90
N LEU A 17 -3.23 -7.95 -9.21
CA LEU A 17 -1.84 -8.34 -9.02
C LEU A 17 -1.52 -8.45 -7.54
N TYR A 18 -1.87 -7.42 -6.77
CA TYR A 18 -1.64 -7.41 -5.34
C TYR A 18 -2.92 -7.10 -4.59
N GLY A 19 -3.69 -6.16 -5.14
CA GLY A 19 -4.96 -5.77 -4.56
C GLY A 19 -4.86 -5.25 -3.14
N THR A 20 -3.66 -5.16 -2.59
CA THR A 20 -3.49 -4.68 -1.22
C THR A 20 -2.43 -3.59 -1.12
N ALA A 21 -2.84 -2.41 -0.63
CA ALA A 21 -1.91 -1.29 -0.47
C ALA A 21 -1.44 -1.15 0.98
N GLN A 22 -0.17 -0.79 1.18
CA GLN A 22 0.37 -0.64 2.53
C GLN A 22 1.76 -0.01 2.49
N CYS A 23 2.35 0.18 3.68
CA CYS A 23 3.69 0.77 3.77
C CYS A 23 4.75 -0.29 4.03
N CYS A 24 5.73 -0.38 3.13
CA CYS A 24 6.82 -1.37 3.27
C CYS A 24 8.05 -0.71 3.88
N ALA A 25 8.36 -1.07 5.13
CA ALA A 25 9.52 -0.52 5.81
C ALA A 25 10.77 -1.35 5.50
N THR A 26 11.64 -0.79 4.67
CA THR A 26 12.87 -1.48 4.30
C THR A 26 13.80 -1.64 5.50
N ASP A 27 14.73 -2.58 5.40
CA ASP A 27 15.67 -2.84 6.47
C ASP A 27 16.90 -1.94 6.33
N VAL A 28 17.73 -1.91 7.37
CA VAL A 28 18.94 -1.09 7.38
C VAL A 28 20.19 -1.92 7.10
N LEU A 29 20.32 -3.04 7.81
CA LEU A 29 21.48 -3.92 7.62
C LEU A 29 21.05 -5.26 7.07
N GLY A 30 20.00 -5.84 7.66
CA GLY A 30 19.49 -7.11 7.18
C GLY A 30 18.65 -6.94 5.93
N VAL A 31 19.02 -5.95 5.11
CA VAL A 31 18.32 -5.65 3.88
C VAL A 31 18.04 -6.92 3.07
N ALA A 32 16.76 -7.15 2.79
CA ALA A 32 16.32 -8.31 2.03
C ALA A 32 14.81 -8.28 1.86
N ASP A 33 14.11 -7.95 2.94
CA ASP A 33 12.66 -7.88 2.93
C ASP A 33 12.18 -6.59 3.61
N LEU A 34 10.94 -6.19 3.34
CA LEU A 34 10.41 -4.97 3.94
C LEU A 34 9.13 -5.28 4.71
N ASP A 35 9.07 -4.83 5.96
CA ASP A 35 7.90 -5.06 6.79
C ASP A 35 6.73 -4.22 6.29
N CYS A 36 5.83 -4.85 5.53
CA CYS A 36 4.67 -4.14 5.01
C CYS A 36 3.42 -4.47 5.81
N ALA A 37 2.89 -3.47 6.49
CA ALA A 37 1.68 -3.65 7.30
C ALA A 37 0.49 -2.96 6.66
N ASN A 38 -0.60 -3.69 6.51
CA ASN A 38 -1.81 -3.15 5.88
C ASN A 38 -2.49 -2.12 6.80
N PRO A 39 -2.61 -0.86 6.35
CA PRO A 39 -3.25 0.20 7.13
C PRO A 39 -4.76 0.26 6.91
N PRO A 40 -5.57 -0.15 7.91
CA PRO A 40 -7.02 -0.11 7.80
C PRO A 40 -7.56 1.31 7.84
N ALA A 41 -8.03 1.80 6.70
CA ALA A 41 -8.57 3.15 6.60
C ALA A 41 -9.03 3.45 5.18
N THR A 42 -9.62 4.63 5.00
CA THR A 42 -10.11 5.04 3.68
C THR A 42 -9.11 5.98 2.99
N LEU A 43 -8.20 5.39 2.22
CA LEU A 43 -7.19 6.16 1.50
C LEU A 43 -7.86 7.16 0.56
N ALA A 44 -7.97 8.41 1.01
CA ALA A 44 -8.60 9.47 0.22
C ALA A 44 -8.02 9.54 -1.18
N ASN A 45 -6.71 9.43 -1.28
CA ASN A 45 -6.02 9.48 -2.57
C ASN A 45 -4.60 8.96 -2.46
N ALA A 46 -3.80 9.19 -3.50
CA ALA A 46 -2.42 8.73 -3.51
C ALA A 46 -1.56 9.49 -2.52
N THR A 47 -1.55 10.81 -2.64
CA THR A 47 -0.77 11.67 -1.76
C THR A 47 -1.09 11.39 -0.29
N HIS A 48 -2.24 10.77 -0.04
CA HIS A 48 -2.65 10.47 1.32
C HIS A 48 -1.89 9.29 1.91
N PHE A 49 -1.92 8.14 1.23
CA PHE A 49 -1.20 6.98 1.75
C PHE A 49 0.28 7.07 1.39
N GLU A 50 0.59 7.93 0.43
CA GLU A 50 1.98 8.15 0.04
C GLU A 50 2.71 8.85 1.19
N SER A 51 2.00 9.77 1.85
CA SER A 51 2.57 10.51 2.97
C SER A 51 2.48 9.71 4.26
N THR A 52 1.41 8.93 4.41
CA THR A 52 1.23 8.13 5.62
C THR A 52 2.40 7.15 5.80
N CYS A 53 3.00 6.74 4.70
CA CYS A 53 4.14 5.83 4.74
C CYS A 53 5.44 6.61 4.89
N ALA A 54 5.60 7.65 4.07
CA ALA A 54 6.79 8.49 4.10
C ALA A 54 6.98 9.16 5.46
N ALA A 55 5.93 9.13 6.28
CA ALA A 55 5.98 9.75 7.61
C ALA A 55 7.23 9.29 8.37
N ILE A 56 7.44 7.98 8.38
CA ILE A 56 8.60 7.41 9.07
C ILE A 56 9.76 7.22 8.09
N GLY A 57 9.48 7.47 6.81
CA GLY A 57 10.50 7.34 5.79
C GLY A 57 10.26 6.15 4.87
N GLN A 58 9.00 5.72 4.78
CA GLN A 58 8.65 4.58 3.94
C GLN A 58 7.95 5.04 2.67
N ARG A 59 7.34 4.09 1.95
CA ARG A 59 6.65 4.38 0.71
C ARG A 59 5.49 3.41 0.49
N ALA A 60 4.50 3.86 -0.28
CA ALA A 60 3.34 3.04 -0.59
C ALA A 60 3.70 1.90 -1.55
N ARG A 61 3.40 0.67 -1.15
CA ARG A 61 3.69 -0.49 -1.97
C ARG A 61 2.47 -1.42 -2.08
N CYS A 62 2.66 -2.53 -2.78
CA CYS A 62 1.58 -3.52 -2.97
C CYS A 62 2.18 -4.92 -3.11
N CYS A 63 1.79 -5.84 -2.21
CA CYS A 63 2.33 -7.20 -2.25
C CYS A 63 1.23 -8.23 -2.41
N LYS A 64 1.63 -9.48 -2.66
CA LYS A 64 0.68 -10.58 -2.85
C LYS A 64 0.52 -11.38 -1.55
N ASP A 65 -0.20 -12.51 -1.65
CA ASP A 65 -0.44 -13.39 -0.50
C ASP A 65 -1.46 -12.78 0.45
N ASP A 66 -1.99 -11.62 0.08
CA ASP A 66 -2.97 -10.93 0.91
C ASP A 66 -4.31 -10.83 0.17
N VAL A 67 -4.55 -11.78 -0.73
CA VAL A 67 -5.77 -11.81 -1.52
C VAL A 67 -6.67 -12.98 -1.12
N THR A 68 -6.03 -14.09 -0.75
CA THR A 68 -6.77 -15.29 -0.35
C THR A 68 -7.46 -15.09 0.99
N ASN A 69 -7.15 -13.97 1.66
CA ASN A 69 -7.73 -13.67 2.96
C ASN A 69 -7.51 -12.20 3.32
N THR A 70 -8.59 -11.45 3.42
CA THR A 70 -8.51 -10.04 3.77
C THR A 70 -7.93 -9.84 5.15
N GLY A 71 -7.91 -10.91 5.94
CA GLY A 71 -7.37 -10.84 7.29
C GLY A 71 -5.87 -10.63 7.30
N ASN A 72 -5.22 -11.04 6.22
CA ASN A 72 -3.77 -10.89 6.09
C ASN A 72 -3.37 -9.42 6.07
N SER A 73 -3.06 -8.88 7.24
CA SER A 73 -2.66 -7.48 7.35
C SER A 73 -1.15 -7.33 7.28
N PHE A 74 -0.45 -7.81 8.31
CA PHE A 74 1.01 -7.72 8.35
C PHE A 74 1.64 -9.01 7.84
N LEU A 75 2.54 -8.87 6.86
CA LEU A 75 3.23 -10.02 6.28
C LEU A 75 4.70 -9.73 6.04
N ILE A 76 5.52 -10.77 6.10
CA ILE A 76 6.95 -10.64 5.88
C ILE A 76 7.27 -11.18 4.49
N ILE A 77 7.63 -10.29 3.57
CA ILE A 77 7.90 -10.71 2.20
C ILE A 77 9.04 -9.94 1.56
N ASN A 78 9.51 -10.48 0.43
CA ASN A 78 10.61 -9.88 -0.32
C ASN A 78 10.23 -8.50 -0.83
N ALA A 79 11.22 -7.76 -1.32
CA ALA A 79 10.99 -6.42 -1.86
C ALA A 79 10.32 -6.51 -3.22
N ALA A 80 10.78 -7.46 -4.04
CA ALA A 80 10.23 -7.67 -5.37
C ALA A 80 8.77 -8.10 -5.28
N ASN A 81 8.42 -8.75 -4.17
CA ASN A 81 7.06 -9.22 -3.97
C ASN A 81 6.11 -8.02 -3.82
N CYS A 82 6.70 -6.84 -3.73
CA CYS A 82 5.93 -5.61 -3.58
C CYS A 82 6.35 -4.59 -4.63
N GLN A 83 5.53 -4.43 -5.67
CA GLN A 83 5.83 -3.49 -6.74
C GLN A 83 5.06 -2.18 -6.57
N THR A 84 5.74 -1.07 -6.85
CA THR A 84 5.15 0.25 -6.73
C THR A 84 3.94 0.40 -7.65
N PRO A 85 2.82 0.95 -7.15
CA PRO A 85 1.61 1.14 -7.95
C PRO A 85 1.84 2.08 -9.12
N ALA A 86 1.23 1.77 -10.26
CA ALA A 86 1.36 2.59 -11.46
C ALA A 86 0.64 3.92 -11.31
N GLY A 87 1.38 5.02 -11.47
CA GLY A 87 0.79 6.33 -11.34
C GLY A 87 1.11 6.99 -10.02
N LEU A 88 1.63 6.21 -9.08
CA LEU A 88 1.99 6.72 -7.76
C LEU A 88 3.01 7.86 -7.88
N SER A 1 -13.92 22.83 -13.69
CA SER A 1 -15.03 21.97 -14.18
C SER A 1 -15.32 20.86 -13.16
N PRO A 2 -16.16 21.14 -12.14
CA PRO A 2 -16.53 20.17 -11.12
C PRO A 2 -17.53 19.14 -11.62
N ALA A 3 -17.10 18.30 -12.56
CA ALA A 3 -17.97 17.26 -13.10
C ALA A 3 -18.29 16.25 -12.02
N ALA A 4 -17.61 16.39 -10.90
CA ALA A 4 -17.80 15.51 -9.75
C ALA A 4 -18.71 16.16 -8.72
N MET A 5 -19.58 17.05 -9.20
CA MET A 5 -20.52 17.76 -8.34
C MET A 5 -21.28 16.78 -7.44
N GLU A 6 -22.08 15.91 -8.06
CA GLU A 6 -22.87 14.94 -7.32
C GLU A 6 -22.24 13.55 -7.39
N ARG A 7 -21.15 13.44 -8.15
CA ARG A 7 -20.46 12.16 -8.30
C ARG A 7 -19.10 12.19 -7.60
N GLN A 8 -18.73 11.06 -6.99
CA GLN A 8 -17.45 10.96 -6.30
C GLN A 8 -16.56 9.90 -6.95
N VAL A 9 -15.44 10.34 -7.51
CA VAL A 9 -14.50 9.43 -8.17
C VAL A 9 -13.60 8.74 -7.16
N PRO A 10 -13.72 7.41 -7.01
CA PRO A 10 -12.89 6.64 -6.06
C PRO A 10 -11.44 6.51 -6.54
N TYR A 11 -10.59 6.00 -5.67
CA TYR A 11 -9.18 5.82 -5.99
C TYR A 11 -8.67 4.45 -5.54
N THR A 12 -8.26 3.64 -6.49
CA THR A 12 -7.75 2.30 -6.19
C THR A 12 -6.25 2.22 -6.48
N PRO A 13 -5.42 1.91 -5.46
CA PRO A 13 -3.99 1.78 -5.63
C PRO A 13 -3.58 0.33 -5.84
N CYS A 14 -3.20 0.03 -7.07
CA CYS A 14 -2.75 -1.32 -7.45
C CYS A 14 -3.91 -2.31 -7.41
N SER A 15 -3.79 -3.35 -8.23
CA SER A 15 -4.83 -4.37 -8.32
C SER A 15 -4.34 -5.57 -9.13
N GLY A 16 -5.07 -6.68 -9.03
CA GLY A 16 -4.73 -7.89 -9.76
C GLY A 16 -3.50 -8.58 -9.19
N LEU A 17 -2.33 -8.01 -9.45
CA LEU A 17 -1.08 -8.59 -8.98
C LEU A 17 -1.04 -8.69 -7.46
N TYR A 18 -1.42 -7.62 -6.77
CA TYR A 18 -1.42 -7.61 -5.31
C TYR A 18 -2.75 -7.12 -4.76
N GLY A 19 -3.28 -6.09 -5.39
CA GLY A 19 -4.56 -5.53 -4.99
C GLY A 19 -4.61 -5.05 -3.54
N THR A 20 -3.48 -5.05 -2.85
CA THR A 20 -3.46 -4.61 -1.44
C THR A 20 -2.37 -3.59 -1.17
N ALA A 21 -2.76 -2.30 -1.14
CA ALA A 21 -1.81 -1.22 -0.84
C ALA A 21 -1.40 -1.26 0.63
N GLN A 22 -0.17 -0.86 0.93
CA GLN A 22 0.34 -0.87 2.30
C GLN A 22 1.72 -0.24 2.39
N CYS A 23 2.22 -0.06 3.61
CA CYS A 23 3.53 0.55 3.81
C CYS A 23 4.58 -0.52 4.11
N CYS A 24 5.69 -0.50 3.36
CA CYS A 24 6.76 -1.48 3.55
C CYS A 24 8.01 -0.82 4.12
N ALA A 25 8.34 -1.15 5.36
CA ALA A 25 9.52 -0.60 6.02
C ALA A 25 10.76 -1.39 5.64
N THR A 26 11.57 -0.82 4.75
CA THR A 26 12.79 -1.49 4.28
C THR A 26 13.82 -1.60 5.40
N ASP A 27 14.76 -2.52 5.22
CA ASP A 27 15.82 -2.74 6.20
C ASP A 27 16.90 -1.67 6.07
N VAL A 28 17.90 -1.72 6.95
CA VAL A 28 18.99 -0.75 6.93
C VAL A 28 20.07 -1.14 5.93
N LEU A 29 20.87 -2.15 6.29
CA LEU A 29 21.95 -2.63 5.42
C LEU A 29 21.72 -4.07 5.03
N GLY A 30 21.19 -4.85 5.98
CA GLY A 30 20.91 -6.25 5.70
C GLY A 30 19.61 -6.42 4.93
N VAL A 31 19.37 -5.50 4.00
CA VAL A 31 18.17 -5.52 3.19
C VAL A 31 17.93 -6.89 2.55
N ALA A 32 16.66 -7.21 2.36
CA ALA A 32 16.25 -8.48 1.76
C ALA A 32 14.73 -8.54 1.70
N ASP A 33 14.10 -8.08 2.77
CA ASP A 33 12.65 -8.05 2.87
C ASP A 33 12.20 -6.77 3.59
N LEU A 34 10.97 -6.36 3.37
CA LEU A 34 10.45 -5.14 4.02
C LEU A 34 9.20 -5.47 4.82
N ASP A 35 9.15 -4.98 6.06
CA ASP A 35 7.99 -5.21 6.91
C ASP A 35 6.79 -4.44 6.37
N CYS A 36 5.92 -5.13 5.64
CA CYS A 36 4.74 -4.50 5.05
C CYS A 36 3.51 -4.69 5.93
N ALA A 37 2.99 -3.57 6.44
CA ALA A 37 1.80 -3.60 7.30
C ALA A 37 0.61 -2.98 6.58
N ASN A 38 -0.52 -3.68 6.61
CA ASN A 38 -1.73 -3.19 5.95
C ASN A 38 -2.39 -2.10 6.80
N PRO A 39 -2.47 -0.86 6.27
CA PRO A 39 -3.10 0.26 6.98
C PRO A 39 -4.61 0.30 6.79
N PRO A 40 -5.39 -0.03 7.85
CA PRO A 40 -6.84 -0.02 7.78
C PRO A 40 -7.41 1.40 7.83
N ALA A 41 -7.92 1.85 6.68
CA ALA A 41 -8.49 3.19 6.56
C ALA A 41 -8.94 3.47 5.13
N THR A 42 -9.63 4.58 4.94
CA THR A 42 -10.10 4.96 3.61
C THR A 42 -9.12 5.90 2.94
N LEU A 43 -8.24 5.34 2.11
CA LEU A 43 -7.24 6.13 1.40
C LEU A 43 -7.91 7.19 0.52
N ALA A 44 -7.90 8.43 0.99
CA ALA A 44 -8.51 9.54 0.26
C ALA A 44 -7.96 9.64 -1.15
N ASN A 45 -6.66 9.39 -1.30
CA ASN A 45 -6.00 9.45 -2.60
C ASN A 45 -4.59 8.90 -2.50
N ALA A 46 -3.78 9.15 -3.54
CA ALA A 46 -2.41 8.66 -3.57
C ALA A 46 -1.53 9.39 -2.56
N THR A 47 -1.47 10.71 -2.67
CA THR A 47 -0.65 11.51 -1.77
C THR A 47 -1.02 11.24 -0.31
N HIS A 48 -2.21 10.67 -0.10
CA HIS A 48 -2.70 10.38 1.24
C HIS A 48 -1.98 9.20 1.87
N PHE A 49 -2.01 8.04 1.20
CA PHE A 49 -1.34 6.87 1.75
C PHE A 49 0.15 6.92 1.43
N GLU A 50 0.51 7.77 0.47
CA GLU A 50 1.91 7.95 0.13
C GLU A 50 2.62 8.65 1.29
N SER A 51 1.89 9.54 1.97
CA SER A 51 2.43 10.26 3.10
C SER A 51 2.31 9.44 4.39
N THR A 52 1.24 8.65 4.49
CA THR A 52 1.03 7.82 5.67
C THR A 52 2.20 6.85 5.85
N CYS A 53 2.79 6.45 4.73
CA CYS A 53 3.94 5.54 4.75
C CYS A 53 5.24 6.34 4.95
N ALA A 54 5.38 7.42 4.18
CA ALA A 54 6.55 8.27 4.25
C ALA A 54 6.70 8.91 5.62
N ALA A 55 5.64 8.87 6.42
CA ALA A 55 5.66 9.44 7.76
C ALA A 55 6.89 8.98 8.53
N ILE A 56 7.13 7.67 8.52
CA ILE A 56 8.27 7.09 9.20
C ILE A 56 9.47 6.98 8.25
N GLY A 57 9.22 7.30 6.98
CA GLY A 57 10.27 7.24 5.98
C GLY A 57 10.07 6.11 4.98
N GLN A 58 8.84 5.62 4.87
CA GLN A 58 8.53 4.53 3.96
C GLN A 58 7.83 5.04 2.71
N ARG A 59 7.15 4.13 2.00
CA ARG A 59 6.43 4.48 0.78
C ARG A 59 5.32 3.49 0.52
N ALA A 60 4.37 3.91 -0.31
CA ALA A 60 3.23 3.08 -0.67
C ALA A 60 3.64 1.93 -1.59
N ARG A 61 3.33 0.69 -1.17
CA ARG A 61 3.66 -0.51 -1.94
C ARG A 61 2.44 -1.41 -2.06
N CYS A 62 2.62 -2.56 -2.72
CA CYS A 62 1.55 -3.54 -2.91
C CYS A 62 2.15 -4.94 -3.01
N CYS A 63 1.80 -5.82 -2.06
CA CYS A 63 2.33 -7.18 -2.06
C CYS A 63 1.21 -8.22 -2.09
N LYS A 64 1.57 -9.47 -2.38
CA LYS A 64 0.59 -10.56 -2.44
C LYS A 64 0.54 -11.32 -1.11
N ASP A 65 -0.31 -12.34 -1.06
CA ASP A 65 -0.48 -13.18 0.13
C ASP A 65 -1.31 -12.45 1.20
N ASP A 66 -1.85 -11.30 0.84
CA ASP A 66 -2.67 -10.52 1.76
C ASP A 66 -4.08 -10.37 1.21
N VAL A 67 -4.46 -11.28 0.32
CA VAL A 67 -5.78 -11.25 -0.30
C VAL A 67 -6.59 -12.48 0.06
N THR A 68 -5.92 -13.62 0.26
CA THR A 68 -6.59 -14.87 0.61
C THR A 68 -7.37 -14.75 1.92
N ASN A 69 -7.12 -13.68 2.66
CA ASN A 69 -7.81 -13.45 3.93
C ASN A 69 -7.57 -12.02 4.42
N THR A 70 -8.66 -11.29 4.57
CA THR A 70 -8.59 -9.90 5.04
C THR A 70 -7.95 -9.81 6.42
N GLY A 71 -7.96 -10.93 7.14
CA GLY A 71 -7.36 -10.96 8.47
C GLY A 71 -5.87 -10.73 8.44
N ASN A 72 -5.28 -10.81 7.25
CA ASN A 72 -3.85 -10.61 7.09
C ASN A 72 -3.51 -9.12 7.01
N SER A 73 -2.67 -8.65 7.94
CA SER A 73 -2.27 -7.25 7.96
C SER A 73 -0.79 -7.10 7.67
N PHE A 74 0.04 -7.46 8.64
CA PHE A 74 1.50 -7.37 8.49
C PHE A 74 2.09 -8.70 8.04
N LEU A 75 2.88 -8.67 6.97
CA LEU A 75 3.51 -9.87 6.44
C LEU A 75 5.00 -9.63 6.16
N ILE A 76 5.77 -10.71 6.19
CA ILE A 76 7.20 -10.64 5.92
C ILE A 76 7.47 -11.23 4.54
N ILE A 77 7.68 -10.36 3.55
CA ILE A 77 7.91 -10.81 2.19
C ILE A 77 9.06 -10.07 1.51
N ASN A 78 9.47 -10.61 0.37
CA ASN A 78 10.56 -10.06 -0.42
C ASN A 78 10.22 -8.67 -0.94
N ALA A 79 11.24 -7.92 -1.36
CA ALA A 79 11.04 -6.59 -1.90
C ALA A 79 10.39 -6.66 -3.27
N ALA A 80 10.73 -7.70 -4.03
CA ALA A 80 10.18 -7.90 -5.36
C ALA A 80 8.71 -8.29 -5.27
N ASN A 81 8.33 -8.88 -4.14
CA ASN A 81 6.96 -9.30 -3.92
C ASN A 81 6.06 -8.09 -3.76
N CYS A 82 6.67 -6.91 -3.74
CA CYS A 82 5.94 -5.66 -3.60
C CYS A 82 6.35 -4.67 -4.69
N GLN A 83 5.46 -4.46 -5.66
CA GLN A 83 5.75 -3.54 -6.76
C GLN A 83 4.90 -2.28 -6.65
N THR A 84 5.54 -1.13 -6.82
CA THR A 84 4.86 0.16 -6.75
C THR A 84 3.58 0.18 -7.59
N PRO A 85 2.48 0.71 -7.05
CA PRO A 85 1.19 0.78 -7.78
C PRO A 85 1.28 1.62 -9.05
N ALA A 86 0.36 1.36 -9.97
CA ALA A 86 0.32 2.09 -11.24
C ALA A 86 -0.02 3.56 -11.01
N GLY A 87 0.76 4.45 -11.61
CA GLY A 87 0.52 5.87 -11.47
C GLY A 87 1.34 6.48 -10.34
N LEU A 88 1.83 5.64 -9.43
CA LEU A 88 2.62 6.10 -8.31
C LEU A 88 4.10 5.82 -8.54
N SER A 1 -15.11 26.74 -8.23
CA SER A 1 -16.35 26.03 -8.65
C SER A 1 -16.23 24.52 -8.40
N PRO A 2 -16.31 24.10 -7.13
CA PRO A 2 -16.21 22.68 -6.78
C PRO A 2 -17.47 21.90 -7.10
N ALA A 3 -17.67 21.61 -8.37
CA ALA A 3 -18.84 20.85 -8.81
C ALA A 3 -18.76 19.43 -8.25
N ALA A 4 -17.62 19.13 -7.65
CA ALA A 4 -17.36 17.83 -7.05
C ALA A 4 -17.63 17.87 -5.55
N MET A 5 -18.50 18.79 -5.13
CA MET A 5 -18.85 18.95 -3.73
C MET A 5 -19.27 17.61 -3.10
N GLU A 6 -20.35 17.04 -3.64
CA GLU A 6 -20.86 15.76 -3.14
C GLU A 6 -20.50 14.62 -4.09
N ARG A 7 -19.64 14.92 -5.07
CA ARG A 7 -19.23 13.92 -6.05
C ARG A 7 -17.76 13.54 -5.85
N GLN A 8 -17.52 12.29 -5.46
CA GLN A 8 -16.17 11.81 -5.22
C GLN A 8 -15.80 10.73 -6.23
N VAL A 9 -14.60 10.84 -6.81
CA VAL A 9 -14.12 9.87 -7.78
C VAL A 9 -13.31 8.76 -7.10
N PRO A 10 -13.70 7.48 -7.29
CA PRO A 10 -13.01 6.34 -6.68
C PRO A 10 -11.55 6.24 -7.10
N TYR A 11 -10.70 5.84 -6.17
CA TYR A 11 -9.27 5.68 -6.43
C TYR A 11 -8.78 4.32 -5.93
N THR A 12 -8.37 3.46 -6.84
CA THR A 12 -7.89 2.13 -6.48
C THR A 12 -6.40 1.96 -6.80
N PRO A 13 -5.57 1.67 -5.78
CA PRO A 13 -4.16 1.45 -5.97
C PRO A 13 -3.82 -0.05 -6.03
N CYS A 14 -3.49 -0.50 -7.22
CA CYS A 14 -3.12 -1.91 -7.46
C CYS A 14 -4.35 -2.81 -7.42
N SER A 15 -4.39 -3.78 -8.34
CA SER A 15 -5.52 -4.70 -8.41
C SER A 15 -5.12 -5.97 -9.16
N GLY A 16 -5.61 -7.11 -8.69
CA GLY A 16 -5.30 -8.38 -9.32
C GLY A 16 -3.97 -8.96 -8.88
N LEU A 17 -2.87 -8.29 -9.24
CA LEU A 17 -1.54 -8.76 -8.88
C LEU A 17 -1.39 -8.84 -7.37
N TYR A 18 -1.71 -7.75 -6.68
CA TYR A 18 -1.61 -7.72 -5.22
C TYR A 18 -2.91 -7.17 -4.63
N GLY A 19 -3.43 -6.14 -5.27
CA GLY A 19 -4.68 -5.54 -4.85
C GLY A 19 -4.69 -5.04 -3.41
N THR A 20 -3.53 -4.98 -2.77
CA THR A 20 -3.48 -4.54 -1.37
C THR A 20 -2.41 -3.46 -1.16
N ALA A 21 -2.87 -2.23 -0.89
CA ALA A 21 -1.95 -1.12 -0.63
C ALA A 21 -1.44 -1.20 0.81
N GLN A 22 -0.19 -0.79 1.03
CA GLN A 22 0.39 -0.85 2.37
C GLN A 22 1.78 -0.23 2.41
N CYS A 23 2.31 -0.04 3.61
CA CYS A 23 3.63 0.56 3.78
C CYS A 23 4.67 -0.52 4.07
N CYS A 24 5.78 -0.49 3.36
CA CYS A 24 6.84 -1.49 3.54
C CYS A 24 8.11 -0.85 4.10
N ALA A 25 8.45 -1.22 5.34
CA ALA A 25 9.65 -0.69 5.99
C ALA A 25 10.87 -1.50 5.59
N THR A 26 11.72 -0.92 4.75
CA THR A 26 12.92 -1.60 4.30
C THR A 26 13.95 -1.72 5.40
N ASP A 27 14.89 -2.63 5.23
CA ASP A 27 15.94 -2.86 6.21
C ASP A 27 17.05 -1.80 6.06
N VAL A 28 18.14 -1.98 6.80
CA VAL A 28 19.25 -1.03 6.73
C VAL A 28 20.44 -1.60 5.96
N LEU A 29 21.04 -2.66 6.49
CA LEU A 29 22.18 -3.30 5.84
C LEU A 29 21.84 -4.72 5.41
N GLY A 30 21.22 -5.46 6.31
CA GLY A 30 20.82 -6.83 5.99
C GLY A 30 19.55 -6.86 5.18
N VAL A 31 19.44 -5.91 4.24
CA VAL A 31 18.26 -5.80 3.39
C VAL A 31 18.00 -7.09 2.61
N ALA A 32 16.72 -7.37 2.41
CA ALA A 32 16.28 -8.56 1.68
C ALA A 32 14.76 -8.56 1.58
N ASP A 33 14.12 -8.20 2.68
CA ASP A 33 12.66 -8.14 2.75
C ASP A 33 12.23 -6.87 3.49
N LEU A 34 11.00 -6.42 3.26
CA LEU A 34 10.51 -5.21 3.92
C LEU A 34 9.27 -5.53 4.74
N ASP A 35 9.24 -5.02 5.97
CA ASP A 35 8.10 -5.24 6.85
C ASP A 35 6.88 -4.46 6.33
N CYS A 36 6.00 -5.16 5.64
CA CYS A 36 4.81 -4.54 5.08
C CYS A 36 3.58 -4.75 5.95
N ALA A 37 3.00 -3.65 6.43
CA ALA A 37 1.80 -3.72 7.28
C ALA A 37 0.59 -3.13 6.55
N ASN A 38 -0.51 -3.87 6.58
CA ASN A 38 -1.73 -3.44 5.91
C ASN A 38 -2.43 -2.33 6.71
N PRO A 39 -2.55 -1.11 6.13
CA PRO A 39 -3.21 0.00 6.79
C PRO A 39 -4.73 -0.01 6.61
N PRO A 40 -5.50 -0.33 7.67
CA PRO A 40 -6.96 -0.36 7.59
C PRO A 40 -7.57 1.04 7.60
N ALA A 41 -8.08 1.47 6.44
CA ALA A 41 -8.69 2.78 6.31
C ALA A 41 -9.12 3.04 4.86
N THR A 42 -9.82 4.15 4.65
CA THR A 42 -10.27 4.51 3.31
C THR A 42 -9.33 5.52 2.66
N LEU A 43 -8.41 5.00 1.84
CA LEU A 43 -7.44 5.84 1.15
C LEU A 43 -8.16 6.88 0.28
N ALA A 44 -8.20 8.12 0.76
CA ALA A 44 -8.86 9.21 0.04
C ALA A 44 -8.30 9.36 -1.37
N ASN A 45 -6.98 9.31 -1.48
CA ASN A 45 -6.33 9.43 -2.78
C ASN A 45 -4.90 8.89 -2.72
N ALA A 46 -4.10 9.20 -3.74
CA ALA A 46 -2.73 8.73 -3.79
C ALA A 46 -1.84 9.46 -2.79
N THR A 47 -1.78 10.79 -2.91
CA THR A 47 -0.97 11.61 -2.03
C THR A 47 -1.30 11.34 -0.56
N HIS A 48 -2.48 10.75 -0.32
CA HIS A 48 -2.91 10.46 1.04
C HIS A 48 -2.19 9.26 1.62
N PHE A 49 -2.24 8.12 0.94
CA PHE A 49 -1.56 6.93 1.44
C PHE A 49 -0.08 7.00 1.12
N GLU A 50 0.26 7.87 0.17
CA GLU A 50 1.65 8.08 -0.20
C GLU A 50 2.40 8.71 0.97
N SER A 51 1.73 9.63 1.66
CA SER A 51 2.32 10.30 2.81
C SER A 51 2.16 9.48 4.09
N THR A 52 1.05 8.75 4.18
CA THR A 52 0.79 7.92 5.36
C THR A 52 1.96 6.98 5.63
N CYS A 53 2.62 6.54 4.57
CA CYS A 53 3.76 5.65 4.68
C CYS A 53 5.04 6.47 4.90
N ALA A 54 5.19 7.54 4.13
CA ALA A 54 6.36 8.41 4.23
C ALA A 54 6.45 9.04 5.62
N ALA A 55 5.36 8.98 6.38
CA ALA A 55 5.34 9.55 7.73
C ALA A 55 6.53 9.06 8.54
N ILE A 56 6.74 7.75 8.54
CA ILE A 56 7.86 7.15 9.26
C ILE A 56 9.11 7.11 8.39
N GLY A 57 8.92 7.41 7.10
CA GLY A 57 10.02 7.41 6.17
C GLY A 57 9.96 6.25 5.19
N GLN A 58 8.74 5.87 4.82
CA GLN A 58 8.54 4.76 3.88
C GLN A 58 7.77 5.22 2.64
N ARG A 59 7.19 4.26 1.92
CA ARG A 59 6.44 4.56 0.70
C ARG A 59 5.27 3.61 0.51
N ALA A 60 4.33 4.04 -0.31
CA ALA A 60 3.16 3.22 -0.62
C ALA A 60 3.53 2.07 -1.54
N ARG A 61 3.22 0.85 -1.12
CA ARG A 61 3.54 -0.34 -1.89
C ARG A 61 2.31 -1.25 -2.05
N CYS A 62 2.52 -2.39 -2.70
CA CYS A 62 1.47 -3.37 -2.92
C CYS A 62 2.08 -4.78 -2.98
N CYS A 63 1.77 -5.62 -1.99
CA CYS A 63 2.33 -6.97 -1.94
C CYS A 63 1.24 -8.03 -1.87
N LYS A 64 1.62 -9.28 -2.10
CA LYS A 64 0.65 -10.40 -2.05
C LYS A 64 0.66 -11.06 -0.67
N ASP A 65 -0.22 -12.06 -0.50
CA ASP A 65 -0.33 -12.81 0.76
C ASP A 65 -1.19 -12.06 1.78
N ASP A 66 -1.71 -10.91 1.37
CA ASP A 66 -2.55 -10.10 2.24
C ASP A 66 -3.96 -9.99 1.68
N VAL A 67 -4.36 -10.99 0.91
CA VAL A 67 -5.70 -11.01 0.30
C VAL A 67 -6.45 -12.29 0.63
N THR A 68 -5.80 -13.43 0.39
CA THR A 68 -6.41 -14.73 0.65
C THR A 68 -6.43 -15.05 2.15
N ASN A 69 -6.17 -14.02 2.97
CA ASN A 69 -6.17 -14.20 4.41
C ASN A 69 -6.94 -13.08 5.08
N THR A 70 -8.18 -13.38 5.47
CA THR A 70 -9.04 -12.41 6.13
C THR A 70 -8.35 -11.80 7.35
N GLY A 71 -7.49 -12.57 7.99
CA GLY A 71 -6.78 -12.09 9.16
C GLY A 71 -5.46 -11.44 8.80
N ASN A 72 -5.39 -10.87 7.59
CA ASN A 72 -4.17 -10.22 7.11
C ASN A 72 -3.84 -8.98 7.94
N SER A 73 -2.56 -8.79 8.23
CA SER A 73 -2.12 -7.64 9.01
C SER A 73 -0.63 -7.39 8.79
N PHE A 74 0.21 -8.27 9.33
CA PHE A 74 1.66 -8.14 9.17
C PHE A 74 2.24 -9.34 8.45
N LEU A 75 3.04 -9.08 7.40
CA LEU A 75 3.65 -10.16 6.62
C LEU A 75 5.12 -9.87 6.32
N ILE A 76 5.87 -10.93 6.10
CA ILE A 76 7.29 -10.82 5.77
C ILE A 76 7.50 -11.32 4.35
N ILE A 77 7.64 -10.40 3.41
CA ILE A 77 7.79 -10.78 2.01
C ILE A 77 8.98 -10.11 1.35
N ASN A 78 9.40 -10.67 0.22
CA ASN A 78 10.53 -10.16 -0.54
C ASN A 78 10.18 -8.83 -1.20
N ALA A 79 11.21 -8.02 -1.45
CA ALA A 79 11.02 -6.72 -2.08
C ALA A 79 10.44 -6.86 -3.48
N ALA A 80 10.54 -8.07 -4.04
CA ALA A 80 10.02 -8.35 -5.37
C ALA A 80 8.51 -8.48 -5.35
N ASN A 81 7.95 -8.82 -4.18
CA ASN A 81 6.51 -8.97 -4.06
C ASN A 81 5.81 -7.62 -4.03
N CYS A 82 6.48 -6.61 -3.53
CA CYS A 82 5.87 -5.30 -3.45
C CYS A 82 6.36 -4.39 -4.58
N GLN A 83 5.56 -4.28 -5.64
CA GLN A 83 5.92 -3.42 -6.77
C GLN A 83 5.16 -2.10 -6.69
N THR A 84 5.91 -1.00 -6.85
CA THR A 84 5.32 0.33 -6.79
C THR A 84 4.11 0.45 -7.71
N PRO A 85 2.97 0.98 -7.21
CA PRO A 85 1.75 1.13 -8.01
C PRO A 85 1.96 2.03 -9.22
N ALA A 86 1.28 1.70 -10.32
CA ALA A 86 1.40 2.49 -11.55
C ALA A 86 0.66 3.81 -11.42
N GLY A 87 1.39 4.91 -11.64
CA GLY A 87 0.78 6.22 -11.55
C GLY A 87 1.09 6.91 -10.22
N LEU A 88 1.58 6.14 -9.25
CA LEU A 88 1.91 6.68 -7.94
C LEU A 88 2.88 7.85 -8.05
N SER A 1 -15.52 26.90 -5.81
CA SER A 1 -16.84 26.35 -6.21
C SER A 1 -16.84 24.83 -6.16
N PRO A 2 -16.95 24.24 -4.95
CA PRO A 2 -16.95 22.78 -4.78
C PRO A 2 -18.26 22.14 -5.22
N ALA A 3 -18.51 22.13 -6.53
CA ALA A 3 -19.72 21.52 -7.06
C ALA A 3 -19.69 20.02 -6.80
N ALA A 4 -18.52 19.54 -6.39
CA ALA A 4 -18.32 18.13 -6.08
C ALA A 4 -18.57 17.87 -4.60
N MET A 5 -19.39 18.72 -3.99
CA MET A 5 -19.70 18.60 -2.57
C MET A 5 -20.13 17.17 -2.23
N GLU A 6 -21.06 16.63 -3.01
CA GLU A 6 -21.55 15.29 -2.79
C GLU A 6 -20.95 14.31 -3.81
N ARG A 7 -19.91 14.75 -4.50
CA ARG A 7 -19.25 13.91 -5.51
C ARG A 7 -17.88 13.47 -5.03
N GLN A 8 -17.51 12.24 -5.37
CA GLN A 8 -16.22 11.68 -4.97
C GLN A 8 -15.60 10.89 -6.12
N VAL A 9 -14.29 11.05 -6.30
CA VAL A 9 -13.57 10.35 -7.36
C VAL A 9 -12.91 9.08 -6.82
N PRO A 10 -13.41 7.89 -7.20
CA PRO A 10 -12.85 6.62 -6.76
C PRO A 10 -11.37 6.47 -7.08
N TYR A 11 -10.62 5.86 -6.16
CA TYR A 11 -9.19 5.66 -6.36
C TYR A 11 -8.76 4.29 -5.86
N THR A 12 -8.32 3.45 -6.79
CA THR A 12 -7.87 2.10 -6.45
C THR A 12 -6.39 1.92 -6.79
N PRO A 13 -5.55 1.63 -5.78
CA PRO A 13 -4.14 1.42 -5.98
C PRO A 13 -3.79 -0.07 -6.07
N CYS A 14 -3.46 -0.51 -7.28
CA CYS A 14 -3.08 -1.90 -7.55
C CYS A 14 -4.29 -2.82 -7.54
N SER A 15 -4.31 -3.75 -8.50
CA SER A 15 -5.41 -4.70 -8.61
C SER A 15 -5.00 -5.89 -9.48
N GLY A 16 -5.44 -7.09 -9.09
CA GLY A 16 -5.10 -8.29 -9.85
C GLY A 16 -3.82 -8.94 -9.38
N LEU A 17 -2.73 -8.17 -9.37
CA LEU A 17 -1.44 -8.69 -8.95
C LEU A 17 -1.36 -8.82 -7.42
N TYR A 18 -1.69 -7.74 -6.72
CA TYR A 18 -1.66 -7.76 -5.26
C TYR A 18 -2.96 -7.20 -4.70
N GLY A 19 -3.43 -6.13 -5.32
CA GLY A 19 -4.69 -5.52 -4.92
C GLY A 19 -4.71 -5.06 -3.48
N THR A 20 -3.54 -4.97 -2.84
CA THR A 20 -3.48 -4.56 -1.45
C THR A 20 -2.45 -3.45 -1.22
N ALA A 21 -2.93 -2.25 -0.90
CA ALA A 21 -2.06 -1.12 -0.62
C ALA A 21 -1.55 -1.18 0.82
N GLN A 22 -0.31 -0.71 1.06
CA GLN A 22 0.26 -0.75 2.40
C GLN A 22 1.65 -0.14 2.43
N CYS A 23 2.21 0.04 3.63
CA CYS A 23 3.53 0.64 3.79
C CYS A 23 4.58 -0.44 4.06
N CYS A 24 5.63 -0.46 3.24
CA CYS A 24 6.71 -1.44 3.39
C CYS A 24 7.99 -0.77 3.90
N ALA A 25 8.35 -1.08 5.14
CA ALA A 25 9.55 -0.51 5.74
C ALA A 25 10.76 -1.38 5.42
N THR A 26 11.62 -0.88 4.53
CA THR A 26 12.81 -1.61 4.13
C THR A 26 13.81 -1.72 5.28
N ASP A 27 14.73 -2.67 5.16
CA ASP A 27 15.75 -2.88 6.17
C ASP A 27 16.84 -1.81 6.07
N VAL A 28 17.93 -2.01 6.81
CA VAL A 28 19.03 -1.06 6.80
C VAL A 28 20.29 -1.67 6.19
N LEU A 29 20.70 -2.83 6.69
CA LEU A 29 21.89 -3.51 6.18
C LEU A 29 21.54 -4.91 5.68
N GLY A 30 20.79 -5.66 6.50
CA GLY A 30 20.38 -6.99 6.11
C GLY A 30 19.20 -6.95 5.15
N VAL A 31 19.20 -5.95 4.27
CA VAL A 31 18.14 -5.77 3.30
C VAL A 31 17.87 -7.04 2.52
N ALA A 32 16.59 -7.27 2.22
CA ALA A 32 16.14 -8.44 1.48
C ALA A 32 14.62 -8.47 1.46
N ASP A 33 14.02 -8.16 2.60
CA ASP A 33 12.57 -8.13 2.74
C ASP A 33 12.13 -6.84 3.45
N LEU A 34 10.90 -6.40 3.20
CA LEU A 34 10.39 -5.18 3.84
C LEU A 34 9.11 -5.46 4.60
N ASP A 35 9.04 -4.94 5.82
CA ASP A 35 7.86 -5.11 6.66
C ASP A 35 6.68 -4.33 6.09
N CYS A 36 5.76 -5.06 5.48
CA CYS A 36 4.58 -4.45 4.87
C CYS A 36 3.34 -4.67 5.75
N ALA A 37 2.86 -3.59 6.36
CA ALA A 37 1.68 -3.67 7.22
C ALA A 37 0.49 -3.00 6.53
N ASN A 38 -0.63 -3.70 6.51
CA ASN A 38 -1.83 -3.17 5.85
C ASN A 38 -2.53 -2.13 6.72
N PRO A 39 -2.67 -0.89 6.21
CA PRO A 39 -3.33 0.19 6.93
C PRO A 39 -4.85 0.22 6.70
N PRO A 40 -5.65 -0.24 7.68
CA PRO A 40 -7.10 -0.27 7.55
C PRO A 40 -7.69 1.15 7.54
N ALA A 41 -8.16 1.58 6.37
CA ALA A 41 -8.74 2.90 6.20
C ALA A 41 -9.11 3.14 4.75
N THR A 42 -9.88 4.20 4.51
CA THR A 42 -10.30 4.54 3.16
C THR A 42 -9.32 5.52 2.50
N LEU A 43 -8.34 4.99 1.79
CA LEU A 43 -7.34 5.81 1.12
C LEU A 43 -8.02 6.82 0.19
N ALA A 44 -8.14 8.06 0.66
CA ALA A 44 -8.79 9.13 -0.11
C ALA A 44 -8.20 9.23 -1.51
N ASN A 45 -6.87 9.20 -1.60
CA ASN A 45 -6.19 9.29 -2.88
C ASN A 45 -4.75 8.81 -2.75
N ALA A 46 -3.94 9.09 -3.77
CA ALA A 46 -2.55 8.65 -3.76
C ALA A 46 -1.72 9.43 -2.75
N THR A 47 -1.74 10.75 -2.87
CA THR A 47 -0.98 11.61 -1.96
C THR A 47 -1.33 11.32 -0.50
N HIS A 48 -2.48 10.68 -0.28
CA HIS A 48 -2.93 10.37 1.06
C HIS A 48 -2.16 9.20 1.67
N PHE A 49 -2.17 8.05 1.00
CA PHE A 49 -1.46 6.90 1.53
C PHE A 49 0.03 7.01 1.22
N GLU A 50 0.36 7.88 0.26
CA GLU A 50 1.73 8.11 -0.10
C GLU A 50 2.44 8.80 1.06
N SER A 51 1.72 9.71 1.74
CA SER A 51 2.28 10.43 2.87
C SER A 51 2.14 9.62 4.16
N THR A 52 1.06 8.85 4.28
CA THR A 52 0.83 8.03 5.47
C THR A 52 2.01 7.08 5.71
N CYS A 53 2.63 6.65 4.62
CA CYS A 53 3.77 5.74 4.72
C CYS A 53 5.05 6.54 4.93
N ALA A 54 5.22 7.61 4.14
CA ALA A 54 6.40 8.47 4.24
C ALA A 54 6.50 9.14 5.61
N ALA A 55 5.40 9.11 6.37
CA ALA A 55 5.38 9.72 7.70
C ALA A 55 6.56 9.23 8.53
N ILE A 56 6.74 7.92 8.56
CA ILE A 56 7.85 7.32 9.30
C ILE A 56 9.08 7.17 8.43
N GLY A 57 8.92 7.47 7.14
CA GLY A 57 10.02 7.38 6.20
C GLY A 57 9.86 6.22 5.24
N GLN A 58 8.63 5.72 5.10
CA GLN A 58 8.36 4.59 4.20
C GLN A 58 7.73 5.07 2.90
N ARG A 59 7.16 4.13 2.14
CA ARG A 59 6.54 4.44 0.87
C ARG A 59 5.34 3.52 0.60
N ALA A 60 4.42 4.01 -0.22
CA ALA A 60 3.23 3.24 -0.58
C ALA A 60 3.60 2.09 -1.51
N ARG A 61 3.23 0.87 -1.12
CA ARG A 61 3.53 -0.32 -1.92
C ARG A 61 2.31 -1.22 -2.06
N CYS A 62 2.50 -2.36 -2.73
CA CYS A 62 1.44 -3.34 -2.93
C CYS A 62 2.05 -4.75 -2.97
N CYS A 63 1.71 -5.59 -1.99
CA CYS A 63 2.28 -6.94 -1.93
C CYS A 63 1.20 -8.01 -1.83
N LYS A 64 1.61 -9.26 -2.02
CA LYS A 64 0.67 -10.39 -1.94
C LYS A 64 0.77 -11.08 -0.57
N ASP A 65 -0.04 -12.13 -0.38
CA ASP A 65 -0.06 -12.90 0.88
C ASP A 65 -0.86 -12.17 1.94
N ASP A 66 -1.50 -11.07 1.55
CA ASP A 66 -2.31 -10.29 2.47
C ASP A 66 -3.75 -10.25 2.01
N VAL A 67 -4.12 -11.24 1.20
CA VAL A 67 -5.48 -11.34 0.66
C VAL A 67 -6.22 -12.55 1.25
N THR A 68 -5.48 -13.60 1.56
CA THR A 68 -6.07 -14.82 2.11
C THR A 68 -6.69 -14.57 3.48
N ASN A 69 -6.50 -13.37 4.01
CA ASN A 69 -7.03 -13.00 5.32
C ASN A 69 -6.93 -11.49 5.53
N THR A 70 -8.09 -10.86 5.71
CA THR A 70 -8.14 -9.42 5.93
C THR A 70 -7.42 -9.02 7.22
N GLY A 71 -7.06 -10.02 8.02
CA GLY A 71 -6.37 -9.75 9.27
C GLY A 71 -4.85 -9.84 9.14
N ASN A 72 -4.38 -10.06 7.92
CA ASN A 72 -2.95 -10.16 7.66
C ASN A 72 -2.28 -8.79 7.77
N SER A 73 -1.71 -8.51 8.94
CA SER A 73 -1.04 -7.24 9.17
C SER A 73 0.46 -7.35 8.88
N PHE A 74 1.18 -8.04 9.77
CA PHE A 74 2.63 -8.21 9.59
C PHE A 74 2.93 -9.45 8.75
N LEU A 75 3.77 -9.26 7.73
CA LEU A 75 4.15 -10.36 6.86
C LEU A 75 5.62 -10.25 6.46
N ILE A 76 6.24 -11.39 6.18
CA ILE A 76 7.63 -11.44 5.77
C ILE A 76 7.69 -11.76 4.28
N ILE A 77 7.94 -10.75 3.45
CA ILE A 77 7.96 -10.97 2.02
C ILE A 77 9.12 -10.26 1.34
N ASN A 78 9.51 -10.79 0.18
CA ASN A 78 10.60 -10.24 -0.60
C ASN A 78 10.21 -8.89 -1.20
N ALA A 79 11.20 -8.05 -1.47
CA ALA A 79 10.96 -6.73 -2.04
C ALA A 79 10.34 -6.85 -3.42
N ALA A 80 10.46 -8.03 -4.02
CA ALA A 80 9.90 -8.28 -5.35
C ALA A 80 8.39 -8.42 -5.29
N ASN A 81 7.89 -8.82 -4.12
CA ASN A 81 6.46 -9.01 -3.93
C ASN A 81 5.74 -7.66 -3.95
N CYS A 82 6.44 -6.62 -3.56
CA CYS A 82 5.84 -5.31 -3.52
C CYS A 82 6.33 -4.43 -4.67
N GLN A 83 5.53 -4.32 -5.72
CA GLN A 83 5.88 -3.50 -6.88
C GLN A 83 5.19 -2.15 -6.81
N THR A 84 5.98 -1.09 -6.99
CA THR A 84 5.47 0.28 -6.96
C THR A 84 4.25 0.45 -7.86
N PRO A 85 3.13 0.99 -7.32
CA PRO A 85 1.91 1.20 -8.10
C PRO A 85 2.11 2.21 -9.23
N ALA A 86 1.45 1.96 -10.36
CA ALA A 86 1.56 2.86 -11.51
C ALA A 86 0.81 4.17 -11.26
N GLY A 87 1.51 5.29 -11.43
CA GLY A 87 0.90 6.58 -11.22
C GLY A 87 1.20 7.17 -9.85
N LEU A 88 1.73 6.32 -8.96
CA LEU A 88 2.08 6.76 -7.61
C LEU A 88 3.07 7.92 -7.64
N SER A 1 -18.17 24.50 2.07
CA SER A 1 -19.32 23.56 2.16
C SER A 1 -18.96 22.23 1.50
N PRO A 2 -19.54 21.11 1.99
CA PRO A 2 -19.28 19.77 1.45
C PRO A 2 -20.01 19.53 0.13
N ALA A 3 -19.52 20.15 -0.94
CA ALA A 3 -20.12 19.97 -2.26
C ALA A 3 -19.92 18.53 -2.72
N ALA A 4 -19.15 17.78 -1.94
CA ALA A 4 -18.86 16.39 -2.24
C ALA A 4 -19.74 15.47 -1.42
N MET A 5 -20.91 15.96 -1.05
CA MET A 5 -21.86 15.20 -0.25
C MET A 5 -22.05 13.79 -0.79
N GLU A 6 -22.65 13.69 -1.97
CA GLU A 6 -22.90 12.40 -2.60
C GLU A 6 -21.90 12.12 -3.71
N ARG A 7 -20.93 13.02 -3.86
CA ARG A 7 -19.91 12.86 -4.90
C ARG A 7 -18.54 12.55 -4.29
N GLN A 8 -17.87 11.53 -4.84
CA GLN A 8 -16.56 11.13 -4.36
C GLN A 8 -15.72 10.59 -5.51
N VAL A 9 -14.42 10.88 -5.48
CA VAL A 9 -13.50 10.44 -6.52
C VAL A 9 -12.91 9.06 -6.19
N PRO A 10 -13.27 8.02 -6.95
CA PRO A 10 -12.76 6.66 -6.73
C PRO A 10 -11.26 6.55 -7.02
N TYR A 11 -10.56 5.77 -6.20
CA TYR A 11 -9.13 5.57 -6.36
C TYR A 11 -8.71 4.19 -5.87
N THR A 12 -8.33 3.33 -6.81
CA THR A 12 -7.90 1.98 -6.48
C THR A 12 -6.41 1.80 -6.75
N PRO A 13 -5.60 1.51 -5.71
CA PRO A 13 -4.18 1.30 -5.86
C PRO A 13 -3.84 -0.18 -5.97
N CYS A 14 -3.47 -0.60 -7.17
CA CYS A 14 -3.09 -1.98 -7.43
C CYS A 14 -4.32 -2.89 -7.44
N SER A 15 -4.30 -3.86 -8.36
CA SER A 15 -5.40 -4.81 -8.48
C SER A 15 -5.00 -5.97 -9.38
N GLY A 16 -5.43 -7.17 -9.01
CA GLY A 16 -5.11 -8.36 -9.79
C GLY A 16 -3.79 -9.00 -9.35
N LEU A 17 -2.72 -8.21 -9.36
CA LEU A 17 -1.41 -8.72 -8.97
C LEU A 17 -1.30 -8.83 -7.45
N TYR A 18 -1.62 -7.74 -6.76
CA TYR A 18 -1.56 -7.73 -5.29
C TYR A 18 -2.86 -7.19 -4.71
N GLY A 19 -3.37 -6.13 -5.33
CA GLY A 19 -4.63 -5.54 -4.91
C GLY A 19 -4.65 -5.08 -3.46
N THR A 20 -3.49 -5.01 -2.82
CA THR A 20 -3.45 -4.60 -1.42
C THR A 20 -2.42 -3.50 -1.18
N ALA A 21 -2.91 -2.31 -0.83
CA ALA A 21 -2.03 -1.17 -0.54
C ALA A 21 -1.52 -1.24 0.89
N GLN A 22 -0.29 -0.78 1.13
CA GLN A 22 0.30 -0.82 2.47
C GLN A 22 1.70 -0.21 2.47
N CYS A 23 2.25 -0.01 3.66
CA CYS A 23 3.58 0.57 3.80
C CYS A 23 4.61 -0.52 4.09
N CYS A 24 5.72 -0.49 3.35
CA CYS A 24 6.77 -1.49 3.54
C CYS A 24 8.03 -0.87 4.12
N ALA A 25 8.33 -1.21 5.38
CA ALA A 25 9.51 -0.69 6.05
C ALA A 25 10.75 -1.49 5.67
N THR A 26 11.56 -0.93 4.79
CA THR A 26 12.77 -1.60 4.34
C THR A 26 13.81 -1.67 5.45
N ASP A 27 14.77 -2.57 5.27
CA ASP A 27 15.84 -2.76 6.25
C ASP A 27 16.96 -1.76 6.00
N VAL A 28 18.03 -1.85 6.79
CA VAL A 28 19.16 -0.95 6.66
C VAL A 28 20.29 -1.58 5.84
N LEU A 29 21.09 -2.42 6.51
CA LEU A 29 22.20 -3.10 5.84
C LEU A 29 21.82 -4.52 5.47
N GLY A 30 21.12 -5.19 6.38
CA GLY A 30 20.69 -6.56 6.12
C GLY A 30 19.46 -6.60 5.25
N VAL A 31 19.39 -5.69 4.29
CA VAL A 31 18.25 -5.60 3.38
C VAL A 31 17.98 -6.93 2.69
N ALA A 32 16.72 -7.21 2.44
CA ALA A 32 16.28 -8.43 1.78
C ALA A 32 14.75 -8.47 1.69
N ASP A 33 14.11 -8.10 2.79
CA ASP A 33 12.66 -8.07 2.85
C ASP A 33 12.20 -6.80 3.56
N LEU A 34 10.95 -6.38 3.33
CA LEU A 34 10.43 -5.17 3.96
C LEU A 34 9.17 -5.49 4.75
N ASP A 35 9.13 -5.01 5.99
CA ASP A 35 7.97 -5.24 6.85
C ASP A 35 6.77 -4.45 6.33
N CYS A 36 5.90 -5.14 5.61
CA CYS A 36 4.72 -4.50 5.04
C CYS A 36 3.48 -4.69 5.92
N ALA A 37 2.97 -3.60 6.45
CA ALA A 37 1.78 -3.63 7.31
C ALA A 37 0.58 -3.00 6.60
N ASN A 38 -0.55 -3.67 6.64
CA ASN A 38 -1.76 -3.18 6.00
C ASN A 38 -2.44 -2.11 6.85
N PRO A 39 -2.55 -0.87 6.34
CA PRO A 39 -3.18 0.23 7.06
C PRO A 39 -4.70 0.28 6.83
N PRO A 40 -5.50 -0.12 7.84
CA PRO A 40 -6.95 -0.10 7.73
C PRO A 40 -7.52 1.32 7.77
N ALA A 41 -7.99 1.78 6.63
CA ALA A 41 -8.55 3.13 6.51
C ALA A 41 -9.05 3.40 5.10
N THR A 42 -9.71 4.53 4.92
CA THR A 42 -10.22 4.90 3.60
C THR A 42 -9.25 5.81 2.86
N LEU A 43 -8.35 5.20 2.10
CA LEU A 43 -7.35 5.94 1.33
C LEU A 43 -8.05 6.91 0.37
N ALA A 44 -8.15 8.17 0.79
CA ALA A 44 -8.80 9.19 -0.02
C ALA A 44 -8.19 9.26 -1.42
N ASN A 45 -6.87 9.19 -1.49
CA ASN A 45 -6.16 9.24 -2.76
C ASN A 45 -4.74 8.73 -2.62
N ALA A 46 -3.91 8.97 -3.62
CA ALA A 46 -2.52 8.53 -3.61
C ALA A 46 -1.69 9.32 -2.61
N THR A 47 -1.66 10.63 -2.75
CA THR A 47 -0.90 11.48 -1.85
C THR A 47 -1.25 11.23 -0.39
N HIS A 48 -2.42 10.61 -0.15
CA HIS A 48 -2.87 10.34 1.20
C HIS A 48 -2.12 9.16 1.81
N PHE A 49 -2.14 8.01 1.15
CA PHE A 49 -1.44 6.84 1.69
C PHE A 49 0.04 6.92 1.35
N GLU A 50 0.37 7.78 0.39
CA GLU A 50 1.76 8.00 0.01
C GLU A 50 2.49 8.69 1.15
N SER A 51 1.79 9.60 1.83
CA SER A 51 2.36 10.33 2.96
C SER A 51 2.27 9.51 4.25
N THR A 52 1.20 8.72 4.38
CA THR A 52 1.00 7.91 5.57
C THR A 52 2.18 6.95 5.76
N CYS A 53 2.79 6.54 4.66
CA CYS A 53 3.93 5.65 4.69
C CYS A 53 5.23 6.44 4.87
N ALA A 54 5.38 7.49 4.07
CA ALA A 54 6.57 8.33 4.14
C ALA A 54 6.71 8.99 5.51
N ALA A 55 5.63 8.97 6.29
CA ALA A 55 5.64 9.57 7.62
C ALA A 55 6.83 9.07 8.43
N ILE A 56 6.99 7.74 8.46
CA ILE A 56 8.10 7.13 9.19
C ILE A 56 9.33 7.02 8.30
N GLY A 57 9.14 7.34 7.02
CA GLY A 57 10.25 7.28 6.08
C GLY A 57 10.12 6.12 5.11
N GLN A 58 8.89 5.77 4.74
CA GLN A 58 8.66 4.66 3.82
C GLN A 58 7.88 5.13 2.59
N ARG A 59 7.25 4.18 1.89
CA ARG A 59 6.49 4.49 0.68
C ARG A 59 5.33 3.52 0.49
N ALA A 60 4.37 3.94 -0.31
CA ALA A 60 3.20 3.13 -0.63
C ALA A 60 3.57 1.98 -1.56
N ARG A 61 3.28 0.75 -1.13
CA ARG A 61 3.59 -0.43 -1.92
C ARG A 61 2.38 -1.35 -2.06
N CYS A 62 2.58 -2.49 -2.73
CA CYS A 62 1.52 -3.47 -2.92
C CYS A 62 2.14 -4.87 -3.01
N CYS A 63 1.81 -5.75 -2.06
CA CYS A 63 2.38 -7.11 -2.05
C CYS A 63 1.28 -8.17 -2.04
N LYS A 64 1.65 -9.41 -2.33
CA LYS A 64 0.68 -10.51 -2.34
C LYS A 64 0.64 -11.23 -0.99
N ASP A 65 -0.27 -12.19 -0.86
CA ASP A 65 -0.46 -12.98 0.36
C ASP A 65 -1.22 -12.19 1.42
N ASP A 66 -1.72 -11.03 1.04
CA ASP A 66 -2.48 -10.19 1.96
C ASP A 66 -3.90 -9.95 1.44
N VAL A 67 -4.40 -10.90 0.65
CA VAL A 67 -5.74 -10.81 0.10
C VAL A 67 -6.59 -12.02 0.50
N THR A 68 -6.02 -13.20 0.36
CA THR A 68 -6.73 -14.44 0.70
C THR A 68 -7.19 -14.45 2.16
N ASN A 69 -6.66 -13.52 2.95
CA ASN A 69 -7.01 -13.43 4.36
C ASN A 69 -6.85 -12.01 4.87
N THR A 70 -7.97 -11.35 5.16
CA THR A 70 -7.96 -9.98 5.66
C THR A 70 -7.17 -9.89 6.96
N GLY A 71 -7.13 -10.98 7.71
CA GLY A 71 -6.40 -11.00 8.97
C GLY A 71 -4.92 -10.80 8.78
N ASN A 72 -4.43 -11.11 7.59
CA ASN A 72 -3.01 -10.96 7.27
C ASN A 72 -2.66 -9.50 7.02
N SER A 73 -2.54 -8.72 8.08
CA SER A 73 -2.21 -7.30 7.96
C SER A 73 -0.72 -7.13 7.72
N PHE A 74 0.09 -7.60 8.66
CA PHE A 74 1.55 -7.49 8.55
C PHE A 74 2.16 -8.81 8.08
N LEU A 75 2.96 -8.76 7.02
CA LEU A 75 3.61 -9.96 6.50
C LEU A 75 5.08 -9.70 6.17
N ILE A 76 5.84 -10.77 6.10
CA ILE A 76 7.27 -10.70 5.78
C ILE A 76 7.50 -11.26 4.38
N ILE A 77 7.64 -10.37 3.41
CA ILE A 77 7.83 -10.80 2.03
C ILE A 77 9.03 -10.12 1.36
N ASN A 78 9.42 -10.67 0.22
CA ASN A 78 10.55 -10.15 -0.54
C ASN A 78 10.22 -8.80 -1.17
N ALA A 79 11.26 -8.02 -1.45
CA ALA A 79 11.09 -6.71 -2.05
C ALA A 79 10.56 -6.82 -3.48
N ALA A 80 10.59 -8.04 -4.02
CA ALA A 80 10.10 -8.27 -5.37
C ALA A 80 8.59 -8.42 -5.39
N ASN A 81 8.02 -8.81 -4.25
CA ASN A 81 6.58 -8.98 -4.16
C ASN A 81 5.87 -7.64 -4.10
N CYS A 82 6.53 -6.64 -3.54
CA CYS A 82 5.91 -5.34 -3.41
C CYS A 82 6.40 -4.39 -4.51
N GLN A 83 5.60 -4.24 -5.55
CA GLN A 83 5.94 -3.35 -6.66
C GLN A 83 5.14 -2.05 -6.58
N THR A 84 5.83 -0.95 -6.84
CA THR A 84 5.22 0.37 -6.81
C THR A 84 3.95 0.42 -7.68
N PRO A 85 2.83 0.94 -7.13
CA PRO A 85 1.57 1.03 -7.88
C PRO A 85 1.70 1.84 -9.16
N ALA A 86 0.99 1.42 -10.20
CA ALA A 86 1.01 2.11 -11.48
C ALA A 86 0.32 3.47 -11.39
N GLY A 87 0.99 4.51 -11.87
CA GLY A 87 0.42 5.84 -11.81
C GLY A 87 0.87 6.62 -10.59
N LEU A 88 1.37 5.90 -9.59
CA LEU A 88 1.83 6.52 -8.36
C LEU A 88 3.31 6.87 -8.45
N SER A 1 -4.56 19.87 3.36
CA SER A 1 -5.95 20.28 3.70
C SER A 1 -6.96 19.23 3.24
N PRO A 2 -8.06 19.06 4.01
CA PRO A 2 -9.10 18.08 3.68
C PRO A 2 -10.07 18.57 2.61
N ALA A 3 -9.57 18.73 1.39
CA ALA A 3 -10.40 19.17 0.28
C ALA A 3 -11.45 18.12 -0.04
N ALA A 4 -11.31 16.97 0.62
CA ALA A 4 -12.23 15.86 0.45
C ALA A 4 -13.24 15.80 1.59
N MET A 5 -13.50 16.96 2.20
CA MET A 5 -14.43 17.05 3.32
C MET A 5 -15.76 16.35 3.00
N GLU A 6 -16.48 16.89 2.02
CA GLU A 6 -17.77 16.34 1.61
C GLU A 6 -17.67 15.67 0.24
N ARG A 7 -16.50 15.74 -0.36
CA ARG A 7 -16.28 15.15 -1.68
C ARG A 7 -15.37 13.94 -1.60
N GLN A 8 -15.71 12.88 -2.32
CA GLN A 8 -14.92 11.66 -2.34
C GLN A 8 -14.77 11.13 -3.76
N VAL A 9 -13.54 11.14 -4.26
CA VAL A 9 -13.25 10.65 -5.60
C VAL A 9 -12.74 9.22 -5.57
N PRO A 10 -13.30 8.32 -6.41
CA PRO A 10 -12.88 6.91 -6.46
C PRO A 10 -11.41 6.77 -6.82
N TYR A 11 -10.64 6.14 -5.92
CA TYR A 11 -9.22 5.94 -6.14
C TYR A 11 -8.76 4.58 -5.65
N THR A 12 -8.31 3.75 -6.58
CA THR A 12 -7.82 2.41 -6.25
C THR A 12 -6.33 2.28 -6.55
N PRO A 13 -5.50 1.98 -5.54
CA PRO A 13 -4.08 1.83 -5.73
C PRO A 13 -3.67 0.37 -5.92
N CYS A 14 -3.32 0.04 -7.15
CA CYS A 14 -2.90 -1.31 -7.52
C CYS A 14 -4.05 -2.30 -7.42
N SER A 15 -4.02 -3.31 -8.29
CA SER A 15 -5.07 -4.32 -8.35
C SER A 15 -4.66 -5.48 -9.25
N GLY A 16 -5.33 -6.63 -9.07
CA GLY A 16 -5.04 -7.79 -9.87
C GLY A 16 -3.82 -8.57 -9.38
N LEU A 17 -2.66 -7.94 -9.44
CA LEU A 17 -1.42 -8.58 -9.01
C LEU A 17 -1.33 -8.66 -7.48
N TYR A 18 -1.61 -7.53 -6.82
CA TYR A 18 -1.55 -7.49 -5.36
C TYR A 18 -2.87 -6.98 -4.78
N GLY A 19 -3.42 -5.96 -5.42
CA GLY A 19 -4.68 -5.39 -5.01
C GLY A 19 -4.73 -4.85 -3.59
N THR A 20 -3.61 -4.90 -2.87
CA THR A 20 -3.60 -4.41 -1.49
C THR A 20 -2.44 -3.45 -1.21
N ALA A 21 -2.74 -2.15 -1.26
CA ALA A 21 -1.73 -1.13 -0.97
C ALA A 21 -1.37 -1.13 0.52
N GLN A 22 -0.11 -0.82 0.85
CA GLN A 22 0.33 -0.80 2.24
C GLN A 22 1.72 -0.15 2.37
N CYS A 23 2.21 -0.03 3.59
CA CYS A 23 3.51 0.58 3.83
C CYS A 23 4.58 -0.49 4.08
N CYS A 24 5.60 -0.53 3.23
CA CYS A 24 6.67 -1.51 3.37
C CYS A 24 7.95 -0.85 3.89
N ALA A 25 8.32 -1.17 5.13
CA ALA A 25 9.52 -0.61 5.74
C ALA A 25 10.74 -1.44 5.39
N THR A 26 11.66 -0.85 4.62
CA THR A 26 12.86 -1.55 4.21
C THR A 26 13.87 -1.66 5.36
N ASP A 27 14.79 -2.60 5.23
CA ASP A 27 15.82 -2.82 6.23
C ASP A 27 16.95 -1.80 6.10
N VAL A 28 17.89 -1.83 7.04
CA VAL A 28 19.03 -0.92 7.01
C VAL A 28 20.16 -1.48 6.17
N LEU A 29 20.83 -2.52 6.67
CA LEU A 29 21.93 -3.15 5.95
C LEU A 29 21.54 -4.56 5.50
N GLY A 30 20.61 -5.17 6.23
CA GLY A 30 20.15 -6.49 5.89
C GLY A 30 19.07 -6.44 4.82
N VAL A 31 19.19 -5.47 3.92
CA VAL A 31 18.22 -5.28 2.85
C VAL A 31 17.94 -6.59 2.11
N ALA A 32 16.66 -6.93 2.05
CA ALA A 32 16.22 -8.15 1.39
C ALA A 32 14.69 -8.24 1.42
N ASP A 33 14.12 -7.92 2.57
CA ASP A 33 12.67 -7.95 2.76
C ASP A 33 12.21 -6.68 3.47
N LEU A 34 10.95 -6.30 3.28
CA LEU A 34 10.42 -5.09 3.92
C LEU A 34 9.16 -5.42 4.70
N ASP A 35 9.09 -4.94 5.94
CA ASP A 35 7.92 -5.19 6.78
C ASP A 35 6.71 -4.42 6.25
N CYS A 36 5.85 -5.13 5.53
CA CYS A 36 4.66 -4.51 4.95
C CYS A 36 3.44 -4.71 5.84
N ALA A 37 2.91 -3.60 6.37
CA ALA A 37 1.74 -3.65 7.23
C ALA A 37 0.55 -3.00 6.54
N ASN A 38 -0.58 -3.70 6.52
CA ASN A 38 -1.79 -3.21 5.88
C ASN A 38 -2.45 -2.10 6.72
N PRO A 39 -2.50 -0.86 6.20
CA PRO A 39 -3.12 0.26 6.90
C PRO A 39 -4.63 0.31 6.70
N PRO A 40 -5.41 -0.01 7.75
CA PRO A 40 -6.87 0.01 7.66
C PRO A 40 -7.43 1.43 7.71
N ALA A 41 -7.93 1.91 6.57
CA ALA A 41 -8.50 3.24 6.46
C ALA A 41 -8.96 3.52 5.04
N THR A 42 -9.63 4.65 4.86
CA THR A 42 -10.12 5.03 3.53
C THR A 42 -9.14 5.96 2.82
N LEU A 43 -8.25 5.37 2.03
CA LEU A 43 -7.25 6.14 1.31
C LEU A 43 -7.93 7.19 0.43
N ALA A 44 -7.97 8.42 0.92
CA ALA A 44 -8.61 9.53 0.20
C ALA A 44 -8.06 9.65 -1.21
N ASN A 45 -6.75 9.48 -1.36
CA ASN A 45 -6.10 9.57 -2.65
C ASN A 45 -4.66 9.03 -2.57
N ALA A 46 -3.87 9.30 -3.61
CA ALA A 46 -2.51 8.83 -3.65
C ALA A 46 -1.64 9.55 -2.63
N THR A 47 -1.61 10.87 -2.71
CA THR A 47 -0.82 11.68 -1.79
C THR A 47 -1.15 11.37 -0.33
N HIS A 48 -2.30 10.73 -0.11
CA HIS A 48 -2.73 10.40 1.25
C HIS A 48 -1.98 9.20 1.80
N PHE A 49 -2.00 8.07 1.09
CA PHE A 49 -1.30 6.89 1.58
C PHE A 49 0.18 6.98 1.23
N GLU A 50 0.50 7.85 0.29
CA GLU A 50 1.90 8.09 -0.09
C GLU A 50 2.61 8.74 1.09
N SER A 51 1.89 9.63 1.78
CA SER A 51 2.43 10.34 2.93
C SER A 51 2.29 9.52 4.20
N THR A 52 1.21 8.74 4.29
CA THR A 52 0.95 7.90 5.46
C THR A 52 2.12 6.96 5.69
N CYS A 53 2.74 6.53 4.61
CA CYS A 53 3.89 5.62 4.68
C CYS A 53 5.19 6.42 4.84
N ALA A 54 5.36 7.42 3.98
CA ALA A 54 6.55 8.27 4.00
C ALA A 54 6.71 8.98 5.34
N ALA A 55 5.64 9.03 6.12
CA ALA A 55 5.66 9.68 7.43
C ALA A 55 6.79 9.15 8.29
N ILE A 56 6.92 7.82 8.32
CA ILE A 56 7.97 7.17 9.11
C ILE A 56 9.18 6.88 8.25
N GLY A 57 9.11 7.28 6.98
CA GLY A 57 10.20 7.06 6.05
C GLY A 57 9.95 5.87 5.17
N GLN A 58 8.68 5.54 4.98
CA GLN A 58 8.29 4.40 4.15
C GLN A 58 7.71 4.86 2.81
N ARG A 59 7.08 3.93 2.11
CA ARG A 59 6.46 4.23 0.81
C ARG A 59 5.32 3.26 0.52
N ALA A 60 4.37 3.73 -0.29
CA ALA A 60 3.21 2.93 -0.67
C ALA A 60 3.63 1.78 -1.61
N ARG A 61 3.25 0.56 -1.23
CA ARG A 61 3.57 -0.62 -2.02
C ARG A 61 2.36 -1.53 -2.13
N CYS A 62 2.53 -2.67 -2.78
CA CYS A 62 1.46 -3.65 -2.95
C CYS A 62 2.04 -5.06 -3.03
N CYS A 63 1.68 -5.93 -2.09
CA CYS A 63 2.20 -7.30 -2.06
C CYS A 63 1.09 -8.34 -2.18
N LYS A 64 1.48 -9.59 -2.41
CA LYS A 64 0.52 -10.68 -2.55
C LYS A 64 0.43 -11.49 -1.26
N ASP A 65 -0.46 -12.49 -1.25
CA ASP A 65 -0.66 -13.37 -0.10
C ASP A 65 -1.34 -12.63 1.05
N ASP A 66 -1.78 -11.40 0.78
CA ASP A 66 -2.45 -10.60 1.79
C ASP A 66 -3.86 -10.23 1.33
N VAL A 67 -4.41 -11.04 0.43
CA VAL A 67 -5.75 -10.81 -0.11
C VAL A 67 -6.69 -11.98 0.19
N THR A 68 -6.16 -13.20 0.15
CA THR A 68 -6.96 -14.39 0.42
C THR A 68 -7.56 -14.35 1.83
N ASN A 69 -7.07 -13.43 2.66
CA ASN A 69 -7.56 -13.31 4.02
C ASN A 69 -7.18 -11.95 4.60
N THR A 70 -8.18 -11.12 4.86
CA THR A 70 -7.96 -9.78 5.41
C THR A 70 -7.28 -9.85 6.77
N GLY A 71 -7.35 -11.01 7.42
CA GLY A 71 -6.72 -11.17 8.71
C GLY A 71 -5.22 -11.09 8.65
N ASN A 72 -4.68 -11.17 7.43
CA ASN A 72 -3.24 -11.10 7.23
C ASN A 72 -2.77 -9.65 7.19
N SER A 73 -2.61 -9.06 8.37
CA SER A 73 -2.17 -7.68 8.48
C SER A 73 -0.66 -7.57 8.29
N PHE A 74 0.10 -8.25 9.14
CA PHE A 74 1.56 -8.22 9.06
C PHE A 74 2.11 -9.43 8.31
N LEU A 75 2.97 -9.17 7.32
CA LEU A 75 3.58 -10.23 6.54
C LEU A 75 5.03 -9.90 6.19
N ILE A 76 5.87 -10.92 6.18
CA ILE A 76 7.29 -10.75 5.85
C ILE A 76 7.54 -11.30 4.45
N ILE A 77 7.73 -10.40 3.50
CA ILE A 77 7.95 -10.81 2.11
C ILE A 77 9.11 -10.09 1.45
N ASN A 78 9.50 -10.60 0.28
CA ASN A 78 10.59 -10.03 -0.49
C ASN A 78 10.23 -8.64 -1.02
N ALA A 79 11.25 -7.88 -1.41
CA ALA A 79 11.04 -6.55 -1.94
C ALA A 79 10.35 -6.61 -3.30
N ALA A 80 10.64 -7.68 -4.05
CA ALA A 80 10.05 -7.87 -5.37
C ALA A 80 8.58 -8.26 -5.24
N ASN A 81 8.25 -8.94 -4.14
CA ASN A 81 6.88 -9.38 -3.90
C ASN A 81 5.96 -8.17 -3.74
N CYS A 82 6.57 -7.00 -3.66
CA CYS A 82 5.82 -5.76 -3.51
C CYS A 82 6.26 -4.74 -4.56
N GLN A 83 5.48 -4.61 -5.63
CA GLN A 83 5.82 -3.68 -6.71
C GLN A 83 5.00 -2.39 -6.61
N THR A 84 5.70 -1.26 -6.73
CA THR A 84 5.07 0.05 -6.67
C THR A 84 3.87 0.14 -7.61
N PRO A 85 2.73 0.69 -7.15
CA PRO A 85 1.52 0.82 -7.98
C PRO A 85 1.73 1.77 -9.15
N ALA A 86 1.13 1.45 -10.30
CA ALA A 86 1.25 2.28 -11.49
C ALA A 86 0.46 3.56 -11.34
N GLY A 87 1.13 4.70 -11.52
CA GLY A 87 0.47 5.98 -11.40
C GLY A 87 0.80 6.70 -10.10
N LEU A 88 1.38 5.96 -9.15
CA LEU A 88 1.75 6.52 -7.86
C LEU A 88 2.67 7.73 -8.03
N SER A 1 -20.18 12.97 -22.58
CA SER A 1 -21.02 12.26 -21.59
C SER A 1 -20.33 12.21 -20.22
N PRO A 2 -20.27 13.35 -19.51
CA PRO A 2 -19.64 13.43 -18.19
C PRO A 2 -20.48 12.76 -17.11
N ALA A 3 -20.48 11.43 -17.10
CA ALA A 3 -21.22 10.68 -16.09
C ALA A 3 -20.62 10.93 -14.72
N ALA A 4 -19.44 11.56 -14.73
CA ALA A 4 -18.73 11.88 -13.50
C ALA A 4 -19.11 13.28 -13.02
N MET A 5 -20.21 13.79 -13.56
CA MET A 5 -20.70 15.12 -13.21
C MET A 5 -20.81 15.29 -11.69
N GLU A 6 -21.72 14.52 -11.08
CA GLU A 6 -21.93 14.59 -9.64
C GLU A 6 -21.40 13.33 -8.96
N ARG A 7 -20.76 12.46 -9.73
CA ARG A 7 -20.20 11.22 -9.20
C ARG A 7 -18.68 11.27 -9.18
N GLN A 8 -18.08 10.67 -8.16
CA GLN A 8 -16.63 10.64 -8.02
C GLN A 8 -16.10 9.22 -8.14
N VAL A 9 -15.14 9.03 -9.04
CA VAL A 9 -14.55 7.72 -9.26
C VAL A 9 -13.64 7.32 -8.09
N PRO A 10 -13.81 6.10 -7.55
CA PRO A 10 -13.00 5.61 -6.43
C PRO A 10 -11.54 5.43 -6.81
N TYR A 11 -10.67 5.53 -5.82
CA TYR A 11 -9.23 5.37 -6.05
C TYR A 11 -8.72 4.05 -5.46
N THR A 12 -8.43 3.11 -6.34
CA THR A 12 -7.92 1.80 -5.93
C THR A 12 -6.45 1.64 -6.28
N PRO A 13 -5.56 1.53 -5.28
CA PRO A 13 -4.15 1.35 -5.51
C PRO A 13 -3.81 -0.12 -5.74
N CYS A 14 -3.53 -0.46 -6.98
CA CYS A 14 -3.16 -1.81 -7.38
C CYS A 14 -4.37 -2.74 -7.36
N SER A 15 -4.37 -3.72 -8.26
CA SER A 15 -5.46 -4.68 -8.35
C SER A 15 -5.05 -5.89 -9.19
N GLY A 16 -5.52 -7.07 -8.78
CA GLY A 16 -5.19 -8.28 -9.52
C GLY A 16 -3.86 -8.87 -9.08
N LEU A 17 -2.81 -8.06 -9.16
CA LEU A 17 -1.47 -8.50 -8.77
C LEU A 17 -1.34 -8.57 -7.26
N TYR A 18 -1.73 -7.49 -6.58
CA TYR A 18 -1.65 -7.43 -5.13
C TYR A 18 -2.98 -6.94 -4.55
N GLY A 19 -3.54 -5.93 -5.19
CA GLY A 19 -4.82 -5.39 -4.79
C GLY A 19 -4.84 -4.87 -3.36
N THR A 20 -3.70 -4.83 -2.70
CA THR A 20 -3.65 -4.35 -1.31
C THR A 20 -2.56 -3.31 -1.10
N ALA A 21 -2.97 -2.06 -0.85
CA ALA A 21 -2.04 -0.98 -0.59
C ALA A 21 -1.50 -1.07 0.83
N GLN A 22 -0.24 -0.67 1.04
CA GLN A 22 0.36 -0.73 2.38
C GLN A 22 1.76 -0.13 2.39
N CYS A 23 2.30 0.07 3.59
CA CYS A 23 3.64 0.65 3.74
C CYS A 23 4.66 -0.44 4.03
N CYS A 24 5.72 -0.49 3.22
CA CYS A 24 6.77 -1.49 3.38
C CYS A 24 8.05 -0.85 3.93
N ALA A 25 8.38 -1.20 5.17
CA ALA A 25 9.58 -0.67 5.81
C ALA A 25 10.79 -1.54 5.51
N THR A 26 11.73 -0.99 4.74
CA THR A 26 12.93 -1.72 4.37
C THR A 26 13.85 -1.91 5.57
N ASP A 27 14.77 -2.87 5.45
CA ASP A 27 15.71 -3.16 6.52
C ASP A 27 16.76 -2.04 6.63
N VAL A 28 17.79 -2.26 7.45
CA VAL A 28 18.84 -1.27 7.63
C VAL A 28 20.11 -1.65 6.88
N LEU A 29 20.59 -2.87 7.09
CA LEU A 29 21.80 -3.36 6.43
C LEU A 29 21.54 -4.70 5.79
N GLY A 30 20.89 -5.59 6.53
CA GLY A 30 20.57 -6.90 6.01
C GLY A 30 19.36 -6.86 5.10
N VAL A 31 19.25 -5.78 4.34
CA VAL A 31 18.14 -5.57 3.43
C VAL A 31 17.89 -6.80 2.56
N ALA A 32 16.61 -7.05 2.29
CA ALA A 32 16.17 -8.18 1.49
C ALA A 32 14.65 -8.26 1.49
N ASP A 33 14.06 -8.03 2.67
CA ASP A 33 12.62 -8.06 2.84
C ASP A 33 12.16 -6.78 3.54
N LEU A 34 10.91 -6.37 3.29
CA LEU A 34 10.38 -5.15 3.92
C LEU A 34 9.10 -5.45 4.68
N ASP A 35 9.02 -4.95 5.90
CA ASP A 35 7.84 -5.15 6.74
C ASP A 35 6.65 -4.37 6.19
N CYS A 36 5.75 -5.07 5.51
CA CYS A 36 4.58 -4.44 4.92
C CYS A 36 3.33 -4.66 5.77
N ALA A 37 2.82 -3.58 6.36
CA ALA A 37 1.63 -3.67 7.20
C ALA A 37 0.41 -3.09 6.47
N ASN A 38 -0.70 -3.82 6.49
CA ASN A 38 -1.93 -3.38 5.83
C ASN A 38 -2.64 -2.30 6.64
N PRO A 39 -2.72 -1.06 6.10
CA PRO A 39 -3.39 0.05 6.77
C PRO A 39 -4.90 0.09 6.50
N PRO A 40 -5.74 -0.24 7.50
CA PRO A 40 -7.19 -0.23 7.33
C PRO A 40 -7.77 1.17 7.38
N ALA A 41 -8.22 1.66 6.23
CA ALA A 41 -8.79 3.00 6.12
C ALA A 41 -9.19 3.30 4.68
N THR A 42 -9.93 4.39 4.50
CA THR A 42 -10.37 4.81 3.17
C THR A 42 -9.38 5.78 2.53
N LEU A 43 -8.41 5.24 1.80
CA LEU A 43 -7.40 6.06 1.13
C LEU A 43 -8.07 7.08 0.20
N ALA A 44 -8.12 8.34 0.64
CA ALA A 44 -8.73 9.41 -0.14
C ALA A 44 -8.14 9.50 -1.55
N ASN A 45 -6.81 9.42 -1.62
CA ASN A 45 -6.11 9.50 -2.90
C ASN A 45 -4.69 8.97 -2.76
N ALA A 46 -3.87 9.22 -3.78
CA ALA A 46 -2.49 8.75 -3.77
C ALA A 46 -1.63 9.50 -2.77
N THR A 47 -1.60 10.82 -2.90
CA THR A 47 -0.81 11.66 -1.99
C THR A 47 -1.17 11.39 -0.53
N HIS A 48 -2.34 10.78 -0.31
CA HIS A 48 -2.80 10.50 1.04
C HIS A 48 -2.05 9.32 1.66
N PHE A 49 -2.08 8.16 0.99
CA PHE A 49 -1.39 7.00 1.53
C PHE A 49 0.09 7.07 1.20
N GLU A 50 0.43 7.92 0.23
CA GLU A 50 1.83 8.13 -0.13
C GLU A 50 2.55 8.82 1.02
N SER A 51 1.86 9.72 1.70
CA SER A 51 2.43 10.45 2.83
C SER A 51 2.31 9.64 4.12
N THR A 52 1.23 8.88 4.25
CA THR A 52 1.01 8.06 5.45
C THR A 52 2.17 7.11 5.67
N CYS A 53 2.79 6.67 4.57
CA CYS A 53 3.93 5.77 4.64
C CYS A 53 5.22 6.56 4.82
N ALA A 54 5.37 7.63 4.04
CA ALA A 54 6.54 8.49 4.11
C ALA A 54 6.72 9.11 5.49
N ALA A 55 5.65 9.07 6.30
CA ALA A 55 5.69 9.62 7.64
C ALA A 55 6.87 9.05 8.44
N ILE A 56 7.00 7.73 8.41
CA ILE A 56 8.08 7.05 9.12
C ILE A 56 9.27 6.84 8.21
N GLY A 57 9.20 7.41 7.00
CA GLY A 57 10.29 7.28 6.05
C GLY A 57 10.09 6.11 5.11
N GLN A 58 8.83 5.72 4.88
CA GLN A 58 8.51 4.60 4.01
C GLN A 58 7.84 5.10 2.72
N ARG A 59 7.23 4.18 1.99
CA ARG A 59 6.55 4.50 0.74
C ARG A 59 5.37 3.58 0.50
N ALA A 60 4.44 4.04 -0.34
CA ALA A 60 3.26 3.26 -0.67
C ALA A 60 3.62 2.10 -1.59
N ARG A 61 3.29 0.88 -1.16
CA ARG A 61 3.58 -0.32 -1.93
C ARG A 61 2.35 -1.20 -2.08
N CYS A 62 2.53 -2.35 -2.73
CA CYS A 62 1.46 -3.32 -2.92
C CYS A 62 2.04 -4.73 -2.96
N CYS A 63 1.67 -5.58 -2.00
CA CYS A 63 2.21 -6.94 -1.95
C CYS A 63 1.10 -7.98 -1.95
N LYS A 64 1.49 -9.23 -2.16
CA LYS A 64 0.53 -10.33 -2.18
C LYS A 64 0.47 -11.04 -0.83
N ASP A 65 -0.51 -11.93 -0.68
CA ASP A 65 -0.70 -12.69 0.56
C ASP A 65 -1.30 -11.83 1.66
N ASP A 66 -1.24 -10.51 1.49
CA ASP A 66 -1.79 -9.58 2.46
C ASP A 66 -3.14 -9.04 1.99
N VAL A 67 -3.77 -9.81 1.10
CA VAL A 67 -5.07 -9.43 0.55
C VAL A 67 -6.16 -10.35 1.10
N THR A 68 -5.86 -11.64 1.15
CA THR A 68 -6.80 -12.63 1.67
C THR A 68 -6.88 -12.53 3.19
N ASN A 69 -7.78 -13.32 3.80
CA ASN A 69 -7.98 -13.34 5.26
C ASN A 69 -7.41 -12.10 5.94
N THR A 70 -8.30 -11.15 6.24
CA THR A 70 -7.91 -9.90 6.88
C THR A 70 -7.03 -10.12 8.12
N GLY A 71 -7.04 -11.34 8.64
CA GLY A 71 -6.23 -11.66 9.81
C GLY A 71 -4.75 -11.66 9.50
N ASN A 72 -4.40 -11.32 8.27
CA ASN A 72 -3.00 -11.28 7.84
C ASN A 72 -2.50 -9.85 7.72
N SER A 73 -2.01 -9.31 8.84
CA SER A 73 -1.50 -7.94 8.86
C SER A 73 0.01 -7.92 8.61
N PHE A 74 0.76 -8.44 9.57
CA PHE A 74 2.23 -8.47 9.46
C PHE A 74 2.70 -9.71 8.69
N LEU A 75 3.53 -9.49 7.66
CA LEU A 75 4.05 -10.58 6.86
C LEU A 75 5.52 -10.37 6.54
N ILE A 76 6.19 -11.46 6.19
CA ILE A 76 7.60 -11.43 5.83
C ILE A 76 7.73 -11.73 4.35
N ILE A 77 7.93 -10.70 3.54
CA ILE A 77 8.01 -10.90 2.10
C ILE A 77 9.16 -10.16 1.44
N ASN A 78 9.53 -10.65 0.27
CA ASN A 78 10.62 -10.08 -0.52
C ASN A 78 10.27 -8.68 -1.01
N ALA A 79 11.29 -7.93 -1.41
CA ALA A 79 11.09 -6.58 -1.91
C ALA A 79 10.41 -6.61 -3.27
N ALA A 80 10.68 -7.67 -4.04
CA ALA A 80 10.09 -7.84 -5.35
C ALA A 80 8.62 -8.22 -5.23
N ASN A 81 8.25 -8.76 -4.07
CA ASN A 81 6.87 -9.17 -3.82
C ASN A 81 5.99 -7.95 -3.62
N CYS A 82 6.57 -6.78 -3.79
CA CYS A 82 5.85 -5.52 -3.64
C CYS A 82 6.24 -4.54 -4.73
N GLN A 83 5.40 -4.41 -5.75
CA GLN A 83 5.67 -3.50 -6.86
C GLN A 83 4.90 -2.20 -6.71
N THR A 84 5.61 -1.09 -6.86
CA THR A 84 5.02 0.24 -6.76
C THR A 84 3.84 0.40 -7.72
N PRO A 85 2.72 0.99 -7.26
CA PRO A 85 1.54 1.20 -8.10
C PRO A 85 1.84 2.10 -9.30
N ALA A 86 1.21 1.80 -10.44
CA ALA A 86 1.42 2.59 -11.65
C ALA A 86 0.71 3.94 -11.56
N GLY A 87 1.48 5.01 -11.71
CA GLY A 87 0.91 6.35 -11.63
C GLY A 87 1.18 7.01 -10.30
N LEU A 88 1.65 6.24 -9.33
CA LEU A 88 1.94 6.76 -8.00
C LEU A 88 2.92 7.92 -8.08
#